data_1IMO
# 
_entry.id   1IMO 
# 
_audit_conform.dict_name       mmcif_pdbx.dic 
_audit_conform.dict_version    5.392 
_audit_conform.dict_location   http://mmcif.pdb.org/dictionaries/ascii/mmcif_pdbx.dic 
# 
loop_
_database_2.database_id 
_database_2.database_code 
_database_2.pdbx_database_accession 
_database_2.pdbx_DOI 
PDB   1IMO         pdb_00001imo 10.2210/pdb1imo/pdb 
RCSB  RCSB013413   ?            ?                   
WWPDB D_1000013413 ?            ?                   
# 
loop_
_pdbx_audit_revision_history.ordinal 
_pdbx_audit_revision_history.data_content_type 
_pdbx_audit_revision_history.major_revision 
_pdbx_audit_revision_history.minor_revision 
_pdbx_audit_revision_history.revision_date 
1 'Structure model' 1 0 2001-05-25 
2 'Structure model' 1 1 2008-04-27 
3 'Structure model' 1 2 2011-07-13 
4 'Structure model' 1 3 2022-02-23 
5 'Structure model' 1 4 2024-05-22 
# 
_pdbx_audit_revision_details.ordinal             1 
_pdbx_audit_revision_details.revision_ordinal    1 
_pdbx_audit_revision_details.data_content_type   'Structure model' 
_pdbx_audit_revision_details.provider            repository 
_pdbx_audit_revision_details.type                'Initial release' 
_pdbx_audit_revision_details.description         ? 
_pdbx_audit_revision_details.details             ? 
# 
loop_
_pdbx_audit_revision_group.ordinal 
_pdbx_audit_revision_group.revision_ordinal 
_pdbx_audit_revision_group.data_content_type 
_pdbx_audit_revision_group.group 
1 2 'Structure model' 'Version format compliance' 
2 3 'Structure model' 'Version format compliance' 
3 4 'Structure model' 'Data collection'           
4 4 'Structure model' 'Database references'       
5 4 'Structure model' 'Derived calculations'      
6 5 'Structure model' 'Data collection'           
# 
loop_
_pdbx_audit_revision_category.ordinal 
_pdbx_audit_revision_category.revision_ordinal 
_pdbx_audit_revision_category.data_content_type 
_pdbx_audit_revision_category.category 
1 4 'Structure model' database_2            
2 4 'Structure model' pdbx_nmr_software     
3 4 'Structure model' pdbx_struct_assembly  
4 4 'Structure model' pdbx_struct_oper_list 
5 4 'Structure model' struct_ref_seq_dif    
6 5 'Structure model' chem_comp_atom        
7 5 'Structure model' chem_comp_bond        
# 
loop_
_pdbx_audit_revision_item.ordinal 
_pdbx_audit_revision_item.revision_ordinal 
_pdbx_audit_revision_item.data_content_type 
_pdbx_audit_revision_item.item 
1 4 'Structure model' '_database_2.pdbx_DOI'                
2 4 'Structure model' '_database_2.pdbx_database_accession' 
3 4 'Structure model' '_pdbx_nmr_software.name'             
4 4 'Structure model' '_struct_ref_seq_dif.details'         
# 
_pdbx_database_status.status_code                     REL 
_pdbx_database_status.entry_id                        1IMO 
_pdbx_database_status.recvd_initial_deposition_date   2001-05-11 
_pdbx_database_status.deposit_site                    RCSB 
_pdbx_database_status.process_site                    RCSB 
_pdbx_database_status.status_code_mr                  REL 
_pdbx_database_status.SG_entry                        . 
_pdbx_database_status.pdb_format_compatible           Y 
_pdbx_database_status.status_code_sf                  ? 
_pdbx_database_status.status_code_cs                  ? 
_pdbx_database_status.status_code_nmr_data            ? 
_pdbx_database_status.methods_development_category    ? 
# 
loop_
_audit_author.name 
_audit_author.pdbx_ordinal 
'Krishnan, V.V.' 1 
'Thornton, K.H.' 2 
'Thelen, M.P.'   3 
'Cosman, M.'     4 
# 
loop_
_citation.id 
_citation.title 
_citation.journal_abbrev 
_citation.journal_volume 
_citation.page_first 
_citation.page_last 
_citation.year 
_citation.journal_id_ASTM 
_citation.country 
_citation.journal_id_ISSN 
_citation.journal_id_CSD 
_citation.book_publisher 
_citation.pdbx_database_id_PubMed 
_citation.pdbx_database_id_DOI 
primary 'Solution structure and backbone dynamics of the human DNA ligase IIIalpha BRCT domain'                       Biochemistry 
40 13158 13166 2001 BICHAW US 0006-2960 0033 ? 11683624 10.1021/bi010979g      
1       'Expression, purification, and biophysical characterization of the BRCT domain of human DNA ligase III alpha' 
'Protein Expr.Purif.' 21 401   411   2001 PEXPEJ US 1046-5928 0757 ? ?        10.1006/prep.2001.1391 
# 
loop_
_citation_author.citation_id 
_citation_author.name 
_citation_author.ordinal 
_citation_author.identifier_ORCID 
primary 'Krishnan, V.V.' 1 ? 
primary 'Thornton, K.H.' 2 ? 
primary 'Thelen, M.P.'   3 ? 
primary 'Cosman, M.'     4 ? 
1       'Cosman, M.'     5 ? 
1       'Krishnan, V.V.' 6 ? 
1       'Thornton, K.H.' 7 ? 
1       'Thelen, M.P.'   8 ? 
# 
_entity.id                         1 
_entity.type                       polymer 
_entity.src_method                 man 
_entity.pdbx_description           'DNA LIGASE III' 
_entity.formula_weight             9985.422 
_entity.pdbx_number_of_molecules   1 
_entity.pdbx_ec                    6.5.1.1 
_entity.pdbx_mutation              ? 
_entity.pdbx_fragment              'BRCT DOMAIN' 
_entity.details                    ? 
# 
_entity_name_com.entity_id   1 
_entity_name_com.name        'POLYDEOXYRIBONUCLEOTIDE SYNTHASE [ATP]' 
# 
_entity_name_sys.entity_id   1 
_entity_name_sys.name        E.C.6.5.1.1 
# 
_entity_poly.entity_id                      1 
_entity_poly.type                           'polypeptide(L)' 
_entity_poly.nstd_linkage                   no 
_entity_poly.nstd_monomer                   no 
_entity_poly.pdbx_seq_one_letter_code       
;GSADETLCQTKVLLDIFTGVRLYLPPSTPDFSRLRRYFVAFDGDLVQEFDMTSATHVLGSRDKNPAAQQVSPEWIWACIR
KRRLVAPC
;
_entity_poly.pdbx_seq_one_letter_code_can   
;GSADETLCQTKVLLDIFTGVRLYLPPSTPDFSRLRRYFVAFDGDLVQEFDMTSATHVLGSRDKNPAAQQVSPEWIWACIR
KRRLVAPC
;
_entity_poly.pdbx_strand_id                 A 
_entity_poly.pdbx_target_identifier         ? 
# 
loop_
_entity_poly_seq.entity_id 
_entity_poly_seq.num 
_entity_poly_seq.mon_id 
_entity_poly_seq.hetero 
1 1  GLY n 
1 2  SER n 
1 3  ALA n 
1 4  ASP n 
1 5  GLU n 
1 6  THR n 
1 7  LEU n 
1 8  CYS n 
1 9  GLN n 
1 10 THR n 
1 11 LYS n 
1 12 VAL n 
1 13 LEU n 
1 14 LEU n 
1 15 ASP n 
1 16 ILE n 
1 17 PHE n 
1 18 THR n 
1 19 GLY n 
1 20 VAL n 
1 21 ARG n 
1 22 LEU n 
1 23 TYR n 
1 24 LEU n 
1 25 PRO n 
1 26 PRO n 
1 27 SER n 
1 28 THR n 
1 29 PRO n 
1 30 ASP n 
1 31 PHE n 
1 32 SER n 
1 33 ARG n 
1 34 LEU n 
1 35 ARG n 
1 36 ARG n 
1 37 TYR n 
1 38 PHE n 
1 39 VAL n 
1 40 ALA n 
1 41 PHE n 
1 42 ASP n 
1 43 GLY n 
1 44 ASP n 
1 45 LEU n 
1 46 VAL n 
1 47 GLN n 
1 48 GLU n 
1 49 PHE n 
1 50 ASP n 
1 51 MET n 
1 52 THR n 
1 53 SER n 
1 54 ALA n 
1 55 THR n 
1 56 HIS n 
1 57 VAL n 
1 58 LEU n 
1 59 GLY n 
1 60 SER n 
1 61 ARG n 
1 62 ASP n 
1 63 LYS n 
1 64 ASN n 
1 65 PRO n 
1 66 ALA n 
1 67 ALA n 
1 68 GLN n 
1 69 GLN n 
1 70 VAL n 
1 71 SER n 
1 72 PRO n 
1 73 GLU n 
1 74 TRP n 
1 75 ILE n 
1 76 TRP n 
1 77 ALA n 
1 78 CYS n 
1 79 ILE n 
1 80 ARG n 
1 81 LYS n 
1 82 ARG n 
1 83 ARG n 
1 84 LEU n 
1 85 VAL n 
1 86 ALA n 
1 87 PRO n 
1 88 CYS n 
# 
_entity_src_gen.entity_id                          1 
_entity_src_gen.pdbx_src_id                        1 
_entity_src_gen.pdbx_alt_source_flag               sample 
_entity_src_gen.pdbx_seq_type                      ? 
_entity_src_gen.pdbx_beg_seq_num                   ? 
_entity_src_gen.pdbx_end_seq_num                   ? 
_entity_src_gen.gene_src_common_name               human 
_entity_src_gen.gene_src_genus                     Homo 
_entity_src_gen.pdbx_gene_src_gene                 ? 
_entity_src_gen.gene_src_species                   ? 
_entity_src_gen.gene_src_strain                    ? 
_entity_src_gen.gene_src_tissue                    ? 
_entity_src_gen.gene_src_tissue_fraction           ? 
_entity_src_gen.gene_src_details                   ? 
_entity_src_gen.pdbx_gene_src_fragment             ? 
_entity_src_gen.pdbx_gene_src_scientific_name      'Homo sapiens' 
_entity_src_gen.pdbx_gene_src_ncbi_taxonomy_id     9606 
_entity_src_gen.pdbx_gene_src_variant              ? 
_entity_src_gen.pdbx_gene_src_cell_line            ? 
_entity_src_gen.pdbx_gene_src_atcc                 ? 
_entity_src_gen.pdbx_gene_src_organ                ? 
_entity_src_gen.pdbx_gene_src_organelle            ? 
_entity_src_gen.pdbx_gene_src_cell                 ? 
_entity_src_gen.pdbx_gene_src_cellular_location    ? 
_entity_src_gen.host_org_common_name               ? 
_entity_src_gen.pdbx_host_org_scientific_name      'Escherichia coli' 
_entity_src_gen.pdbx_host_org_ncbi_taxonomy_id     562 
_entity_src_gen.host_org_genus                     Escherichia 
_entity_src_gen.pdbx_host_org_gene                 ? 
_entity_src_gen.pdbx_host_org_organ                ? 
_entity_src_gen.host_org_species                   ? 
_entity_src_gen.pdbx_host_org_tissue               ? 
_entity_src_gen.pdbx_host_org_tissue_fraction      ? 
_entity_src_gen.pdbx_host_org_strain               ? 
_entity_src_gen.pdbx_host_org_variant              ? 
_entity_src_gen.pdbx_host_org_cell_line            ? 
_entity_src_gen.pdbx_host_org_atcc                 ? 
_entity_src_gen.pdbx_host_org_culture_collection   ? 
_entity_src_gen.pdbx_host_org_cell                 ? 
_entity_src_gen.pdbx_host_org_organelle            ? 
_entity_src_gen.pdbx_host_org_cellular_location    ? 
_entity_src_gen.pdbx_host_org_vector_type          PLASMID 
_entity_src_gen.pdbx_host_org_vector               ? 
_entity_src_gen.host_org_details                   ? 
_entity_src_gen.expression_system_id               ? 
_entity_src_gen.plasmid_name                       'BL21(DE3)' 
_entity_src_gen.plasmid_details                    ? 
_entity_src_gen.pdbx_description                   ? 
# 
loop_
_chem_comp.id 
_chem_comp.type 
_chem_comp.mon_nstd_flag 
_chem_comp.name 
_chem_comp.pdbx_synonyms 
_chem_comp.formula 
_chem_comp.formula_weight 
ALA 'L-peptide linking' y ALANINE         ? 'C3 H7 N O2'     89.093  
ARG 'L-peptide linking' y ARGININE        ? 'C6 H15 N4 O2 1' 175.209 
ASN 'L-peptide linking' y ASPARAGINE      ? 'C4 H8 N2 O3'    132.118 
ASP 'L-peptide linking' y 'ASPARTIC ACID' ? 'C4 H7 N O4'     133.103 
CYS 'L-peptide linking' y CYSTEINE        ? 'C3 H7 N O2 S'   121.158 
GLN 'L-peptide linking' y GLUTAMINE       ? 'C5 H10 N2 O3'   146.144 
GLU 'L-peptide linking' y 'GLUTAMIC ACID' ? 'C5 H9 N O4'     147.129 
GLY 'peptide linking'   y GLYCINE         ? 'C2 H5 N O2'     75.067  
HIS 'L-peptide linking' y HISTIDINE       ? 'C6 H10 N3 O2 1' 156.162 
ILE 'L-peptide linking' y ISOLEUCINE      ? 'C6 H13 N O2'    131.173 
LEU 'L-peptide linking' y LEUCINE         ? 'C6 H13 N O2'    131.173 
LYS 'L-peptide linking' y LYSINE          ? 'C6 H15 N2 O2 1' 147.195 
MET 'L-peptide linking' y METHIONINE      ? 'C5 H11 N O2 S'  149.211 
PHE 'L-peptide linking' y PHENYLALANINE   ? 'C9 H11 N O2'    165.189 
PRO 'L-peptide linking' y PROLINE         ? 'C5 H9 N O2'     115.130 
SER 'L-peptide linking' y SERINE          ? 'C3 H7 N O3'     105.093 
THR 'L-peptide linking' y THREONINE       ? 'C4 H9 N O3'     119.119 
TRP 'L-peptide linking' y TRYPTOPHAN      ? 'C11 H12 N2 O2'  204.225 
TYR 'L-peptide linking' y TYROSINE        ? 'C9 H11 N O3'    181.189 
VAL 'L-peptide linking' y VALINE          ? 'C5 H11 N O2'    117.146 
# 
loop_
_pdbx_poly_seq_scheme.asym_id 
_pdbx_poly_seq_scheme.entity_id 
_pdbx_poly_seq_scheme.seq_id 
_pdbx_poly_seq_scheme.mon_id 
_pdbx_poly_seq_scheme.ndb_seq_num 
_pdbx_poly_seq_scheme.pdb_seq_num 
_pdbx_poly_seq_scheme.auth_seq_num 
_pdbx_poly_seq_scheme.pdb_mon_id 
_pdbx_poly_seq_scheme.auth_mon_id 
_pdbx_poly_seq_scheme.pdb_strand_id 
_pdbx_poly_seq_scheme.pdb_ins_code 
_pdbx_poly_seq_scheme.hetero 
A 1 1  GLY 1  835 835 GLY GLY A . n 
A 1 2  SER 2  836 836 SER SER A . n 
A 1 3  ALA 3  837 837 ALA ALA A . n 
A 1 4  ASP 4  838 838 ASP ASP A . n 
A 1 5  GLU 5  839 839 GLU GLU A . n 
A 1 6  THR 6  840 840 THR THR A . n 
A 1 7  LEU 7  841 841 LEU LEU A . n 
A 1 8  CYS 8  842 842 CYS CYS A . n 
A 1 9  GLN 9  843 843 GLN GLN A . n 
A 1 10 THR 10 844 844 THR THR A . n 
A 1 11 LYS 11 845 845 LYS LYS A . n 
A 1 12 VAL 12 846 846 VAL VAL A . n 
A 1 13 LEU 13 847 847 LEU LEU A . n 
A 1 14 LEU 14 848 848 LEU LEU A . n 
A 1 15 ASP 15 849 849 ASP ASP A . n 
A 1 16 ILE 16 850 850 ILE ILE A . n 
A 1 17 PHE 17 851 851 PHE PHE A . n 
A 1 18 THR 18 852 852 THR THR A . n 
A 1 19 GLY 19 853 853 GLY GLY A . n 
A 1 20 VAL 20 854 854 VAL VAL A . n 
A 1 21 ARG 21 855 855 ARG ARG A . n 
A 1 22 LEU 22 856 856 LEU LEU A . n 
A 1 23 TYR 23 857 857 TYR TYR A . n 
A 1 24 LEU 24 858 858 LEU LEU A . n 
A 1 25 PRO 25 859 859 PRO PRO A . n 
A 1 26 PRO 26 860 860 PRO PRO A . n 
A 1 27 SER 27 861 861 SER SER A . n 
A 1 28 THR 28 862 862 THR THR A . n 
A 1 29 PRO 29 863 863 PRO PRO A . n 
A 1 30 ASP 30 864 864 ASP ASP A . n 
A 1 31 PHE 31 865 865 PHE PHE A . n 
A 1 32 SER 32 866 866 SER SER A . n 
A 1 33 ARG 33 867 867 ARG ARG A . n 
A 1 34 LEU 34 868 868 LEU LEU A . n 
A 1 35 ARG 35 869 869 ARG ARG A . n 
A 1 36 ARG 36 870 870 ARG ARG A . n 
A 1 37 TYR 37 871 871 TYR TYR A . n 
A 1 38 PHE 38 872 872 PHE PHE A . n 
A 1 39 VAL 39 873 873 VAL VAL A . n 
A 1 40 ALA 40 874 874 ALA ALA A . n 
A 1 41 PHE 41 875 875 PHE PHE A . n 
A 1 42 ASP 42 876 876 ASP ASP A . n 
A 1 43 GLY 43 877 877 GLY GLY A . n 
A 1 44 ASP 44 878 878 ASP ASP A . n 
A 1 45 LEU 45 879 879 LEU LEU A . n 
A 1 46 VAL 46 880 880 VAL VAL A . n 
A 1 47 GLN 47 881 881 GLN GLN A . n 
A 1 48 GLU 48 882 882 GLU GLU A . n 
A 1 49 PHE 49 883 883 PHE PHE A . n 
A 1 50 ASP 50 884 884 ASP ASP A . n 
A 1 51 MET 51 885 885 MET MET A . n 
A 1 52 THR 52 886 886 THR THR A . n 
A 1 53 SER 53 887 887 SER SER A . n 
A 1 54 ALA 54 888 888 ALA ALA A . n 
A 1 55 THR 55 889 889 THR THR A . n 
A 1 56 HIS 56 890 890 HIS HIS A . n 
A 1 57 VAL 57 891 891 VAL VAL A . n 
A 1 58 LEU 58 892 892 LEU LEU A . n 
A 1 59 GLY 59 893 893 GLY GLY A . n 
A 1 60 SER 60 894 894 SER SER A . n 
A 1 61 ARG 61 895 895 ARG ARG A . n 
A 1 62 ASP 62 896 896 ASP ASP A . n 
A 1 63 LYS 63 897 897 LYS LYS A . n 
A 1 64 ASN 64 898 898 ASN ASN A . n 
A 1 65 PRO 65 899 899 PRO PRO A . n 
A 1 66 ALA 66 900 900 ALA ALA A . n 
A 1 67 ALA 67 901 901 ALA ALA A . n 
A 1 68 GLN 68 902 902 GLN GLN A . n 
A 1 69 GLN 69 903 903 GLN GLN A . n 
A 1 70 VAL 70 904 904 VAL VAL A . n 
A 1 71 SER 71 905 905 SER SER A . n 
A 1 72 PRO 72 906 906 PRO PRO A . n 
A 1 73 GLU 73 907 907 GLU GLU A . n 
A 1 74 TRP 74 908 908 TRP TRP A . n 
A 1 75 ILE 75 909 909 ILE ILE A . n 
A 1 76 TRP 76 910 910 TRP TRP A . n 
A 1 77 ALA 77 911 911 ALA ALA A . n 
A 1 78 CYS 78 912 912 CYS CYS A . n 
A 1 79 ILE 79 913 913 ILE ILE A . n 
A 1 80 ARG 80 914 914 ARG ARG A . n 
A 1 81 LYS 81 915 915 LYS LYS A . n 
A 1 82 ARG 82 916 916 ARG ARG A . n 
A 1 83 ARG 83 917 917 ARG ARG A . n 
A 1 84 LEU 84 918 918 LEU LEU A . n 
A 1 85 VAL 85 919 919 VAL VAL A . n 
A 1 86 ALA 86 920 920 ALA ALA A . n 
A 1 87 PRO 87 921 921 PRO PRO A . n 
A 1 88 CYS 88 922 922 CYS CYS A . n 
# 
_cell.entry_id           1IMO 
_cell.length_a           ? 
_cell.length_b           ? 
_cell.length_c           ? 
_cell.angle_alpha        ? 
_cell.angle_beta         ? 
_cell.angle_gamma        ? 
_cell.Z_PDB              1 
_cell.pdbx_unique_axis   ? 
# 
_exptl.entry_id          1IMO 
_exptl.method            'SOLUTION NMR' 
_exptl.crystals_number   ? 
# 
_exptl_crystal.id                    1 
_exptl_crystal.density_meas          ? 
_exptl_crystal.density_Matthews      ? 
_exptl_crystal.density_percent_sol   ? 
_exptl_crystal.description           ? 
# 
_diffrn.id                     1 
_diffrn.crystal_id             1 
_diffrn.ambient_temp           ? 
_diffrn.ambient_temp_details   ? 
# 
_diffrn_radiation.diffrn_id                        1 
_diffrn_radiation.wavelength_id                    1 
_diffrn_radiation.pdbx_monochromatic_or_laue_m_l   M 
_diffrn_radiation.monochromator                    ? 
_diffrn_radiation.pdbx_diffrn_protocol             'SINGLE WAVELENGTH' 
_diffrn_radiation.pdbx_scattering_type             ? 
# 
_diffrn_radiation_wavelength.id           1 
_diffrn_radiation_wavelength.wavelength   . 
_diffrn_radiation_wavelength.wt           1.0 
# 
_struct.entry_id                  1IMO 
_struct.title                     'NMR STRUCTURE OF HUMAN DNA LIGASE IIIALPHA BRCT DOMAIN' 
_struct.pdbx_model_details        ? 
_struct.pdbx_CASP_flag            ? 
_struct.pdbx_model_type_details   'minimized average' 
# 
_struct_keywords.entry_id        1IMO 
_struct_keywords.pdbx_keywords   LIGASE 
_struct_keywords.text            'parallel beta sheet, LIGASE' 
# 
_struct_asym.id                            A 
_struct_asym.pdbx_blank_PDB_chainid_flag   N 
_struct_asym.pdbx_modified                 N 
_struct_asym.entity_id                     1 
_struct_asym.details                       ? 
# 
_struct_ref.id                         1 
_struct_ref.entity_id                  1 
_struct_ref.db_name                    UNP 
_struct_ref.db_code                    DNL3_HUMAN 
_struct_ref.pdbx_db_accession          P49916 
_struct_ref.pdbx_align_begin           835 
_struct_ref.pdbx_seq_one_letter_code   
;KAADETLCQTKVLLDIFTGVRLYLPPSTPDFSRLRRYFVAFDGDLVQEFDMTSATHVLGSRDKNPAAQQVSPEWIWACIR
KRRLVAPC
;
_struct_ref.pdbx_db_isoform            ? 
# 
_struct_ref_seq.align_id                      1 
_struct_ref_seq.ref_id                        1 
_struct_ref_seq.pdbx_PDB_id_code              1IMO 
_struct_ref_seq.pdbx_strand_id                A 
_struct_ref_seq.seq_align_beg                 1 
_struct_ref_seq.pdbx_seq_align_beg_ins_code   ? 
_struct_ref_seq.seq_align_end                 88 
_struct_ref_seq.pdbx_seq_align_end_ins_code   ? 
_struct_ref_seq.pdbx_db_accession             P49916 
_struct_ref_seq.db_align_beg                  835 
_struct_ref_seq.pdbx_db_align_beg_ins_code    ? 
_struct_ref_seq.db_align_end                  922 
_struct_ref_seq.pdbx_db_align_end_ins_code    ? 
_struct_ref_seq.pdbx_auth_seq_align_beg       835 
_struct_ref_seq.pdbx_auth_seq_align_end       922 
# 
loop_
_struct_ref_seq_dif.align_id 
_struct_ref_seq_dif.pdbx_pdb_id_code 
_struct_ref_seq_dif.mon_id 
_struct_ref_seq_dif.pdbx_pdb_strand_id 
_struct_ref_seq_dif.seq_num 
_struct_ref_seq_dif.pdbx_pdb_ins_code 
_struct_ref_seq_dif.pdbx_seq_db_name 
_struct_ref_seq_dif.pdbx_seq_db_accession_code 
_struct_ref_seq_dif.db_mon_id 
_struct_ref_seq_dif.pdbx_seq_db_seq_num 
_struct_ref_seq_dif.details 
_struct_ref_seq_dif.pdbx_auth_seq_num 
_struct_ref_seq_dif.pdbx_ordinal 
1 1IMO GLY A 1 ? UNP P49916 LYS 835 'cloning artifact' 835 1 
1 1IMO SER A 2 ? UNP P49916 ALA 836 'cloning artifact' 836 2 
# 
_pdbx_struct_assembly.id                   1 
_pdbx_struct_assembly.details              author_defined_assembly 
_pdbx_struct_assembly.method_details       ? 
_pdbx_struct_assembly.oligomeric_details   monomeric 
_pdbx_struct_assembly.oligomeric_count     1 
# 
_pdbx_struct_assembly_gen.assembly_id       1 
_pdbx_struct_assembly_gen.oper_expression   1 
_pdbx_struct_assembly_gen.asym_id_list      A 
# 
_pdbx_struct_oper_list.id                   1 
_pdbx_struct_oper_list.type                 'identity operation' 
_pdbx_struct_oper_list.name                 1_555 
_pdbx_struct_oper_list.symmetry_operation   x,y,z 
_pdbx_struct_oper_list.matrix[1][1]         1.0000000000 
_pdbx_struct_oper_list.matrix[1][2]         0.0000000000 
_pdbx_struct_oper_list.matrix[1][3]         0.0000000000 
_pdbx_struct_oper_list.vector[1]            0.0000000000 
_pdbx_struct_oper_list.matrix[2][1]         0.0000000000 
_pdbx_struct_oper_list.matrix[2][2]         1.0000000000 
_pdbx_struct_oper_list.matrix[2][3]         0.0000000000 
_pdbx_struct_oper_list.vector[2]            0.0000000000 
_pdbx_struct_oper_list.matrix[3][1]         0.0000000000 
_pdbx_struct_oper_list.matrix[3][2]         0.0000000000 
_pdbx_struct_oper_list.matrix[3][3]         1.0000000000 
_pdbx_struct_oper_list.vector[3]            0.0000000000 
# 
_struct_biol.id   1 
# 
loop_
_struct_conf.conf_type_id 
_struct_conf.id 
_struct_conf.pdbx_PDB_helix_id 
_struct_conf.beg_label_comp_id 
_struct_conf.beg_label_asym_id 
_struct_conf.beg_label_seq_id 
_struct_conf.pdbx_beg_PDB_ins_code 
_struct_conf.end_label_comp_id 
_struct_conf.end_label_asym_id 
_struct_conf.end_label_seq_id 
_struct_conf.pdbx_end_PDB_ins_code 
_struct_conf.beg_auth_comp_id 
_struct_conf.beg_auth_asym_id 
_struct_conf.beg_auth_seq_id 
_struct_conf.end_auth_comp_id 
_struct_conf.end_auth_asym_id 
_struct_conf.end_auth_seq_id 
_struct_conf.pdbx_PDB_helix_class 
_struct_conf.details 
_struct_conf.pdbx_PDB_helix_length 
HELX_P HELX_P1 1 SER A 2  ? LEU A 7  ? SER A 836 LEU A 841 1 ? 6  
HELX_P HELX_P2 2 ASP A 30 ? ASP A 42 ? ASP A 864 ASP A 876 1 ? 13 
HELX_P HELX_P3 3 SER A 71 ? ARG A 82 ? SER A 905 ARG A 916 1 ? 12 
# 
_struct_conf_type.id          HELX_P 
_struct_conf_type.criteria    ? 
_struct_conf_type.reference   ? 
# 
_struct_sheet.id               A 
_struct_sheet.type             ? 
_struct_sheet.number_strands   2 
_struct_sheet.details          ? 
# 
_struct_sheet_order.sheet_id     A 
_struct_sheet_order.range_id_1   1 
_struct_sheet_order.range_id_2   2 
_struct_sheet_order.offset       ? 
_struct_sheet_order.sense        parallel 
# 
loop_
_struct_sheet_range.sheet_id 
_struct_sheet_range.id 
_struct_sheet_range.beg_label_comp_id 
_struct_sheet_range.beg_label_asym_id 
_struct_sheet_range.beg_label_seq_id 
_struct_sheet_range.pdbx_beg_PDB_ins_code 
_struct_sheet_range.end_label_comp_id 
_struct_sheet_range.end_label_asym_id 
_struct_sheet_range.end_label_seq_id 
_struct_sheet_range.pdbx_end_PDB_ins_code 
_struct_sheet_range.beg_auth_comp_id 
_struct_sheet_range.beg_auth_asym_id 
_struct_sheet_range.beg_auth_seq_id 
_struct_sheet_range.end_auth_comp_id 
_struct_sheet_range.end_auth_asym_id 
_struct_sheet_range.end_auth_seq_id 
A 1 VAL A 57 ? LEU A 58 ? VAL A 891 LEU A 892 
A 2 GLN A 69 ? VAL A 70 ? GLN A 903 VAL A 904 
# 
_pdbx_struct_sheet_hbond.sheet_id                A 
_pdbx_struct_sheet_hbond.range_id_1              1 
_pdbx_struct_sheet_hbond.range_id_2              2 
_pdbx_struct_sheet_hbond.range_1_label_atom_id   O 
_pdbx_struct_sheet_hbond.range_1_label_comp_id   VAL 
_pdbx_struct_sheet_hbond.range_1_label_asym_id   A 
_pdbx_struct_sheet_hbond.range_1_label_seq_id    57 
_pdbx_struct_sheet_hbond.range_1_PDB_ins_code    ? 
_pdbx_struct_sheet_hbond.range_1_auth_atom_id    O 
_pdbx_struct_sheet_hbond.range_1_auth_comp_id    VAL 
_pdbx_struct_sheet_hbond.range_1_auth_asym_id    A 
_pdbx_struct_sheet_hbond.range_1_auth_seq_id     891 
_pdbx_struct_sheet_hbond.range_2_label_atom_id   N 
_pdbx_struct_sheet_hbond.range_2_label_comp_id   VAL 
_pdbx_struct_sheet_hbond.range_2_label_asym_id   A 
_pdbx_struct_sheet_hbond.range_2_label_seq_id    70 
_pdbx_struct_sheet_hbond.range_2_PDB_ins_code    ? 
_pdbx_struct_sheet_hbond.range_2_auth_atom_id    N 
_pdbx_struct_sheet_hbond.range_2_auth_comp_id    VAL 
_pdbx_struct_sheet_hbond.range_2_auth_asym_id    A 
_pdbx_struct_sheet_hbond.range_2_auth_seq_id     904 
# 
loop_
_pdbx_validate_close_contact.id 
_pdbx_validate_close_contact.PDB_model_num 
_pdbx_validate_close_contact.auth_atom_id_1 
_pdbx_validate_close_contact.auth_asym_id_1 
_pdbx_validate_close_contact.auth_comp_id_1 
_pdbx_validate_close_contact.auth_seq_id_1 
_pdbx_validate_close_contact.PDB_ins_code_1 
_pdbx_validate_close_contact.label_alt_id_1 
_pdbx_validate_close_contact.auth_atom_id_2 
_pdbx_validate_close_contact.auth_asym_id_2 
_pdbx_validate_close_contact.auth_comp_id_2 
_pdbx_validate_close_contact.auth_seq_id_2 
_pdbx_validate_close_contact.PDB_ins_code_2 
_pdbx_validate_close_contact.label_alt_id_2 
_pdbx_validate_close_contact.dist 
1  1 O    A LEU 847 ? ? H    A LEU 848 ? ? 0.08 
2  1 O    A LEU 847 ? ? N    A LEU 848 ? ? 0.36 
3  1 C    A LEU 847 ? ? H    A LEU 848 ? ? 0.38 
4  1 C    A VAL 846 ? ? H    A LEU 847 ? ? 0.63 
5  1 O    A VAL 846 ? ? N    A LEU 847 ? ? 0.67 
6  1 O    A VAL 846 ? ? H    A LEU 847 ? ? 0.82 
7  1 CD   A ARG 855 ? ? HB   A THR 889 ? ? 0.82 
8  1 HG2  A ARG 855 ? ? CG2  A THR 889 ? ? 0.86 
9  1 O    A ARG 855 ? ? H    A HIS 890 ? ? 0.90 
10 1 HG2  A ARG 855 ? ? HG23 A THR 889 ? ? 0.92 
11 1 O    A MET 885 ? ? H    A ALA 888 ? ? 0.94 
12 1 C    A GLY 835 ? ? H    A SER 836 ? ? 1.01 
13 1 HG2  A ARG 855 ? ? HG22 A THR 889 ? ? 1.02 
14 1 HD2  A ARG 855 ? ? HB   A THR 889 ? ? 1.02 
15 1 NE   A ARG 855 ? ? HB   A THR 889 ? ? 1.08 
16 1 O    A GLY 835 ? ? N    A SER 836 ? ? 1.11 
17 1 SD   A MET 885 ? ? HB2  A LYS 897 ? ? 1.14 
18 1 HG23 A VAL 854 ? ? HG   A LEU 918 ? ? 1.15 
19 1 O    A ARG 895 ? ? H    A ASN 898 ? ? 1.16 
20 1 HG22 A ILE 850 ? ? N    A ILE 913 ? ? 1.20 
21 1 HG23 A ILE 850 ? ? N    A ILE 913 ? ? 1.21 
22 1 H    A TYR 857 ? ? HA   A VAL 891 ? ? 1.22 
23 1 HG22 A VAL 854 ? ? HG   A LEU 918 ? ? 1.24 
24 1 O    A GLN 881 ? ? H    A ASP 884 ? ? 1.24 
25 1 HG2  A ARG 855 ? ? HG21 A THR 889 ? ? 1.29 
26 1 C    A THR 844 ? ? H    A LYS 845 ? ? 1.29 
27 1 CD1  A ILE 850 ? ? HA   A ILE 913 ? ? 1.29 
28 1 HD21 A LEU 858 ? ? HB3  A LEU 868 ? ? 1.30 
29 1 HA   A HIS 890 ? ? H    A GLN 902 ? ? 1.30 
30 1 HE   A ARG 855 ? ? HB   A THR 889 ? ? 1.32 
31 1 HH11 A ARG 855 ? ? HB   A THR 889 ? ? 1.32 
32 1 H    A ARG 855 ? ? HG22 A THR 889 ? ? 1.35 
33 1 CG1  A ILE 850 ? ? HA   A ILE 913 ? ? 1.35 
34 1 HG22 A ILE 850 ? ? C    A CYS 912 ? ? 1.39 
35 1 O    A THR 844 ? ? N    A LYS 845 ? ? 1.40 
36 1 HG23 A ILE 850 ? ? C    A CYS 912 ? ? 1.41 
37 1 C    A GLY 893 ? ? H    A SER 894 ? ? 1.41 
38 1 O    A VAL 846 ? ? HD21 A LEU 847 ? ? 1.41 
39 1 CE2  A TYR 871 ? ? HZ   A PHE 875 ? ? 1.42 
40 1 O    A PHE 851 ? ? H    A VAL 854 ? ? 1.42 
41 1 HG2  A ARG 855 ? ? CB   A THR 889 ? ? 1.42 
42 1 HG21 A ILE 850 ? ? C    A CYS 912 ? ? 1.44 
43 1 O    A ILE 850 ? ? H    A THR 852 ? ? 1.44 
44 1 CG   A ARG 855 ? ? HB   A THR 889 ? ? 1.47 
45 1 CG2  A VAL 854 ? ? HG   A LEU 918 ? ? 1.47 
46 1 O    A GLY 835 ? ? H    A SER 836 ? ? 1.48 
47 1 OG   A SER 905 ? ? HD2  A PRO 906 ? ? 1.50 
48 1 H    A VAL 891 ? ? O    A GLN 902 ? ? 1.51 
49 1 CG2  A ILE 850 ? ? N    A ILE 913 ? ? 1.52 
50 1 HG21 A ILE 850 ? ? N    A ILE 913 ? ? 1.52 
51 1 O    A TYR 857 ? ? H    A LEU 892 ? ? 1.52 
52 1 C    A ARG 855 ? ? HB2  A HIS 890 ? ? 1.52 
53 1 O    A ARG 855 ? ? N    A HIS 890 ? ? 1.52 
54 1 O    A GLY 893 ? ? N    A SER 894 ? ? 1.54 
55 1 N    A LEU 856 ? ? HB2  A HIS 890 ? ? 1.54 
56 1 HA   A PHE 851 ? ? CD1  A LEU 918 ? ? 1.57 
57 1 O    A ARG 867 ? ? H    A TYR 871 ? ? 1.60 
58 1 CG   A ARG 855 ? ? CG2  A THR 889 ? ? 1.71 
59 1 O    A VAL 846 ? ? CD2  A LEU 847 ? ? 1.74 
60 1 CG2  A ILE 850 ? ? C    A CYS 912 ? ? 1.74 
61 1 CG   A ARG 855 ? ? CB   A THR 889 ? ? 1.75 
62 1 O    A MET 885 ? ? N    A ALA 888 ? ? 1.77 
63 1 O    A LEU 847 ? ? CA   A LEU 848 ? ? 1.80 
64 1 CD   A ARG 855 ? ? CB   A THR 889 ? ? 1.81 
65 1 CG2  A ILE 850 ? ? CA   A ILE 913 ? ? 1.98 
66 1 OH   A TYR 871 ? ? CD1  A ILE 913 ? ? 2.00 
67 1 O    A MET 885 ? ? N    A SER 887 ? ? 2.01 
68 1 NE   A ARG 855 ? ? CB   A THR 889 ? ? 2.01 
69 1 O    A GLN 881 ? ? N    A ASP 884 ? ? 2.03 
70 1 O    A ARG 895 ? ? N    A ASN 898 ? ? 2.09 
71 1 O    A SER 894 ? ? NZ   A LYS 897 ? ? 2.11 
72 1 O    A ARG 855 ? ? CA   A HIS 890 ? ? 2.12 
73 1 CD1  A ILE 850 ? ? CA   A ILE 913 ? ? 2.12 
74 1 CG2  A ILE 850 ? ? O    A CYS 912 ? ? 2.18 
75 1 CB   A ARG 855 ? ? CG2  A THR 889 ? ? 2.19 
# 
loop_
_pdbx_validate_rmsd_bond.id 
_pdbx_validate_rmsd_bond.PDB_model_num 
_pdbx_validate_rmsd_bond.auth_atom_id_1 
_pdbx_validate_rmsd_bond.auth_asym_id_1 
_pdbx_validate_rmsd_bond.auth_comp_id_1 
_pdbx_validate_rmsd_bond.auth_seq_id_1 
_pdbx_validate_rmsd_bond.PDB_ins_code_1 
_pdbx_validate_rmsd_bond.label_alt_id_1 
_pdbx_validate_rmsd_bond.auth_atom_id_2 
_pdbx_validate_rmsd_bond.auth_asym_id_2 
_pdbx_validate_rmsd_bond.auth_comp_id_2 
_pdbx_validate_rmsd_bond.auth_seq_id_2 
_pdbx_validate_rmsd_bond.PDB_ins_code_2 
_pdbx_validate_rmsd_bond.label_alt_id_2 
_pdbx_validate_rmsd_bond.bond_value 
_pdbx_validate_rmsd_bond.bond_target_value 
_pdbx_validate_rmsd_bond.bond_deviation 
_pdbx_validate_rmsd_bond.bond_standard_deviation 
_pdbx_validate_rmsd_bond.linker_flag 
1   1 N   A GLY 835 ? ? CA  A GLY 835 ? ? 0.565 1.456 -0.891 0.015 N 
2   1 CA  A GLY 835 ? ? C   A GLY 835 ? ? 1.288 1.514 -0.226 0.016 N 
3   1 C   A GLY 835 ? ? O   A GLY 835 ? ? 0.639 1.232 -0.593 0.016 N 
4   1 C   A GLY 835 ? ? N   A SER 836 ? ? 0.872 1.336 -0.464 0.023 Y 
5   1 N   A SER 836 ? ? CA  A SER 836 ? ? 1.240 1.459 -0.219 0.020 N 
6   1 CA  A SER 836 ? ? CB  A SER 836 ? ? 1.307 1.525 -0.218 0.015 N 
7   1 CB  A SER 836 ? ? OG  A SER 836 ? ? 0.605 1.418 -0.813 0.013 N 
8   1 CB  A ASP 838 ? ? CG  A ASP 838 ? ? 0.633 1.513 -0.880 0.021 N 
9   1 CG  A ASP 838 ? ? OD1 A ASP 838 ? ? 0.324 1.249 -0.925 0.023 N 
10  1 CG  A ASP 838 ? ? OD2 A ASP 838 ? ? 0.337 1.249 -0.912 0.023 N 
11  1 CG  A GLU 839 ? ? CD  A GLU 839 ? ? 1.342 1.515 -0.173 0.015 N 
12  1 CD  A GLU 839 ? ? OE1 A GLU 839 ? ? 0.538 1.252 -0.714 0.011 N 
13  1 CD  A GLU 839 ? ? OE2 A GLU 839 ? ? 0.532 1.252 -0.720 0.011 N 
14  1 CB  A THR 840 ? ? OG1 A THR 840 ? ? 1.034 1.428 -0.394 0.020 N 
15  1 CB  A THR 840 ? ? CG2 A THR 840 ? ? 1.175 1.519 -0.344 0.033 N 
16  1 CB  A LEU 841 ? ? CG  A LEU 841 ? ? 1.230 1.521 -0.291 0.029 N 
17  1 CG  A LEU 841 ? ? CD1 A LEU 841 ? ? 0.951 1.514 -0.563 0.037 N 
18  1 CG  A LEU 841 ? ? CD2 A LEU 841 ? ? 1.005 1.514 -0.509 0.037 N 
19  1 CB  A CYS 842 ? ? SG  A CYS 842 ? ? 1.358 1.812 -0.454 0.016 N 
20  1 CD  A GLN 843 ? ? OE1 A GLN 843 ? ? 0.874 1.235 -0.361 0.022 N 
21  1 CD  A GLN 843 ? ? NE2 A GLN 843 ? ? 0.966 1.324 -0.358 0.025 N 
22  1 C   A THR 844 ? ? O   A THR 844 ? ? 0.700 1.229 -0.529 0.019 N 
23  1 C   A THR 844 ? ? N   A LYS 845 ? ? 1.090 1.336 -0.246 0.023 Y 
24  1 CG  A LYS 845 ? ? CD  A LYS 845 ? ? 1.063 1.520 -0.457 0.034 N 
25  1 CD  A LYS 845 ? ? CE  A LYS 845 ? ? 1.346 1.508 -0.162 0.025 N 
26  1 CE  A LYS 845 ? ? NZ  A LYS 845 ? ? 1.217 1.486 -0.269 0.025 N 
27  1 CB  A VAL 846 ? ? CG1 A VAL 846 ? ? 1.183 1.524 -0.341 0.021 N 
28  1 CB  A VAL 846 ? ? CG2 A VAL 846 ? ? 1.058 1.524 -0.466 0.021 N 
29  1 C   A VAL 846 ? ? O   A VAL 846 ? ? 0.532 1.229 -0.697 0.019 N 
30  1 C   A VAL 846 ? ? N   A LEU 847 ? ? 0.826 1.336 -0.510 0.023 Y 
31  1 C   A LEU 847 ? ? O   A LEU 847 ? ? 0.434 1.229 -0.795 0.019 N 
32  1 C   A LEU 847 ? ? N   A LEU 848 ? ? 0.790 1.336 -0.546 0.023 Y 
33  1 CB  A ASP 849 ? ? CG  A ASP 849 ? ? 0.895 1.513 -0.618 0.021 N 
34  1 CG  A ASP 849 ? ? OD1 A ASP 849 ? ? 0.299 1.249 -0.950 0.023 N 
35  1 CG  A ASP 849 ? ? OD2 A ASP 849 ? ? 0.469 1.249 -0.780 0.023 N 
36  1 CG  A PHE 851 ? ? CD2 A PHE 851 ? ? 0.841 1.383 -0.542 0.015 N 
37  1 CG  A PHE 851 ? ? CD1 A PHE 851 ? ? 0.842 1.383 -0.541 0.015 N 
38  1 CE1 A PHE 851 ? ? CZ  A PHE 851 ? ? 0.841 1.369 -0.528 0.019 N 
39  1 CZ  A PHE 851 ? ? CE2 A PHE 851 ? ? 0.843 1.369 -0.526 0.019 N 
40  1 CB  A THR 852 ? ? OG1 A THR 852 ? ? 1.279 1.428 -0.149 0.020 N 
41  1 C   A GLY 853 ? ? O   A GLY 853 ? ? 1.120 1.232 -0.112 0.016 N 
42  1 CB  A ARG 855 ? ? CG  A ARG 855 ? ? 1.147 1.521 -0.374 0.027 N 
43  1 CG  A ARG 855 ? ? CD  A ARG 855 ? ? 1.350 1.515 -0.165 0.025 N 
44  1 CD  A ARG 855 ? ? NE  A ARG 855 ? ? 1.178 1.460 -0.282 0.017 N 
45  1 NE  A ARG 855 ? ? CZ  A ARG 855 ? ? 1.039 1.326 -0.287 0.013 N 
46  1 CZ  A ARG 855 ? ? NH1 A ARG 855 ? ? 0.566 1.326 -0.760 0.013 N 
47  1 CZ  A ARG 855 ? ? NH2 A ARG 855 ? ? 1.060 1.326 -0.266 0.013 N 
48  1 CG  A LEU 856 ? ? CD2 A LEU 856 ? ? 1.163 1.514 -0.351 0.037 N 
49  1 CG  A TYR 857 ? ? CD2 A TYR 857 ? ? 0.734 1.387 -0.653 0.013 N 
50  1 CG  A TYR 857 ? ? CD1 A TYR 857 ? ? 0.742 1.387 -0.645 0.013 N 
51  1 CE1 A TYR 857 ? ? CZ  A TYR 857 ? ? 0.734 1.381 -0.647 0.013 N 
52  1 CZ  A TYR 857 ? ? CE2 A TYR 857 ? ? 0.743 1.381 -0.638 0.013 N 
53  1 CG  A ASP 864 ? ? OD1 A ASP 864 ? ? 0.551 1.249 -0.698 0.023 N 
54  1 CG  A ASP 864 ? ? OD2 A ASP 864 ? ? 0.644 1.249 -0.605 0.023 N 
55  1 CG  A PHE 865 ? ? CD2 A PHE 865 ? ? 0.821 1.383 -0.562 0.015 N 
56  1 CG  A PHE 865 ? ? CD1 A PHE 865 ? ? 0.843 1.383 -0.540 0.015 N 
57  1 CE1 A PHE 865 ? ? CZ  A PHE 865 ? ? 0.822 1.369 -0.547 0.019 N 
58  1 CZ  A PHE 865 ? ? CE2 A PHE 865 ? ? 0.843 1.369 -0.526 0.019 N 
59  1 CB  A SER 866 ? ? OG  A SER 866 ? ? 1.058 1.418 -0.360 0.013 N 
60  1 CG  A ARG 867 ? ? CD  A ARG 867 ? ? 1.030 1.515 -0.485 0.025 N 
61  1 CD  A ARG 867 ? ? NE  A ARG 867 ? ? 1.126 1.460 -0.334 0.017 N 
62  1 NE  A ARG 867 ? ? CZ  A ARG 867 ? ? 0.926 1.326 -0.400 0.013 N 
63  1 CZ  A ARG 867 ? ? NH1 A ARG 867 ? ? 0.214 1.326 -1.112 0.013 N 
64  1 CZ  A ARG 867 ? ? NH2 A ARG 867 ? ? 1.009 1.326 -0.317 0.013 N 
65  1 CG  A ARG 869 ? ? CD  A ARG 869 ? ? 1.270 1.515 -0.245 0.025 N 
66  1 CD  A ARG 869 ? ? NE  A ARG 869 ? ? 1.258 1.460 -0.202 0.017 N 
67  1 NE  A ARG 869 ? ? CZ  A ARG 869 ? ? 1.032 1.326 -0.294 0.013 N 
68  1 CZ  A ARG 869 ? ? NH1 A ARG 869 ? ? 0.767 1.326 -0.559 0.013 N 
69  1 CZ  A ARG 869 ? ? NH2 A ARG 869 ? ? 1.141 1.326 -0.185 0.013 N 
70  1 CG  A ARG 870 ? ? CD  A ARG 870 ? ? 1.039 1.515 -0.476 0.025 N 
71  1 CD  A ARG 870 ? ? NE  A ARG 870 ? ? 0.636 1.460 -0.824 0.017 N 
72  1 NE  A ARG 870 ? ? CZ  A ARG 870 ? ? 0.773 1.326 -0.553 0.013 N 
73  1 CZ  A ARG 870 ? ? NH1 A ARG 870 ? ? 0.540 1.326 -0.786 0.013 N 
74  1 CZ  A ARG 870 ? ? NH2 A ARG 870 ? ? 0.568 1.326 -0.758 0.013 N 
75  1 CG  A TYR 871 ? ? CD2 A TYR 871 ? ? 0.723 1.387 -0.664 0.013 N 
76  1 CG  A TYR 871 ? ? CD1 A TYR 871 ? ? 0.797 1.387 -0.590 0.013 N 
77  1 CE1 A TYR 871 ? ? CZ  A TYR 871 ? ? 0.723 1.381 -0.658 0.013 N 
78  1 CZ  A TYR 871 ? ? CE2 A TYR 871 ? ? 0.797 1.381 -0.584 0.013 N 
79  1 CG  A PHE 872 ? ? CD2 A PHE 872 ? ? 0.773 1.383 -0.610 0.015 N 
80  1 CG  A PHE 872 ? ? CD1 A PHE 872 ? ? 0.706 1.383 -0.677 0.015 N 
81  1 CE1 A PHE 872 ? ? CZ  A PHE 872 ? ? 0.774 1.369 -0.595 0.019 N 
82  1 CZ  A PHE 872 ? ? CE2 A PHE 872 ? ? 0.705 1.369 -0.664 0.019 N 
83  1 CG  A PHE 875 ? ? CD2 A PHE 875 ? ? 0.716 1.383 -0.667 0.015 N 
84  1 CG  A PHE 875 ? ? CD1 A PHE 875 ? ? 0.729 1.383 -0.654 0.015 N 
85  1 CE1 A PHE 875 ? ? CZ  A PHE 875 ? ? 0.717 1.369 -0.652 0.019 N 
86  1 CZ  A PHE 875 ? ? CE2 A PHE 875 ? ? 0.729 1.369 -0.640 0.019 N 
87  1 CG  A ASP 876 ? ? OD1 A ASP 876 ? ? 0.634 1.249 -0.615 0.023 N 
88  1 CG  A ASP 876 ? ? OD2 A ASP 876 ? ? 0.654 1.249 -0.595 0.023 N 
89  1 CG  A ASP 878 ? ? OD1 A ASP 878 ? ? 0.643 1.249 -0.606 0.023 N 
90  1 CG  A ASP 878 ? ? OD2 A ASP 878 ? ? 0.526 1.249 -0.723 0.023 N 
91  1 CG  A LEU 879 ? ? CD1 A LEU 879 ? ? 0.901 1.514 -0.613 0.037 N 
92  1 CG  A LEU 879 ? ? CD2 A LEU 879 ? ? 0.898 1.514 -0.616 0.037 N 
93  1 CD  A GLN 881 ? ? OE1 A GLN 881 ? ? 0.744 1.235 -0.491 0.022 N 
94  1 CD  A GLN 881 ? ? NE2 A GLN 881 ? ? 0.533 1.324 -0.791 0.025 N 
95  1 CD  A GLU 882 ? ? OE1 A GLU 882 ? ? 0.626 1.252 -0.626 0.011 N 
96  1 CD  A GLU 882 ? ? OE2 A GLU 882 ? ? 0.588 1.252 -0.664 0.011 N 
97  1 CG  A PHE 883 ? ? CD2 A PHE 883 ? ? 0.678 1.383 -0.705 0.015 N 
98  1 CG  A PHE 883 ? ? CD1 A PHE 883 ? ? 0.739 1.383 -0.644 0.015 N 
99  1 CE1 A PHE 883 ? ? CZ  A PHE 883 ? ? 0.677 1.369 -0.692 0.019 N 
100 1 CZ  A PHE 883 ? ? CE2 A PHE 883 ? ? 0.739 1.369 -0.630 0.019 N 
101 1 CG  A ASP 884 ? ? OD1 A ASP 884 ? ? 0.664 1.249 -0.585 0.023 N 
102 1 CG  A ASP 884 ? ? OD2 A ASP 884 ? ? 0.651 1.249 -0.598 0.023 N 
103 1 CE1 A HIS 890 ? ? NE2 A HIS 890 ? ? 1.241 1.317 -0.076 0.011 N 
104 1 C   A GLY 893 ? ? O   A GLY 893 ? ? 0.759 1.232 -0.473 0.016 N 
105 1 C   A GLY 893 ? ? N   A SER 894 ? ? 1.147 1.336 -0.189 0.023 Y 
106 1 CD  A ARG 895 ? ? NE  A ARG 895 ? ? 1.134 1.460 -0.326 0.017 N 
107 1 NE  A ARG 895 ? ? CZ  A ARG 895 ? ? 1.122 1.326 -0.204 0.013 N 
108 1 CZ  A ARG 895 ? ? NH1 A ARG 895 ? ? 0.769 1.326 -0.557 0.013 N 
109 1 CZ  A ARG 895 ? ? NH2 A ARG 895 ? ? 1.021 1.326 -0.305 0.013 N 
110 1 CB  A ASP 896 ? ? CG  A ASP 896 ? ? 1.305 1.513 -0.208 0.021 N 
111 1 CG  A ASP 896 ? ? OD1 A ASP 896 ? ? 0.474 1.249 -0.775 0.023 N 
112 1 CG  A ASP 896 ? ? OD2 A ASP 896 ? ? 0.524 1.249 -0.725 0.023 N 
113 1 CG  A ASN 898 ? ? OD1 A ASN 898 ? ? 1.057 1.235 -0.178 0.022 N 
114 1 CD  A GLN 903 ? ? NE2 A GLN 903 ? ? 1.129 1.324 -0.195 0.025 N 
115 1 CB  A SER 905 ? ? OG  A SER 905 ? ? 0.646 1.418 -0.772 0.013 N 
116 1 CB  A GLU 907 ? ? CG  A GLU 907 ? ? 1.362 1.517 -0.155 0.019 N 
117 1 CG  A GLU 907 ? ? CD  A GLU 907 ? ? 1.079 1.515 -0.436 0.015 N 
118 1 CD  A GLU 907 ? ? OE1 A GLU 907 ? ? 0.315 1.252 -0.937 0.011 N 
119 1 CD  A GLU 907 ? ? OE2 A GLU 907 ? ? 0.506 1.252 -0.746 0.011 N 
120 1 CB  A CYS 912 ? ? SG  A CYS 912 ? ? 1.532 1.812 -0.280 0.016 N 
121 1 CB  A ILE 913 ? ? CG1 A ILE 913 ? ? 0.999 1.536 -0.537 0.028 N 
122 1 CB  A ILE 913 ? ? CG2 A ILE 913 ? ? 1.063 1.524 -0.461 0.031 N 
123 1 CG  A ARG 914 ? ? CD  A ARG 914 ? ? 0.911 1.515 -0.604 0.025 N 
124 1 CD  A ARG 914 ? ? NE  A ARG 914 ? ? 1.091 1.460 -0.369 0.017 N 
125 1 NE  A ARG 914 ? ? CZ  A ARG 914 ? ? 0.862 1.326 -0.464 0.013 N 
126 1 CZ  A ARG 914 ? ? NH1 A ARG 914 ? ? 0.362 1.326 -0.964 0.013 N 
127 1 CZ  A ARG 914 ? ? NH2 A ARG 914 ? ? 0.982 1.326 -0.344 0.013 N 
128 1 CE  A LYS 915 ? ? NZ  A LYS 915 ? ? 1.082 1.486 -0.404 0.025 N 
129 1 CG  A ARG 916 ? ? CD  A ARG 916 ? ? 0.174 1.515 -1.341 0.025 N 
130 1 CD  A ARG 916 ? ? NE  A ARG 916 ? ? 1.197 1.460 -0.263 0.017 N 
131 1 NE  A ARG 916 ? ? CZ  A ARG 916 ? ? 0.691 1.326 -0.635 0.013 N 
132 1 CZ  A ARG 916 ? ? NH1 A ARG 916 ? ? 0.745 1.326 -0.581 0.013 N 
133 1 CZ  A ARG 916 ? ? NH2 A ARG 916 ? ? 1.100 1.326 -0.226 0.013 N 
134 1 CB  A ARG 917 ? ? CG  A ARG 917 ? ? 1.327 1.521 -0.194 0.027 N 
135 1 CG  A ARG 917 ? ? CD  A ARG 917 ? ? 0.565 1.515 -0.950 0.025 N 
136 1 CD  A ARG 917 ? ? NE  A ARG 917 ? ? 1.236 1.460 -0.224 0.017 N 
137 1 NE  A ARG 917 ? ? CZ  A ARG 917 ? ? 0.897 1.326 -0.429 0.013 N 
138 1 CZ  A ARG 917 ? ? NH1 A ARG 917 ? ? 1.006 1.326 -0.320 0.013 N 
139 1 CZ  A ARG 917 ? ? NH2 A ARG 917 ? ? 1.138 1.326 -0.188 0.013 N 
140 1 CA  A CYS 922 ? ? CB  A CYS 922 ? ? 0.861 1.526 -0.665 0.013 N 
141 1 CB  A CYS 922 ? ? SG  A CYS 922 ? ? 1.078 1.812 -0.734 0.016 N 
142 1 CA  A CYS 922 ? ? C   A CYS 922 ? ? 0.881 1.525 -0.644 0.026 N 
143 1 C   A CYS 922 ? ? O   A CYS 922 ? ? 0.846 1.229 -0.383 0.019 N 
# 
loop_
_pdbx_validate_rmsd_angle.id 
_pdbx_validate_rmsd_angle.PDB_model_num 
_pdbx_validate_rmsd_angle.auth_atom_id_1 
_pdbx_validate_rmsd_angle.auth_asym_id_1 
_pdbx_validate_rmsd_angle.auth_comp_id_1 
_pdbx_validate_rmsd_angle.auth_seq_id_1 
_pdbx_validate_rmsd_angle.PDB_ins_code_1 
_pdbx_validate_rmsd_angle.label_alt_id_1 
_pdbx_validate_rmsd_angle.auth_atom_id_2 
_pdbx_validate_rmsd_angle.auth_asym_id_2 
_pdbx_validate_rmsd_angle.auth_comp_id_2 
_pdbx_validate_rmsd_angle.auth_seq_id_2 
_pdbx_validate_rmsd_angle.PDB_ins_code_2 
_pdbx_validate_rmsd_angle.label_alt_id_2 
_pdbx_validate_rmsd_angle.auth_atom_id_3 
_pdbx_validate_rmsd_angle.auth_asym_id_3 
_pdbx_validate_rmsd_angle.auth_comp_id_3 
_pdbx_validate_rmsd_angle.auth_seq_id_3 
_pdbx_validate_rmsd_angle.PDB_ins_code_3 
_pdbx_validate_rmsd_angle.label_alt_id_3 
_pdbx_validate_rmsd_angle.angle_value 
_pdbx_validate_rmsd_angle.angle_target_value 
_pdbx_validate_rmsd_angle.angle_deviation 
_pdbx_validate_rmsd_angle.angle_standard_deviation 
_pdbx_validate_rmsd_angle.linker_flag 
1   1 N   A GLY 835 ? ? CA  A GLY 835 ? ? C   A GLY 835 ? ? 139.82 113.10 26.72   2.50 N 
2   1 CA  A GLY 835 ? ? C   A GLY 835 ? ? N   A SER 836 ? ? 139.21 117.20 22.01   2.20 Y 
3   1 O   A GLY 835 ? ? C   A GLY 835 ? ? N   A SER 836 ? ? 92.98  122.70 -29.72  1.60 Y 
4   1 C   A GLY 835 ? ? N   A SER 836 ? ? CA  A SER 836 ? ? 142.15 121.70 20.45   2.50 Y 
5   1 CA  A SER 836 ? ? CB  A SER 836 ? ? OG  A SER 836 ? ? 131.63 111.20 20.43   2.70 N 
6   1 CA  A ASP 838 ? ? CB  A ASP 838 ? ? CG  A ASP 838 ? ? 149.28 113.40 35.88   2.20 N 
7   1 OD1 A ASP 838 ? ? CG  A ASP 838 ? ? OD2 A ASP 838 ? ? 88.58  123.30 -34.72  1.90 N 
8   1 CB  A ASP 838 ? ? CG  A ASP 838 ? ? OD1 A ASP 838 ? ? 134.69 118.30 16.39   0.90 N 
9   1 CB  A ASP 838 ? ? CG  A ASP 838 ? ? OD2 A ASP 838 ? ? 136.72 118.30 18.42   0.90 N 
10  1 OE1 A GLU 839 ? ? CD  A GLU 839 ? ? OE2 A GLU 839 ? ? 41.17  123.30 -82.13  1.20 N 
11  1 CG  A GLU 839 ? ? CD  A GLU 839 ? ? OE1 A GLU 839 ? ? 159.61 118.30 41.31   2.00 N 
12  1 CG  A GLU 839 ? ? CD  A GLU 839 ? ? OE2 A GLU 839 ? ? 159.22 118.30 40.92   2.00 N 
13  1 CA  A THR 840 ? ? CB  A THR 840 ? ? CG2 A THR 840 ? ? 121.16 112.40 8.76    1.40 N 
14  1 CB  A LEU 841 ? ? CG  A LEU 841 ? ? CD1 A LEU 841 ? ? 121.83 111.00 10.83   1.70 N 
15  1 CB  A LEU 841 ? ? CG  A LEU 841 ? ? CD2 A LEU 841 ? ? 95.28  111.00 -15.72  1.70 N 
16  1 OE1 A GLN 843 ? ? CD  A GLN 843 ? ? NE2 A GLN 843 ? ? 98.02  121.90 -23.88  2.30 N 
17  1 CA  A THR 844 ? ? C   A THR 844 ? ? N   A LYS 845 ? ? 140.64 117.20 23.44   2.20 Y 
18  1 O   A THR 844 ? ? C   A THR 844 ? ? N   A LYS 845 ? ? 100.82 122.70 -21.88  1.60 Y 
19  1 C   A THR 844 ? ? N   A LYS 845 ? ? CA  A LYS 845 ? ? 143.77 121.70 22.07   2.50 Y 
20  1 CB  A LYS 845 ? ? CG  A LYS 845 ? ? CD  A LYS 845 ? ? 136.08 111.60 24.48   2.60 N 
21  1 CG  A LYS 845 ? ? CD  A LYS 845 ? ? CE  A LYS 845 ? ? 146.12 111.90 34.22   3.00 N 
22  1 CG1 A VAL 846 ? ? CB  A VAL 846 ? ? CG2 A VAL 846 ? ? 98.60  110.90 -12.30  1.60 N 
23  1 CA  A VAL 846 ? ? CB  A VAL 846 ? ? CG1 A VAL 846 ? ? 124.50 110.90 13.60   1.50 N 
24  1 CA  A VAL 846 ? ? C   A VAL 846 ? ? O   A VAL 846 ? ? 148.67 120.10 28.57   2.10 N 
25  1 CA  A VAL 846 ? ? C   A VAL 846 ? ? N   A LEU 847 ? ? 157.77 117.20 40.57   2.20 Y 
26  1 O   A VAL 846 ? ? C   A VAL 846 ? ? N   A LEU 847 ? ? 53.56  122.70 -69.14  1.60 Y 
27  1 C   A VAL 846 ? ? N   A LEU 847 ? ? CA  A LEU 847 ? ? 159.16 121.70 37.46   2.50 Y 
28  1 CA  A LEU 847 ? ? C   A LEU 847 ? ? O   A LEU 847 ? ? 176.98 120.10 56.88   2.10 N 
29  1 CA  A LEU 847 ? ? C   A LEU 847 ? ? N   A LEU 848 ? ? 178.13 117.20 60.93   2.20 Y 
30  1 O   A LEU 847 ? ? C   A LEU 847 ? ? N   A LEU 848 ? ? 4.89   122.70 -117.81 1.60 Y 
31  1 C   A LEU 847 ? ? N   A LEU 848 ? ? CA  A LEU 848 ? ? 178.23 121.70 56.53   2.50 Y 
32  1 CA  A ASP 849 ? ? CB  A ASP 849 ? ? CG  A ASP 849 ? ? 127.64 113.40 14.24   2.20 N 
33  1 OD1 A ASP 849 ? ? CG  A ASP 849 ? ? OD2 A ASP 849 ? ? 61.29  123.30 -62.01  1.90 N 
34  1 CB  A ASP 849 ? ? CG  A ASP 849 ? ? OD1 A ASP 849 ? ? 141.82 118.30 23.52   0.90 N 
35  1 CB  A ASP 849 ? ? CG  A ASP 849 ? ? OD2 A ASP 849 ? ? 156.89 118.30 38.59   0.90 N 
36  1 CB  A PHE 851 ? ? CG  A PHE 851 ? ? CD2 A PHE 851 ? ? 146.03 120.80 25.23   0.70 N 
37  1 CD1 A PHE 851 ? ? CG  A PHE 851 ? ? CD2 A PHE 851 ? ? 67.66  118.30 -50.64  1.30 N 
38  1 CB  A PHE 851 ? ? CG  A PHE 851 ? ? CD1 A PHE 851 ? ? 146.31 120.80 25.51   0.70 N 
39  1 CG  A PHE 851 ? ? CD1 A PHE 851 ? ? CE1 A PHE 851 ? ? 146.34 120.80 25.54   1.10 N 
40  1 CG  A PHE 851 ? ? CD2 A PHE 851 ? ? CE2 A PHE 851 ? ? 146.04 120.80 25.24   1.10 N 
41  1 CD1 A PHE 851 ? ? CE1 A PHE 851 ? ? CZ  A PHE 851 ? ? 146.00 120.10 25.90   1.20 N 
42  1 CE1 A PHE 851 ? ? CZ  A PHE 851 ? ? CE2 A PHE 851 ? ? 67.71  120.00 -52.29  1.80 N 
43  1 CZ  A PHE 851 ? ? CE2 A PHE 851 ? ? CD2 A PHE 851 ? ? 146.25 120.10 26.15   1.20 N 
44  1 CA  A ARG 855 ? ? CB  A ARG 855 ? ? CG  A ARG 855 ? ? 127.96 113.40 14.56   2.20 N 
45  1 CD  A ARG 855 ? ? NE  A ARG 855 ? ? CZ  A ARG 855 ? ? 150.26 123.60 26.66   1.40 N 
46  1 NH1 A ARG 855 ? ? CZ  A ARG 855 ? ? NH2 A ARG 855 ? ? 107.68 119.40 -11.72  1.10 N 
47  1 NE  A ARG 855 ? ? CZ  A ARG 855 ? ? NH1 A ARG 855 ? ? 103.65 120.30 -16.65  0.50 N 
48  1 NE  A ARG 855 ? ? CZ  A ARG 855 ? ? NH2 A ARG 855 ? ? 148.67 120.30 28.37   0.50 N 
49  1 CB  A LEU 856 ? ? CG  A LEU 856 ? ? CD1 A LEU 856 ? ? 122.34 111.00 11.34   1.70 N 
50  1 CB  A TYR 857 ? ? CG  A TYR 857 ? ? CD2 A TYR 857 ? ? 160.84 121.00 39.84   0.60 N 
51  1 CD1 A TYR 857 ? ? CG  A TYR 857 ? ? CD2 A TYR 857 ? ? 38.02  117.90 -79.88  1.10 N 
52  1 CB  A TYR 857 ? ? CG  A TYR 857 ? ? CD1 A TYR 857 ? ? 161.14 121.00 40.14   0.60 N 
53  1 CG  A TYR 857 ? ? CD1 A TYR 857 ? ? CE1 A TYR 857 ? ? 161.13 121.30 39.83   0.80 N 
54  1 CG  A TYR 857 ? ? CD2 A TYR 857 ? ? CE2 A TYR 857 ? ? 160.85 121.30 39.55   0.80 N 
55  1 CD1 A TYR 857 ? ? CE1 A TYR 857 ? ? CZ  A TYR 857 ? ? 160.92 119.80 41.12   0.90 N 
56  1 OH  A TYR 857 ? ? CZ  A TYR 857 ? ? CE2 A TYR 857 ? ? 161.09 120.10 40.99   2.70 N 
57  1 CE1 A TYR 857 ? ? CZ  A TYR 857 ? ? OH  A TYR 857 ? ? 160.93 120.10 40.83   2.70 N 
58  1 CE1 A TYR 857 ? ? CZ  A TYR 857 ? ? CE2 A TYR 857 ? ? 37.98  119.80 -81.82  1.60 N 
59  1 CZ  A TYR 857 ? ? CE2 A TYR 857 ? ? CD2 A TYR 857 ? ? 161.10 119.80 41.30   0.90 N 
60  1 OD1 A ASP 864 ? ? CG  A ASP 864 ? ? OD2 A ASP 864 ? ? 41.45  123.30 -81.85  1.90 N 
61  1 CB  A ASP 864 ? ? CG  A ASP 864 ? ? OD1 A ASP 864 ? ? 157.50 118.30 39.20   0.90 N 
62  1 CB  A ASP 864 ? ? CG  A ASP 864 ? ? OD2 A ASP 864 ? ? 161.05 118.30 42.75   0.90 N 
63  1 CB  A PHE 865 ? ? CG  A PHE 865 ? ? CD2 A PHE 865 ? ? 146.56 120.80 25.76   0.70 N 
64  1 CD1 A PHE 865 ? ? CG  A PHE 865 ? ? CD2 A PHE 865 ? ? 65.87  118.30 -52.43  1.30 N 
65  1 CB  A PHE 865 ? ? CG  A PHE 865 ? ? CD1 A PHE 865 ? ? 147.57 120.80 26.77   0.70 N 
66  1 CG  A PHE 865 ? ? CD1 A PHE 865 ? ? CE1 A PHE 865 ? ? 147.58 120.80 26.78   1.10 N 
67  1 CG  A PHE 865 ? ? CD2 A PHE 865 ? ? CE2 A PHE 865 ? ? 146.56 120.80 25.76   1.10 N 
68  1 CD1 A PHE 865 ? ? CE1 A PHE 865 ? ? CZ  A PHE 865 ? ? 146.56 120.10 26.46   1.20 N 
69  1 CE1 A PHE 865 ? ? CZ  A PHE 865 ? ? CE2 A PHE 865 ? ? 65.86  120.00 -54.14  1.80 N 
70  1 CZ  A PHE 865 ? ? CE2 A PHE 865 ? ? CD2 A PHE 865 ? ? 147.57 120.10 27.47   1.20 N 
71  1 CB  A ARG 867 ? ? CG  A ARG 867 ? ? CD  A ARG 867 ? ? 134.95 111.60 23.35   2.60 N 
72  1 CG  A ARG 867 ? ? CD  A ARG 867 ? ? NE  A ARG 867 ? ? 132.42 111.80 20.62   2.10 N 
73  1 CD  A ARG 867 ? ? NE  A ARG 867 ? ? CZ  A ARG 867 ? ? 168.90 123.60 45.30   1.40 N 
74  1 NE  A ARG 867 ? ? CZ  A ARG 867 ? ? NH1 A ARG 867 ? ? 73.15  120.30 -47.15  0.50 N 
75  1 NE  A ARG 867 ? ? CZ  A ARG 867 ? ? NH2 A ARG 867 ? ? 168.36 120.30 48.06   0.50 N 
76  1 CG  A ARG 869 ? ? CD  A ARG 869 ? ? NE  A ARG 869 ? ? 125.30 111.80 13.50   2.10 N 
77  1 CD  A ARG 869 ? ? NE  A ARG 869 ? ? CZ  A ARG 869 ? ? 140.97 123.60 17.37   1.40 N 
78  1 NE  A ARG 869 ? ? CZ  A ARG 869 ? ? NH1 A ARG 869 ? ? 102.72 120.30 -17.58  0.50 N 
79  1 NE  A ARG 869 ? ? CZ  A ARG 869 ? ? NH2 A ARG 869 ? ? 139.09 120.30 18.79   0.50 N 
80  1 CD  A ARG 870 ? ? NE  A ARG 870 ? ? CZ  A ARG 870 ? ? 138.76 123.60 15.16   1.40 N 
81  1 NH1 A ARG 870 ? ? CZ  A ARG 870 ? ? NH2 A ARG 870 ? ? 91.36  119.40 -28.04  1.10 N 
82  1 NE  A ARG 870 ? ? CZ  A ARG 870 ? ? NH1 A ARG 870 ? ? 132.82 120.30 12.52   0.50 N 
83  1 NE  A ARG 870 ? ? CZ  A ARG 870 ? ? NH2 A ARG 870 ? ? 135.81 120.30 15.51   0.50 N 
84  1 CB  A TYR 871 ? ? CG  A TYR 871 ? ? CD2 A TYR 871 ? ? 154.95 121.00 33.95   0.60 N 
85  1 CD1 A TYR 871 ? ? CG  A TYR 871 ? ? CD2 A TYR 871 ? ? 47.59  117.90 -70.31  1.10 N 
86  1 CB  A TYR 871 ? ? CG  A TYR 871 ? ? CD1 A TYR 871 ? ? 157.45 121.00 36.45   0.60 N 
87  1 CG  A TYR 871 ? ? CD1 A TYR 871 ? ? CE1 A TYR 871 ? ? 157.41 121.30 36.11   0.80 N 
88  1 CG  A TYR 871 ? ? CD2 A TYR 871 ? ? CE2 A TYR 871 ? ? 154.99 121.30 33.69   0.80 N 
89  1 CD1 A TYR 871 ? ? CE1 A TYR 871 ? ? CZ  A TYR 871 ? ? 154.99 119.80 35.19   0.90 N 
90  1 OH  A TYR 871 ? ? CZ  A TYR 871 ? ? CE2 A TYR 871 ? ? 157.40 120.10 37.30   2.70 N 
91  1 CE1 A TYR 871 ? ? CZ  A TYR 871 ? ? OH  A TYR 871 ? ? 155.01 120.10 34.91   2.70 N 
92  1 CE1 A TYR 871 ? ? CZ  A TYR 871 ? ? CE2 A TYR 871 ? ? 47.59  119.80 -72.21  1.60 N 
93  1 CZ  A TYR 871 ? ? CE2 A TYR 871 ? ? CD2 A TYR 871 ? ? 157.41 119.80 37.61   0.90 N 
94  1 CB  A PHE 872 ? ? CG  A PHE 872 ? ? CD2 A PHE 872 ? ? 161.51 120.80 40.71   0.70 N 
95  1 CD1 A PHE 872 ? ? CG  A PHE 872 ? ? CD2 A PHE 872 ? ? 38.89  118.30 -79.41  1.30 N 
96  1 CB  A PHE 872 ? ? CG  A PHE 872 ? ? CD1 A PHE 872 ? ? 159.60 120.80 38.80   0.70 N 
97  1 CG  A PHE 872 ? ? CD1 A PHE 872 ? ? CE1 A PHE 872 ? ? 159.62 120.80 38.82   1.10 N 
98  1 CG  A PHE 872 ? ? CD2 A PHE 872 ? ? CE2 A PHE 872 ? ? 161.53 120.80 40.73   1.10 N 
99  1 CD1 A PHE 872 ? ? CE1 A PHE 872 ? ? CZ  A PHE 872 ? ? 161.43 120.10 41.33   1.20 N 
100 1 CE1 A PHE 872 ? ? CZ  A PHE 872 ? ? CE2 A PHE 872 ? ? 38.99  120.00 -81.01  1.80 N 
101 1 CZ  A PHE 872 ? ? CE2 A PHE 872 ? ? CD2 A PHE 872 ? ? 159.54 120.10 39.44   1.20 N 
102 1 CB  A PHE 875 ? ? CG  A PHE 875 ? ? CD2 A PHE 875 ? ? 165.38 120.80 44.58   0.70 N 
103 1 CD1 A PHE 875 ? ? CG  A PHE 875 ? ? CD2 A PHE 875 ? ? 28.98  118.30 -89.32  1.30 N 
104 1 CB  A PHE 875 ? ? CG  A PHE 875 ? ? CD1 A PHE 875 ? ? 165.64 120.80 44.84   0.70 N 
105 1 CG  A PHE 875 ? ? CD1 A PHE 875 ? ? CE1 A PHE 875 ? ? 165.62 120.80 44.82   1.10 N 
106 1 CG  A PHE 875 ? ? CD2 A PHE 875 ? ? CE2 A PHE 875 ? ? 165.42 120.80 44.62   1.10 N 
107 1 CD1 A PHE 875 ? ? CE1 A PHE 875 ? ? CZ  A PHE 875 ? ? 165.37 120.10 45.27   1.20 N 
108 1 CE1 A PHE 875 ? ? CZ  A PHE 875 ? ? CE2 A PHE 875 ? ? 29.01  120.00 -90.99  1.80 N 
109 1 CZ  A PHE 875 ? ? CE2 A PHE 875 ? ? CD2 A PHE 875 ? ? 165.60 120.10 45.50   1.20 N 
110 1 OD1 A ASP 876 ? ? CG  A ASP 876 ? ? OD2 A ASP 876 ? ? 57.27  123.30 -66.03  1.90 N 
111 1 CB  A ASP 876 ? ? CG  A ASP 876 ? ? OD1 A ASP 876 ? ? 150.89 118.30 32.59   0.90 N 
112 1 CB  A ASP 876 ? ? CG  A ASP 876 ? ? OD2 A ASP 876 ? ? 151.84 118.30 33.54   0.90 N 
113 1 OD1 A ASP 878 ? ? CG  A ASP 878 ? ? OD2 A ASP 878 ? ? 52.34  123.30 -70.96  1.90 N 
114 1 CB  A ASP 878 ? ? CG  A ASP 878 ? ? OD1 A ASP 878 ? ? 156.64 118.30 38.34   0.90 N 
115 1 CB  A ASP 878 ? ? CG  A ASP 878 ? ? OD2 A ASP 878 ? ? 151.02 118.30 32.72   0.90 N 
116 1 CD1 A LEU 879 ? ? CG  A LEU 879 ? ? CD2 A LEU 879 ? ? 62.95  110.50 -47.55  3.00 N 
117 1 CB  A LEU 879 ? ? CG  A LEU 879 ? ? CD1 A LEU 879 ? ? 142.14 111.00 31.14   1.70 N 
118 1 CB  A LEU 879 ? ? CG  A LEU 879 ? ? CD2 A LEU 879 ? ? 142.21 111.00 31.21   1.70 N 
119 1 OE1 A GLN 881 ? ? CD  A GLN 881 ? ? NE2 A GLN 881 ? ? 53.66  121.90 -68.24  2.30 N 
120 1 CG  A GLN 881 ? ? CD  A GLN 881 ? ? OE1 A GLN 881 ? ? 159.58 121.60 37.98   2.00 N 
121 1 CG  A GLN 881 ? ? CD  A GLN 881 ? ? NE2 A GLN 881 ? ? 146.76 116.70 30.06   2.40 N 
122 1 OE1 A GLU 882 ? ? CD  A GLU 882 ? ? OE2 A GLU 882 ? ? 44.33  123.30 -78.97  1.20 N 
123 1 CG  A GLU 882 ? ? CD  A GLU 882 ? ? OE1 A GLU 882 ? ? 158.58 118.30 40.28   2.00 N 
124 1 CG  A GLU 882 ? ? CD  A GLU 882 ? ? OE2 A GLU 882 ? ? 157.09 118.30 38.79   2.00 N 
125 1 CB  A PHE 883 ? ? CG  A PHE 883 ? ? CD2 A PHE 883 ? ? 169.43 120.80 48.63   0.70 N 
126 1 CD1 A PHE 883 ? ? CG  A PHE 883 ? ? CD2 A PHE 883 ? ? 20.08  118.30 -98.22  1.30 N 
127 1 CB  A PHE 883 ? ? CG  A PHE 883 ? ? CD1 A PHE 883 ? ? 170.50 120.80 49.70   0.70 N 
128 1 CG  A PHE 883 ? ? CD1 A PHE 883 ? ? CE1 A PHE 883 ? ? 170.50 120.80 49.70   1.10 N 
129 1 CG  A PHE 883 ? ? CD2 A PHE 883 ? ? CE2 A PHE 883 ? ? 169.43 120.80 48.63   1.10 N 
130 1 CD1 A PHE 883 ? ? CE1 A PHE 883 ? ? CZ  A PHE 883 ? ? 169.48 120.10 49.38   1.20 N 
131 1 CE1 A PHE 883 ? ? CZ  A PHE 883 ? ? CE2 A PHE 883 ? ? 20.08  120.00 -99.92  1.80 N 
132 1 CZ  A PHE 883 ? ? CE2 A PHE 883 ? ? CD2 A PHE 883 ? ? 170.44 120.10 50.34   1.20 N 
133 1 OD1 A ASP 884 ? ? CG  A ASP 884 ? ? OD2 A ASP 884 ? ? 61.20  123.30 -62.10  1.90 N 
134 1 CB  A ASP 884 ? ? CG  A ASP 884 ? ? OD1 A ASP 884 ? ? 149.78 118.30 31.48   0.90 N 
135 1 CB  A ASP 884 ? ? CG  A ASP 884 ? ? OD2 A ASP 884 ? ? 149.01 118.30 30.71   0.90 N 
136 1 CG  A MET 885 ? ? SD  A MET 885 ? ? CE  A MET 885 ? ? 110.14 100.20 9.94    1.60 N 
137 1 CA  A GLY 893 ? ? C   A GLY 893 ? ? N   A SER 894 ? ? 137.93 117.20 20.73   2.20 Y 
138 1 O   A GLY 893 ? ? C   A GLY 893 ? ? N   A SER 894 ? ? 105.89 122.70 -16.81  1.60 Y 
139 1 C   A GLY 893 ? ? N   A SER 894 ? ? CA  A SER 894 ? ? 141.36 121.70 19.66   2.50 Y 
140 1 CD  A ARG 895 ? ? NE  A ARG 895 ? ? CZ  A ARG 895 ? ? 140.63 123.60 17.03   1.40 N 
141 1 NH1 A ARG 895 ? ? CZ  A ARG 895 ? ? NH2 A ARG 895 ? ? 103.73 119.40 -15.67  1.10 N 
142 1 NE  A ARG 895 ? ? CZ  A ARG 895 ? ? NH2 A ARG 895 ? ? 138.30 120.30 18.00   0.50 N 
143 1 OD1 A ASP 896 ? ? CG  A ASP 896 ? ? OD2 A ASP 896 ? ? 25.16  123.30 -98.14  1.90 N 
144 1 CB  A ASP 896 ? ? CG  A ASP 896 ? ? OD1 A ASP 896 ? ? 166.80 118.30 48.50   0.90 N 
145 1 CB  A ASP 896 ? ? CG  A ASP 896 ? ? OD2 A ASP 896 ? ? 168.04 118.30 49.74   0.90 N 
146 1 CA  A SER 905 ? ? CB  A SER 905 ? ? OG  A SER 905 ? ? 135.42 111.20 24.22   2.70 N 
147 1 OE1 A GLU 907 ? ? CD  A GLU 907 ? ? OE2 A GLU 907 ? ? 23.82  123.30 -99.48  1.20 N 
148 1 CG  A GLU 907 ? ? CD  A GLU 907 ? ? OE1 A GLU 907 ? ? 165.25 118.30 46.95   2.00 N 
149 1 CG  A GLU 907 ? ? CD  A GLU 907 ? ? OE2 A GLU 907 ? ? 170.93 118.30 52.63   2.00 N 
150 1 CG1 A ILE 913 ? ? CB  A ILE 913 ? ? CG2 A ILE 913 ? ? 88.26  111.40 -23.14  2.20 N 
151 1 CA  A ILE 913 ? ? CB  A ILE 913 ? ? CG1 A ILE 913 ? ? 124.02 111.00 13.02   1.90 N 
152 1 CA  A ILE 913 ? ? CB  A ILE 913 ? ? CG2 A ILE 913 ? ? 128.30 110.90 17.40   2.00 N 
153 1 CG  A ARG 914 ? ? CD  A ARG 914 ? ? NE  A ARG 914 ? ? 143.59 111.80 31.79   2.10 N 
154 1 CD  A ARG 914 ? ? NE  A ARG 914 ? ? CZ  A ARG 914 ? ? 159.64 123.60 36.04   1.40 N 
155 1 NE  A ARG 914 ? ? CZ  A ARG 914 ? ? NH1 A ARG 914 ? ? 81.66  120.30 -38.64  0.50 N 
156 1 NE  A ARG 914 ? ? CZ  A ARG 914 ? ? NH2 A ARG 914 ? ? 158.60 120.30 38.30   0.50 N 
157 1 CB  A ARG 916 ? ? CG  A ARG 916 ? ? CD  A ARG 916 ? ? 166.63 111.60 55.03   2.60 N 
158 1 CG  A ARG 916 ? ? CD  A ARG 916 ? ? NE  A ARG 916 ? ? 65.19  111.80 -46.61  2.10 N 
159 1 CD  A ARG 916 ? ? NE  A ARG 916 ? ? CZ  A ARG 916 ? ? 139.60 123.60 16.00   1.40 N 
160 1 NH1 A ARG 916 ? ? CZ  A ARG 916 ? ? NH2 A ARG 916 ? ? 141.92 119.40 22.52   1.10 N 
161 1 NE  A ARG 916 ? ? CZ  A ARG 916 ? ? NH1 A ARG 916 ? ? 79.83  120.30 -40.47  0.50 N 
162 1 NE  A ARG 916 ? ? CZ  A ARG 916 ? ? NH2 A ARG 916 ? ? 138.25 120.30 17.95   0.50 N 
163 1 CB  A ARG 917 ? ? CG  A ARG 917 ? ? CD  A ARG 917 ? ? 69.92  111.60 -41.68  2.60 N 
164 1 CG  A ARG 917 ? ? CD  A ARG 917 ? ? NE  A ARG 917 ? ? 89.95  111.80 -21.85  2.10 N 
165 1 NH1 A ARG 917 ? ? CZ  A ARG 917 ? ? NH2 A ARG 917 ? ? 130.90 119.40 11.50   1.10 N 
166 1 NE  A ARG 917 ? ? CZ  A ARG 917 ? ? NH1 A ARG 917 ? ? 106.79 120.30 -13.51  0.50 N 
167 1 CB  A CYS 922 ? ? CA  A CYS 922 ? ? C   A CYS 922 ? ? 91.52  110.40 -18.88  2.00 N 
168 1 N   A CYS 922 ? ? CA  A CYS 922 ? ? CB  A CYS 922 ? ? 123.87 110.80 13.07   1.50 N 
169 1 CA  A CYS 922 ? ? CB  A CYS 922 ? ? SG  A CYS 922 ? ? 131.04 114.20 16.84   1.10 N 
170 1 CA  A CYS 922 ? ? C   A CYS 922 ? ? O   A CYS 922 ? ? 145.00 120.10 24.90   2.10 N 
# 
loop_
_pdbx_validate_torsion.id 
_pdbx_validate_torsion.PDB_model_num 
_pdbx_validate_torsion.auth_comp_id 
_pdbx_validate_torsion.auth_asym_id 
_pdbx_validate_torsion.auth_seq_id 
_pdbx_validate_torsion.PDB_ins_code 
_pdbx_validate_torsion.label_alt_id 
_pdbx_validate_torsion.phi 
_pdbx_validate_torsion.psi 
1  1 THR A 840 ? ? -99.19  -61.91  
2  1 CYS A 842 ? ? -55.15  -9.19   
3  1 GLN A 843 ? ? -108.92 61.16   
4  1 THR A 844 ? ? 61.13   -51.24  
5  1 LYS A 845 ? ? -172.03 -5.78   
6  1 VAL A 846 ? ? 37.61   -126.64 
7  1 LEU A 847 ? ? 117.35  -142.52 
8  1 LEU A 848 ? ? 128.00  173.43  
9  1 ILE A 850 ? ? -76.78  -92.05  
10 1 PHE A 851 ? ? -59.66  28.32   
11 1 THR A 852 ? ? -36.84  107.09  
12 1 SER A 866 ? ? -28.31  -67.81  
13 1 ARG A 869 ? ? -66.33  -85.68  
14 1 PHE A 872 ? ? -45.55  -90.92  
15 1 VAL A 873 ? ? -31.54  -35.65  
16 1 ASP A 876 ? ? 146.74  11.12   
17 1 GLU A 882 ? ? -26.60  -69.38  
18 1 PHE A 883 ? ? -66.20  14.81   
19 1 MET A 885 ? ? -146.71 -39.18  
20 1 THR A 886 ? ? -5.24   -52.04  
21 1 ALA A 888 ? ? -46.56  -177.01 
22 1 THR A 889 ? ? -133.44 -42.01  
23 1 SER A 894 ? ? 85.60   172.15  
24 1 ARG A 895 ? ? -141.99 -32.31  
25 1 ASP A 896 ? ? -13.47  -77.99  
26 1 LYS A 897 ? ? -31.38  -34.13  
# 
_pdbx_validate_chiral.id              1 
_pdbx_validate_chiral.PDB_model_num   1 
_pdbx_validate_chiral.auth_atom_id    CA 
_pdbx_validate_chiral.label_alt_id    ? 
_pdbx_validate_chiral.auth_asym_id    A 
_pdbx_validate_chiral.auth_comp_id    CYS 
_pdbx_validate_chiral.auth_seq_id     922 
_pdbx_validate_chiral.PDB_ins_code    ? 
_pdbx_validate_chiral.details         PLANAR 
_pdbx_validate_chiral.omega           . 
# 
loop_
_pdbx_validate_polymer_linkage.id 
_pdbx_validate_polymer_linkage.PDB_model_num 
_pdbx_validate_polymer_linkage.auth_atom_id_1 
_pdbx_validate_polymer_linkage.auth_asym_id_1 
_pdbx_validate_polymer_linkage.auth_comp_id_1 
_pdbx_validate_polymer_linkage.auth_seq_id_1 
_pdbx_validate_polymer_linkage.PDB_ins_code_1 
_pdbx_validate_polymer_linkage.label_alt_id_1 
_pdbx_validate_polymer_linkage.auth_atom_id_2 
_pdbx_validate_polymer_linkage.auth_asym_id_2 
_pdbx_validate_polymer_linkage.auth_comp_id_2 
_pdbx_validate_polymer_linkage.auth_seq_id_2 
_pdbx_validate_polymer_linkage.PDB_ins_code_2 
_pdbx_validate_polymer_linkage.label_alt_id_2 
_pdbx_validate_polymer_linkage.dist 
1 1 C A GLY 835 ? ? N A SER 836 ? ? 0.87 
2 1 C A THR 844 ? ? N A LYS 845 ? ? 1.09 
3 1 C A VAL 846 ? ? N A LEU 847 ? ? 0.83 
4 1 C A LEU 847 ? ? N A LEU 848 ? ? 0.79 
5 1 C A GLY 893 ? ? N A SER 894 ? ? 1.15 
# 
_pdbx_nmr_ensemble.entry_id                                      1IMO 
_pdbx_nmr_ensemble.conformers_calculated_total_number            299 
_pdbx_nmr_ensemble.conformers_submitted_total_number             1 
_pdbx_nmr_ensemble.conformer_selection_criteria                  
'structure with the least restraint violations,structure with the lowest energy, target function' 
_pdbx_nmr_ensemble.average_constraints_per_residue               ? 
_pdbx_nmr_ensemble.average_constraint_violations_per_residue     ? 
_pdbx_nmr_ensemble.maximum_distance_constraint_violation         ? 
_pdbx_nmr_ensemble.average_distance_constraint_violation         ? 
_pdbx_nmr_ensemble.maximum_upper_distance_constraint_violation   ? 
_pdbx_nmr_ensemble.maximum_lower_distance_constraint_violation   ? 
_pdbx_nmr_ensemble.distance_constraint_violation_method          ? 
_pdbx_nmr_ensemble.maximum_torsion_angle_constraint_violation    ? 
_pdbx_nmr_ensemble.average_torsion_angle_constraint_violation    ? 
_pdbx_nmr_ensemble.torsion_angle_constraint_violation_method     ? 
# 
_pdbx_nmr_representative.entry_id             1IMO 
_pdbx_nmr_representative.conformer_id         1 
_pdbx_nmr_representative.selection_criteria   'minimized average structure' 
# 
_pdbx_nmr_sample_details.solution_id      1 
_pdbx_nmr_sample_details.contents         '50 mM NaH2PO4, 150 mM NaCl, 25 mM d10-DTTT' 
_pdbx_nmr_sample_details.solvent_system   '90-95% H2O and 10-5% D2O' 
# 
_pdbx_nmr_exptl_sample_conditions.conditions_id       1 
_pdbx_nmr_exptl_sample_conditions.temperature         288 
_pdbx_nmr_exptl_sample_conditions.pressure            ambient 
_pdbx_nmr_exptl_sample_conditions.pH                  6.6 
_pdbx_nmr_exptl_sample_conditions.ionic_strength      '0.4-1.0 mM' 
_pdbx_nmr_exptl_sample_conditions.pressure_units      ? 
_pdbx_nmr_exptl_sample_conditions.temperature_units   K 
# 
loop_
_pdbx_nmr_exptl.experiment_id 
_pdbx_nmr_exptl.solution_id 
_pdbx_nmr_exptl.conditions_id 
_pdbx_nmr_exptl.type 
1 1 1 3D_15N-separated_NOESY 
2 1 1 3D_13C-separated_NOESY 
3 1 1 '2D NOESY'             
4 1 1 HNHA                   
5 1 1 DQF-COSY               
# 
_pdbx_nmr_details.entry_id   1IMO 
_pdbx_nmr_details.text       'The structure was determined using triple-resonance NMR spectroscopy' 
# 
_pdbx_nmr_refine.entry_id           1IMO 
_pdbx_nmr_refine.method             'distance geometry, simulated annealing, torsion angle dynamics' 
_pdbx_nmr_refine.details            
;the structures are based on a total of 1072 restraints, 979 NOE-derived 
distance constraints, 25 dihedral angle restraints, 54 H bond restraints
from hydrogen bonds
;
_pdbx_nmr_refine.software_ordinal   1 
# 
loop_
_pdbx_nmr_software.name 
_pdbx_nmr_software.version 
_pdbx_nmr_software.classification 
_pdbx_nmr_software.authors 
_pdbx_nmr_software.ordinal 
Felix 2.3 processing           'MSI Inc.'        1 
Felix 2.3 'data analysis'      'MSI Inc.'        2 
DYANA 1.5 'structure solution' 'Wuthrich et al.' 3 
DYANA 1.5 refinement           'Wuthrich et al.' 4 
# 
loop_
_chem_comp_atom.comp_id 
_chem_comp_atom.atom_id 
_chem_comp_atom.type_symbol 
_chem_comp_atom.pdbx_aromatic_flag 
_chem_comp_atom.pdbx_stereo_config 
_chem_comp_atom.pdbx_ordinal 
ALA N    N N N 1   
ALA CA   C N S 2   
ALA C    C N N 3   
ALA O    O N N 4   
ALA CB   C N N 5   
ALA OXT  O N N 6   
ALA H    H N N 7   
ALA H2   H N N 8   
ALA HA   H N N 9   
ALA HB1  H N N 10  
ALA HB2  H N N 11  
ALA HB3  H N N 12  
ALA HXT  H N N 13  
ARG N    N N N 14  
ARG CA   C N S 15  
ARG C    C N N 16  
ARG O    O N N 17  
ARG CB   C N N 18  
ARG CG   C N N 19  
ARG CD   C N N 20  
ARG NE   N N N 21  
ARG CZ   C N N 22  
ARG NH1  N N N 23  
ARG NH2  N N N 24  
ARG OXT  O N N 25  
ARG H    H N N 26  
ARG H2   H N N 27  
ARG HA   H N N 28  
ARG HB2  H N N 29  
ARG HB3  H N N 30  
ARG HG2  H N N 31  
ARG HG3  H N N 32  
ARG HD2  H N N 33  
ARG HD3  H N N 34  
ARG HE   H N N 35  
ARG HH11 H N N 36  
ARG HH12 H N N 37  
ARG HH21 H N N 38  
ARG HH22 H N N 39  
ARG HXT  H N N 40  
ASN N    N N N 41  
ASN CA   C N S 42  
ASN C    C N N 43  
ASN O    O N N 44  
ASN CB   C N N 45  
ASN CG   C N N 46  
ASN OD1  O N N 47  
ASN ND2  N N N 48  
ASN OXT  O N N 49  
ASN H    H N N 50  
ASN H2   H N N 51  
ASN HA   H N N 52  
ASN HB2  H N N 53  
ASN HB3  H N N 54  
ASN HD21 H N N 55  
ASN HD22 H N N 56  
ASN HXT  H N N 57  
ASP N    N N N 58  
ASP CA   C N S 59  
ASP C    C N N 60  
ASP O    O N N 61  
ASP CB   C N N 62  
ASP CG   C N N 63  
ASP OD1  O N N 64  
ASP OD2  O N N 65  
ASP OXT  O N N 66  
ASP H    H N N 67  
ASP H2   H N N 68  
ASP HA   H N N 69  
ASP HB2  H N N 70  
ASP HB3  H N N 71  
ASP HD2  H N N 72  
ASP HXT  H N N 73  
CYS N    N N N 74  
CYS CA   C N R 75  
CYS C    C N N 76  
CYS O    O N N 77  
CYS CB   C N N 78  
CYS SG   S N N 79  
CYS OXT  O N N 80  
CYS H    H N N 81  
CYS H2   H N N 82  
CYS HA   H N N 83  
CYS HB2  H N N 84  
CYS HB3  H N N 85  
CYS HG   H N N 86  
CYS HXT  H N N 87  
GLN N    N N N 88  
GLN CA   C N S 89  
GLN C    C N N 90  
GLN O    O N N 91  
GLN CB   C N N 92  
GLN CG   C N N 93  
GLN CD   C N N 94  
GLN OE1  O N N 95  
GLN NE2  N N N 96  
GLN OXT  O N N 97  
GLN H    H N N 98  
GLN H2   H N N 99  
GLN HA   H N N 100 
GLN HB2  H N N 101 
GLN HB3  H N N 102 
GLN HG2  H N N 103 
GLN HG3  H N N 104 
GLN HE21 H N N 105 
GLN HE22 H N N 106 
GLN HXT  H N N 107 
GLU N    N N N 108 
GLU CA   C N S 109 
GLU C    C N N 110 
GLU O    O N N 111 
GLU CB   C N N 112 
GLU CG   C N N 113 
GLU CD   C N N 114 
GLU OE1  O N N 115 
GLU OE2  O N N 116 
GLU OXT  O N N 117 
GLU H    H N N 118 
GLU H2   H N N 119 
GLU HA   H N N 120 
GLU HB2  H N N 121 
GLU HB3  H N N 122 
GLU HG2  H N N 123 
GLU HG3  H N N 124 
GLU HE2  H N N 125 
GLU HXT  H N N 126 
GLY N    N N N 127 
GLY CA   C N N 128 
GLY C    C N N 129 
GLY O    O N N 130 
GLY OXT  O N N 131 
GLY H    H N N 132 
GLY H2   H N N 133 
GLY HA2  H N N 134 
GLY HA3  H N N 135 
GLY HXT  H N N 136 
HIS N    N N N 137 
HIS CA   C N S 138 
HIS C    C N N 139 
HIS O    O N N 140 
HIS CB   C N N 141 
HIS CG   C Y N 142 
HIS ND1  N Y N 143 
HIS CD2  C Y N 144 
HIS CE1  C Y N 145 
HIS NE2  N Y N 146 
HIS OXT  O N N 147 
HIS H    H N N 148 
HIS H2   H N N 149 
HIS HA   H N N 150 
HIS HB2  H N N 151 
HIS HB3  H N N 152 
HIS HD1  H N N 153 
HIS HD2  H N N 154 
HIS HE1  H N N 155 
HIS HE2  H N N 156 
HIS HXT  H N N 157 
ILE N    N N N 158 
ILE CA   C N S 159 
ILE C    C N N 160 
ILE O    O N N 161 
ILE CB   C N S 162 
ILE CG1  C N N 163 
ILE CG2  C N N 164 
ILE CD1  C N N 165 
ILE OXT  O N N 166 
ILE H    H N N 167 
ILE H2   H N N 168 
ILE HA   H N N 169 
ILE HB   H N N 170 
ILE HG12 H N N 171 
ILE HG13 H N N 172 
ILE HG21 H N N 173 
ILE HG22 H N N 174 
ILE HG23 H N N 175 
ILE HD11 H N N 176 
ILE HD12 H N N 177 
ILE HD13 H N N 178 
ILE HXT  H N N 179 
LEU N    N N N 180 
LEU CA   C N S 181 
LEU C    C N N 182 
LEU O    O N N 183 
LEU CB   C N N 184 
LEU CG   C N N 185 
LEU CD1  C N N 186 
LEU CD2  C N N 187 
LEU OXT  O N N 188 
LEU H    H N N 189 
LEU H2   H N N 190 
LEU HA   H N N 191 
LEU HB2  H N N 192 
LEU HB3  H N N 193 
LEU HG   H N N 194 
LEU HD11 H N N 195 
LEU HD12 H N N 196 
LEU HD13 H N N 197 
LEU HD21 H N N 198 
LEU HD22 H N N 199 
LEU HD23 H N N 200 
LEU HXT  H N N 201 
LYS N    N N N 202 
LYS CA   C N S 203 
LYS C    C N N 204 
LYS O    O N N 205 
LYS CB   C N N 206 
LYS CG   C N N 207 
LYS CD   C N N 208 
LYS CE   C N N 209 
LYS NZ   N N N 210 
LYS OXT  O N N 211 
LYS H    H N N 212 
LYS H2   H N N 213 
LYS HA   H N N 214 
LYS HB2  H N N 215 
LYS HB3  H N N 216 
LYS HG2  H N N 217 
LYS HG3  H N N 218 
LYS HD2  H N N 219 
LYS HD3  H N N 220 
LYS HE2  H N N 221 
LYS HE3  H N N 222 
LYS HZ1  H N N 223 
LYS HZ2  H N N 224 
LYS HZ3  H N N 225 
LYS HXT  H N N 226 
MET N    N N N 227 
MET CA   C N S 228 
MET C    C N N 229 
MET O    O N N 230 
MET CB   C N N 231 
MET CG   C N N 232 
MET SD   S N N 233 
MET CE   C N N 234 
MET OXT  O N N 235 
MET H    H N N 236 
MET H2   H N N 237 
MET HA   H N N 238 
MET HB2  H N N 239 
MET HB3  H N N 240 
MET HG2  H N N 241 
MET HG3  H N N 242 
MET HE1  H N N 243 
MET HE2  H N N 244 
MET HE3  H N N 245 
MET HXT  H N N 246 
PHE N    N N N 247 
PHE CA   C N S 248 
PHE C    C N N 249 
PHE O    O N N 250 
PHE CB   C N N 251 
PHE CG   C Y N 252 
PHE CD1  C Y N 253 
PHE CD2  C Y N 254 
PHE CE1  C Y N 255 
PHE CE2  C Y N 256 
PHE CZ   C Y N 257 
PHE OXT  O N N 258 
PHE H    H N N 259 
PHE H2   H N N 260 
PHE HA   H N N 261 
PHE HB2  H N N 262 
PHE HB3  H N N 263 
PHE HD1  H N N 264 
PHE HD2  H N N 265 
PHE HE1  H N N 266 
PHE HE2  H N N 267 
PHE HZ   H N N 268 
PHE HXT  H N N 269 
PRO N    N N N 270 
PRO CA   C N S 271 
PRO C    C N N 272 
PRO O    O N N 273 
PRO CB   C N N 274 
PRO CG   C N N 275 
PRO CD   C N N 276 
PRO OXT  O N N 277 
PRO H    H N N 278 
PRO HA   H N N 279 
PRO HB2  H N N 280 
PRO HB3  H N N 281 
PRO HG2  H N N 282 
PRO HG3  H N N 283 
PRO HD2  H N N 284 
PRO HD3  H N N 285 
PRO HXT  H N N 286 
SER N    N N N 287 
SER CA   C N S 288 
SER C    C N N 289 
SER O    O N N 290 
SER CB   C N N 291 
SER OG   O N N 292 
SER OXT  O N N 293 
SER H    H N N 294 
SER H2   H N N 295 
SER HA   H N N 296 
SER HB2  H N N 297 
SER HB3  H N N 298 
SER HG   H N N 299 
SER HXT  H N N 300 
THR N    N N N 301 
THR CA   C N S 302 
THR C    C N N 303 
THR O    O N N 304 
THR CB   C N R 305 
THR OG1  O N N 306 
THR CG2  C N N 307 
THR OXT  O N N 308 
THR H    H N N 309 
THR H2   H N N 310 
THR HA   H N N 311 
THR HB   H N N 312 
THR HG1  H N N 313 
THR HG21 H N N 314 
THR HG22 H N N 315 
THR HG23 H N N 316 
THR HXT  H N N 317 
TRP N    N N N 318 
TRP CA   C N S 319 
TRP C    C N N 320 
TRP O    O N N 321 
TRP CB   C N N 322 
TRP CG   C Y N 323 
TRP CD1  C Y N 324 
TRP CD2  C Y N 325 
TRP NE1  N Y N 326 
TRP CE2  C Y N 327 
TRP CE3  C Y N 328 
TRP CZ2  C Y N 329 
TRP CZ3  C Y N 330 
TRP CH2  C Y N 331 
TRP OXT  O N N 332 
TRP H    H N N 333 
TRP H2   H N N 334 
TRP HA   H N N 335 
TRP HB2  H N N 336 
TRP HB3  H N N 337 
TRP HD1  H N N 338 
TRP HE1  H N N 339 
TRP HE3  H N N 340 
TRP HZ2  H N N 341 
TRP HZ3  H N N 342 
TRP HH2  H N N 343 
TRP HXT  H N N 344 
TYR N    N N N 345 
TYR CA   C N S 346 
TYR C    C N N 347 
TYR O    O N N 348 
TYR CB   C N N 349 
TYR CG   C Y N 350 
TYR CD1  C Y N 351 
TYR CD2  C Y N 352 
TYR CE1  C Y N 353 
TYR CE2  C Y N 354 
TYR CZ   C Y N 355 
TYR OH   O N N 356 
TYR OXT  O N N 357 
TYR H    H N N 358 
TYR H2   H N N 359 
TYR HA   H N N 360 
TYR HB2  H N N 361 
TYR HB3  H N N 362 
TYR HD1  H N N 363 
TYR HD2  H N N 364 
TYR HE1  H N N 365 
TYR HE2  H N N 366 
TYR HH   H N N 367 
TYR HXT  H N N 368 
VAL N    N N N 369 
VAL CA   C N S 370 
VAL C    C N N 371 
VAL O    O N N 372 
VAL CB   C N N 373 
VAL CG1  C N N 374 
VAL CG2  C N N 375 
VAL OXT  O N N 376 
VAL H    H N N 377 
VAL H2   H N N 378 
VAL HA   H N N 379 
VAL HB   H N N 380 
VAL HG11 H N N 381 
VAL HG12 H N N 382 
VAL HG13 H N N 383 
VAL HG21 H N N 384 
VAL HG22 H N N 385 
VAL HG23 H N N 386 
VAL HXT  H N N 387 
# 
loop_
_chem_comp_bond.comp_id 
_chem_comp_bond.atom_id_1 
_chem_comp_bond.atom_id_2 
_chem_comp_bond.value_order 
_chem_comp_bond.pdbx_aromatic_flag 
_chem_comp_bond.pdbx_stereo_config 
_chem_comp_bond.pdbx_ordinal 
ALA N   CA   sing N N 1   
ALA N   H    sing N N 2   
ALA N   H2   sing N N 3   
ALA CA  C    sing N N 4   
ALA CA  CB   sing N N 5   
ALA CA  HA   sing N N 6   
ALA C   O    doub N N 7   
ALA C   OXT  sing N N 8   
ALA CB  HB1  sing N N 9   
ALA CB  HB2  sing N N 10  
ALA CB  HB3  sing N N 11  
ALA OXT HXT  sing N N 12  
ARG N   CA   sing N N 13  
ARG N   H    sing N N 14  
ARG N   H2   sing N N 15  
ARG CA  C    sing N N 16  
ARG CA  CB   sing N N 17  
ARG CA  HA   sing N N 18  
ARG C   O    doub N N 19  
ARG C   OXT  sing N N 20  
ARG CB  CG   sing N N 21  
ARG CB  HB2  sing N N 22  
ARG CB  HB3  sing N N 23  
ARG CG  CD   sing N N 24  
ARG CG  HG2  sing N N 25  
ARG CG  HG3  sing N N 26  
ARG CD  NE   sing N N 27  
ARG CD  HD2  sing N N 28  
ARG CD  HD3  sing N N 29  
ARG NE  CZ   sing N N 30  
ARG NE  HE   sing N N 31  
ARG CZ  NH1  sing N N 32  
ARG CZ  NH2  doub N N 33  
ARG NH1 HH11 sing N N 34  
ARG NH1 HH12 sing N N 35  
ARG NH2 HH21 sing N N 36  
ARG NH2 HH22 sing N N 37  
ARG OXT HXT  sing N N 38  
ASN N   CA   sing N N 39  
ASN N   H    sing N N 40  
ASN N   H2   sing N N 41  
ASN CA  C    sing N N 42  
ASN CA  CB   sing N N 43  
ASN CA  HA   sing N N 44  
ASN C   O    doub N N 45  
ASN C   OXT  sing N N 46  
ASN CB  CG   sing N N 47  
ASN CB  HB2  sing N N 48  
ASN CB  HB3  sing N N 49  
ASN CG  OD1  doub N N 50  
ASN CG  ND2  sing N N 51  
ASN ND2 HD21 sing N N 52  
ASN ND2 HD22 sing N N 53  
ASN OXT HXT  sing N N 54  
ASP N   CA   sing N N 55  
ASP N   H    sing N N 56  
ASP N   H2   sing N N 57  
ASP CA  C    sing N N 58  
ASP CA  CB   sing N N 59  
ASP CA  HA   sing N N 60  
ASP C   O    doub N N 61  
ASP C   OXT  sing N N 62  
ASP CB  CG   sing N N 63  
ASP CB  HB2  sing N N 64  
ASP CB  HB3  sing N N 65  
ASP CG  OD1  doub N N 66  
ASP CG  OD2  sing N N 67  
ASP OD2 HD2  sing N N 68  
ASP OXT HXT  sing N N 69  
CYS N   CA   sing N N 70  
CYS N   H    sing N N 71  
CYS N   H2   sing N N 72  
CYS CA  C    sing N N 73  
CYS CA  CB   sing N N 74  
CYS CA  HA   sing N N 75  
CYS C   O    doub N N 76  
CYS C   OXT  sing N N 77  
CYS CB  SG   sing N N 78  
CYS CB  HB2  sing N N 79  
CYS CB  HB3  sing N N 80  
CYS SG  HG   sing N N 81  
CYS OXT HXT  sing N N 82  
GLN N   CA   sing N N 83  
GLN N   H    sing N N 84  
GLN N   H2   sing N N 85  
GLN CA  C    sing N N 86  
GLN CA  CB   sing N N 87  
GLN CA  HA   sing N N 88  
GLN C   O    doub N N 89  
GLN C   OXT  sing N N 90  
GLN CB  CG   sing N N 91  
GLN CB  HB2  sing N N 92  
GLN CB  HB3  sing N N 93  
GLN CG  CD   sing N N 94  
GLN CG  HG2  sing N N 95  
GLN CG  HG3  sing N N 96  
GLN CD  OE1  doub N N 97  
GLN CD  NE2  sing N N 98  
GLN NE2 HE21 sing N N 99  
GLN NE2 HE22 sing N N 100 
GLN OXT HXT  sing N N 101 
GLU N   CA   sing N N 102 
GLU N   H    sing N N 103 
GLU N   H2   sing N N 104 
GLU CA  C    sing N N 105 
GLU CA  CB   sing N N 106 
GLU CA  HA   sing N N 107 
GLU C   O    doub N N 108 
GLU C   OXT  sing N N 109 
GLU CB  CG   sing N N 110 
GLU CB  HB2  sing N N 111 
GLU CB  HB3  sing N N 112 
GLU CG  CD   sing N N 113 
GLU CG  HG2  sing N N 114 
GLU CG  HG3  sing N N 115 
GLU CD  OE1  doub N N 116 
GLU CD  OE2  sing N N 117 
GLU OE2 HE2  sing N N 118 
GLU OXT HXT  sing N N 119 
GLY N   CA   sing N N 120 
GLY N   H    sing N N 121 
GLY N   H2   sing N N 122 
GLY CA  C    sing N N 123 
GLY CA  HA2  sing N N 124 
GLY CA  HA3  sing N N 125 
GLY C   O    doub N N 126 
GLY C   OXT  sing N N 127 
GLY OXT HXT  sing N N 128 
HIS N   CA   sing N N 129 
HIS N   H    sing N N 130 
HIS N   H2   sing N N 131 
HIS CA  C    sing N N 132 
HIS CA  CB   sing N N 133 
HIS CA  HA   sing N N 134 
HIS C   O    doub N N 135 
HIS C   OXT  sing N N 136 
HIS CB  CG   sing N N 137 
HIS CB  HB2  sing N N 138 
HIS CB  HB3  sing N N 139 
HIS CG  ND1  sing Y N 140 
HIS CG  CD2  doub Y N 141 
HIS ND1 CE1  doub Y N 142 
HIS ND1 HD1  sing N N 143 
HIS CD2 NE2  sing Y N 144 
HIS CD2 HD2  sing N N 145 
HIS CE1 NE2  sing Y N 146 
HIS CE1 HE1  sing N N 147 
HIS NE2 HE2  sing N N 148 
HIS OXT HXT  sing N N 149 
ILE N   CA   sing N N 150 
ILE N   H    sing N N 151 
ILE N   H2   sing N N 152 
ILE CA  C    sing N N 153 
ILE CA  CB   sing N N 154 
ILE CA  HA   sing N N 155 
ILE C   O    doub N N 156 
ILE C   OXT  sing N N 157 
ILE CB  CG1  sing N N 158 
ILE CB  CG2  sing N N 159 
ILE CB  HB   sing N N 160 
ILE CG1 CD1  sing N N 161 
ILE CG1 HG12 sing N N 162 
ILE CG1 HG13 sing N N 163 
ILE CG2 HG21 sing N N 164 
ILE CG2 HG22 sing N N 165 
ILE CG2 HG23 sing N N 166 
ILE CD1 HD11 sing N N 167 
ILE CD1 HD12 sing N N 168 
ILE CD1 HD13 sing N N 169 
ILE OXT HXT  sing N N 170 
LEU N   CA   sing N N 171 
LEU N   H    sing N N 172 
LEU N   H2   sing N N 173 
LEU CA  C    sing N N 174 
LEU CA  CB   sing N N 175 
LEU CA  HA   sing N N 176 
LEU C   O    doub N N 177 
LEU C   OXT  sing N N 178 
LEU CB  CG   sing N N 179 
LEU CB  HB2  sing N N 180 
LEU CB  HB3  sing N N 181 
LEU CG  CD1  sing N N 182 
LEU CG  CD2  sing N N 183 
LEU CG  HG   sing N N 184 
LEU CD1 HD11 sing N N 185 
LEU CD1 HD12 sing N N 186 
LEU CD1 HD13 sing N N 187 
LEU CD2 HD21 sing N N 188 
LEU CD2 HD22 sing N N 189 
LEU CD2 HD23 sing N N 190 
LEU OXT HXT  sing N N 191 
LYS N   CA   sing N N 192 
LYS N   H    sing N N 193 
LYS N   H2   sing N N 194 
LYS CA  C    sing N N 195 
LYS CA  CB   sing N N 196 
LYS CA  HA   sing N N 197 
LYS C   O    doub N N 198 
LYS C   OXT  sing N N 199 
LYS CB  CG   sing N N 200 
LYS CB  HB2  sing N N 201 
LYS CB  HB3  sing N N 202 
LYS CG  CD   sing N N 203 
LYS CG  HG2  sing N N 204 
LYS CG  HG3  sing N N 205 
LYS CD  CE   sing N N 206 
LYS CD  HD2  sing N N 207 
LYS CD  HD3  sing N N 208 
LYS CE  NZ   sing N N 209 
LYS CE  HE2  sing N N 210 
LYS CE  HE3  sing N N 211 
LYS NZ  HZ1  sing N N 212 
LYS NZ  HZ2  sing N N 213 
LYS NZ  HZ3  sing N N 214 
LYS OXT HXT  sing N N 215 
MET N   CA   sing N N 216 
MET N   H    sing N N 217 
MET N   H2   sing N N 218 
MET CA  C    sing N N 219 
MET CA  CB   sing N N 220 
MET CA  HA   sing N N 221 
MET C   O    doub N N 222 
MET C   OXT  sing N N 223 
MET CB  CG   sing N N 224 
MET CB  HB2  sing N N 225 
MET CB  HB3  sing N N 226 
MET CG  SD   sing N N 227 
MET CG  HG2  sing N N 228 
MET CG  HG3  sing N N 229 
MET SD  CE   sing N N 230 
MET CE  HE1  sing N N 231 
MET CE  HE2  sing N N 232 
MET CE  HE3  sing N N 233 
MET OXT HXT  sing N N 234 
PHE N   CA   sing N N 235 
PHE N   H    sing N N 236 
PHE N   H2   sing N N 237 
PHE CA  C    sing N N 238 
PHE CA  CB   sing N N 239 
PHE CA  HA   sing N N 240 
PHE C   O    doub N N 241 
PHE C   OXT  sing N N 242 
PHE CB  CG   sing N N 243 
PHE CB  HB2  sing N N 244 
PHE CB  HB3  sing N N 245 
PHE CG  CD1  doub Y N 246 
PHE CG  CD2  sing Y N 247 
PHE CD1 CE1  sing Y N 248 
PHE CD1 HD1  sing N N 249 
PHE CD2 CE2  doub Y N 250 
PHE CD2 HD2  sing N N 251 
PHE CE1 CZ   doub Y N 252 
PHE CE1 HE1  sing N N 253 
PHE CE2 CZ   sing Y N 254 
PHE CE2 HE2  sing N N 255 
PHE CZ  HZ   sing N N 256 
PHE OXT HXT  sing N N 257 
PRO N   CA   sing N N 258 
PRO N   CD   sing N N 259 
PRO N   H    sing N N 260 
PRO CA  C    sing N N 261 
PRO CA  CB   sing N N 262 
PRO CA  HA   sing N N 263 
PRO C   O    doub N N 264 
PRO C   OXT  sing N N 265 
PRO CB  CG   sing N N 266 
PRO CB  HB2  sing N N 267 
PRO CB  HB3  sing N N 268 
PRO CG  CD   sing N N 269 
PRO CG  HG2  sing N N 270 
PRO CG  HG3  sing N N 271 
PRO CD  HD2  sing N N 272 
PRO CD  HD3  sing N N 273 
PRO OXT HXT  sing N N 274 
SER N   CA   sing N N 275 
SER N   H    sing N N 276 
SER N   H2   sing N N 277 
SER CA  C    sing N N 278 
SER CA  CB   sing N N 279 
SER CA  HA   sing N N 280 
SER C   O    doub N N 281 
SER C   OXT  sing N N 282 
SER CB  OG   sing N N 283 
SER CB  HB2  sing N N 284 
SER CB  HB3  sing N N 285 
SER OG  HG   sing N N 286 
SER OXT HXT  sing N N 287 
THR N   CA   sing N N 288 
THR N   H    sing N N 289 
THR N   H2   sing N N 290 
THR CA  C    sing N N 291 
THR CA  CB   sing N N 292 
THR CA  HA   sing N N 293 
THR C   O    doub N N 294 
THR C   OXT  sing N N 295 
THR CB  OG1  sing N N 296 
THR CB  CG2  sing N N 297 
THR CB  HB   sing N N 298 
THR OG1 HG1  sing N N 299 
THR CG2 HG21 sing N N 300 
THR CG2 HG22 sing N N 301 
THR CG2 HG23 sing N N 302 
THR OXT HXT  sing N N 303 
TRP N   CA   sing N N 304 
TRP N   H    sing N N 305 
TRP N   H2   sing N N 306 
TRP CA  C    sing N N 307 
TRP CA  CB   sing N N 308 
TRP CA  HA   sing N N 309 
TRP C   O    doub N N 310 
TRP C   OXT  sing N N 311 
TRP CB  CG   sing N N 312 
TRP CB  HB2  sing N N 313 
TRP CB  HB3  sing N N 314 
TRP CG  CD1  doub Y N 315 
TRP CG  CD2  sing Y N 316 
TRP CD1 NE1  sing Y N 317 
TRP CD1 HD1  sing N N 318 
TRP CD2 CE2  doub Y N 319 
TRP CD2 CE3  sing Y N 320 
TRP NE1 CE2  sing Y N 321 
TRP NE1 HE1  sing N N 322 
TRP CE2 CZ2  sing Y N 323 
TRP CE3 CZ3  doub Y N 324 
TRP CE3 HE3  sing N N 325 
TRP CZ2 CH2  doub Y N 326 
TRP CZ2 HZ2  sing N N 327 
TRP CZ3 CH2  sing Y N 328 
TRP CZ3 HZ3  sing N N 329 
TRP CH2 HH2  sing N N 330 
TRP OXT HXT  sing N N 331 
TYR N   CA   sing N N 332 
TYR N   H    sing N N 333 
TYR N   H2   sing N N 334 
TYR CA  C    sing N N 335 
TYR CA  CB   sing N N 336 
TYR CA  HA   sing N N 337 
TYR C   O    doub N N 338 
TYR C   OXT  sing N N 339 
TYR CB  CG   sing N N 340 
TYR CB  HB2  sing N N 341 
TYR CB  HB3  sing N N 342 
TYR CG  CD1  doub Y N 343 
TYR CG  CD2  sing Y N 344 
TYR CD1 CE1  sing Y N 345 
TYR CD1 HD1  sing N N 346 
TYR CD2 CE2  doub Y N 347 
TYR CD2 HD2  sing N N 348 
TYR CE1 CZ   doub Y N 349 
TYR CE1 HE1  sing N N 350 
TYR CE2 CZ   sing Y N 351 
TYR CE2 HE2  sing N N 352 
TYR CZ  OH   sing N N 353 
TYR OH  HH   sing N N 354 
TYR OXT HXT  sing N N 355 
VAL N   CA   sing N N 356 
VAL N   H    sing N N 357 
VAL N   H2   sing N N 358 
VAL CA  C    sing N N 359 
VAL CA  CB   sing N N 360 
VAL CA  HA   sing N N 361 
VAL C   O    doub N N 362 
VAL C   OXT  sing N N 363 
VAL CB  CG1  sing N N 364 
VAL CB  CG2  sing N N 365 
VAL CB  HB   sing N N 366 
VAL CG1 HG11 sing N N 367 
VAL CG1 HG12 sing N N 368 
VAL CG1 HG13 sing N N 369 
VAL CG2 HG21 sing N N 370 
VAL CG2 HG22 sing N N 371 
VAL CG2 HG23 sing N N 372 
VAL OXT HXT  sing N N 373 
# 
_pdbx_nmr_spectrometer.spectrometer_id   1 
_pdbx_nmr_spectrometer.type              ? 
_pdbx_nmr_spectrometer.manufacturer      Varian 
_pdbx_nmr_spectrometer.model             INOVA 
_pdbx_nmr_spectrometer.field_strength    600 
# 
_atom_sites.entry_id                    1IMO 
_atom_sites.fract_transf_matrix[1][1]   1.000000 
_atom_sites.fract_transf_matrix[1][2]   0.000000 
_atom_sites.fract_transf_matrix[1][3]   0.000000 
_atom_sites.fract_transf_matrix[2][1]   0.000000 
_atom_sites.fract_transf_matrix[2][2]   1.000000 
_atom_sites.fract_transf_matrix[2][3]   0.000000 
_atom_sites.fract_transf_matrix[3][1]   0.000000 
_atom_sites.fract_transf_matrix[3][2]   0.000000 
_atom_sites.fract_transf_matrix[3][3]   1.000000 
_atom_sites.fract_transf_vector[1]      0.00000 
_atom_sites.fract_transf_vector[2]      0.00000 
_atom_sites.fract_transf_vector[3]      0.00000 
# 
loop_
_atom_type.symbol 
C 
H 
N 
O 
S 
# 
loop_
_atom_site.group_PDB 
_atom_site.id 
_atom_site.type_symbol 
_atom_site.label_atom_id 
_atom_site.label_alt_id 
_atom_site.label_comp_id 
_atom_site.label_asym_id 
_atom_site.label_entity_id 
_atom_site.label_seq_id 
_atom_site.pdbx_PDB_ins_code 
_atom_site.Cartn_x 
_atom_site.Cartn_y 
_atom_site.Cartn_z 
_atom_site.occupancy 
_atom_site.B_iso_or_equiv 
_atom_site.pdbx_formal_charge 
_atom_site.auth_seq_id 
_atom_site.auth_comp_id 
_atom_site.auth_asym_id 
_atom_site.auth_atom_id 
_atom_site.pdbx_PDB_model_num 
ATOM 1    N N    . GLY A 1 1  ? 10.562  -2.631  12.450  1.00 2.99 ? 835 GLY A N    1 
ATOM 2    C CA   . GLY A 1 1  ? 10.279  -3.077  12.251  1.00 2.56 ? 835 GLY A CA   1 
ATOM 3    C C    . GLY A 1 1  ? 9.111   -3.615  12.326  1.00 2.00 ? 835 GLY A C    1 
ATOM 4    O O    . GLY A 1 1  ? 8.924   -4.094  12.705  1.00 2.49 ? 835 GLY A O    1 
ATOM 5    H H    . GLY A 1 1  ? 10.446  -2.437  12.550  1.00 3.24 ? 835 GLY A H    1 
ATOM 6    H HA2  . GLY A 1 1  ? 10.423  -3.013  11.933  1.00 3.03 ? 835 GLY A HA2  1 
ATOM 7    H HA3  . GLY A 1 1  ? 10.767  -3.091  12.365  1.00 2.80 ? 835 GLY A HA3  1 
ATOM 8    N N    . SER A 1 2  ? 8.323   -3.535  11.962  1.00 1.47 ? 836 SER A N    1 
ATOM 9    C CA   . SER A 1 2  ? 7.179   -4.012  11.989  1.00 1.01 ? 836 SER A CA   1 
ATOM 10   C C    . SER A 1 2  ? 6.978   -5.110  10.975  1.00 0.93 ? 836 SER A C    1 
ATOM 11   O O    . SER A 1 2  ? 6.580   -6.139  11.283  1.00 1.14 ? 836 SER A O    1 
ATOM 12   C CB   . SER A 1 2  ? 6.362   -3.004  11.834  1.00 1.13 ? 836 SER A CB   1 
ATOM 13   O OG   . SER A 1 2  ? 6.248   -2.521  12.181  1.00 1.76 ? 836 SER A OG   1 
ATOM 14   H H    . SER A 1 2  ? 8.519   -3.131  11.659  1.00 1.86 ? 836 SER A H    1 
ATOM 15   H HA   . SER A 1 2  ? 7.053   -4.306  12.875  1.00 1.15 ? 836 SER A HA   1 
ATOM 16   H HB2  . SER A 1 2  ? 6.359   -2.753  11.519  1.00 1.63 ? 836 SER A HB2  1 
ATOM 17   H HB3  . SER A 1 2  ? 5.870   -2.908  11.771  1.00 1.52 ? 836 SER A HB3  1 
ATOM 18   H HG   . SER A 1 2  ? 6.172   -2.167  12.295  1.00 2.04 ? 836 SER A HG   1 
ATOM 19   N N    . ALA A 1 3  ? 7.256   -4.888  9.763   1.00 0.82 ? 837 ALA A N    1 
ATOM 20   C CA   . ALA A 1 3  ? 7.104   -5.857  8.712   1.00 0.75 ? 837 ALA A CA   1 
ATOM 21   C C    . ALA A 1 3  ? 7.454   -7.237  9.228   1.00 0.75 ? 837 ALA A C    1 
ATOM 22   O O    . ALA A 1 3  ? 6.629   -8.121  9.256   1.00 0.70 ? 837 ALA A O    1 
ATOM 23   C CB   . ALA A 1 3  ? 7.992   -5.475  7.550   1.00 0.81 ? 837 ALA A CB   1 
ATOM 24   H H    . ALA A 1 3  ? 7.581   -4.025  9.562   1.00 0.95 ? 837 ALA A H    1 
ATOM 25   H HA   . ALA A 1 3  ? 6.076   -5.858  8.381   1.00 0.71 ? 837 ALA A HA   1 
ATOM 26   H HB1  . ALA A 1 3  ? 8.020   -5.372  7.162   1.00 1.35 ? 837 ALA A HB1  1 
ATOM 27   H HB2  . ALA A 1 3  ? 8.293   -5.206  7.352   1.00 1.23 ? 837 ALA A HB2  1 
ATOM 28   H HB3  . ALA A 1 3  ? 8.298   -5.574  7.305   1.00 1.33 ? 837 ALA A HB3  1 
ATOM 29   N N    . ASP A 1 4  ? 8.681   -7.419  9.635   1.00 0.88 ? 838 ASP A N    1 
ATOM 30   C CA   . ASP A 1 4  ? 9.132   -8.688  10.146  1.00 0.95 ? 838 ASP A CA   1 
ATOM 31   C C    . ASP A 1 4  ? 8.177   -9.186  11.201  1.00 0.96 ? 838 ASP A C    1 
ATOM 32   O O    . ASP A 1 4  ? 8.019   -10.352 11.385  1.00 1.09 ? 838 ASP A O    1 
ATOM 33   C CB   . ASP A 1 4  ? 10.526  -8.539  10.717  1.00 1.05 ? 838 ASP A CB   1 
ATOM 34   C CG   . ASP A 1 4  ? 11.127  -8.354  10.645  1.00 2.03 ? 838 ASP A CG   1 
ATOM 35   O OD1  . ASP A 1 4  ? 11.271  -8.086  10.533  1.00 2.74 ? 838 ASP A OD1  1 
ATOM 36   O OD2  . ASP A 1 4  ? 11.432  -8.483  10.703  1.00 2.71 ? 838 ASP A OD2  1 
ATOM 37   H H    . ASP A 1 4  ? 9.321   -6.659  9.592   1.00 0.99 ? 838 ASP A H    1 
ATOM 38   H HA   . ASP A 1 4  ? 9.159   -9.400  9.335   1.00 0.95 ? 838 ASP A HA   1 
ATOM 39   H HB2  . ASP A 1 4  ? 10.743  -8.371  11.013  1.00 1.46 ? 838 ASP A HB2  1 
ATOM 40   H HB3  . ASP A 1 4  ? 10.888  -8.732  10.892  1.00 1.21 ? 838 ASP A HB3  1 
ATOM 41   N N    . GLU A 1 5  ? 7.540   -8.300  11.896  1.00 0.95 ? 839 GLU A N    1 
ATOM 42   C CA   . GLU A 1 5  ? 6.605   -8.657  12.926  1.00 1.02 ? 839 GLU A CA   1 
ATOM 43   C C    . GLU A 1 5  ? 5.234   -8.882  12.337  1.00 0.90 ? 839 GLU A C    1 
ATOM 44   O O    . GLU A 1 5  ? 4.416   -9.560  12.904  1.00 1.03 ? 839 GLU A O    1 
ATOM 45   C CB   . GLU A 1 5  ? 6.568   -7.564  13.957  1.00 1.18 ? 839 GLU A CB   1 
ATOM 46   C CG   . GLU A 1 5  ? 7.370   -7.979  15.143  1.00 1.38 ? 839 GLU A CG   1 
ATOM 47   C CD   . GLU A 1 5  ? 6.579   -8.155  16.213  1.00 1.77 ? 839 GLU A CD   1 
ATOM 48   O OE1  . GLU A 1 5  ? 6.161   -8.317  16.509  1.00 2.16 ? 839 GLU A OE1  1 
ATOM 49   O OE2  . GLU A 1 5  ? 6.408   -8.123  16.716  1.00 2.33 ? 839 GLU A OE2  1 
ATOM 50   H H    . GLU A 1 5  ? 7.704   -7.353  11.706  1.00 0.99 ? 839 GLU A H    1 
ATOM 51   H HA   . GLU A 1 5  ? 6.935   -9.569  13.395  1.00 1.11 ? 839 GLU A HA   1 
ATOM 52   H HB2  . GLU A 1 5  ? 6.983   -6.665  13.547  1.00 1.20 ? 839 GLU A HB2  1 
ATOM 53   H HB3  . GLU A 1 5  ? 5.553   -7.384  14.254  1.00 1.19 ? 839 GLU A HB3  1 
ATOM 54   H HG2  . GLU A 1 5  ? 7.855   -8.817  14.992  1.00 1.36 ? 839 GLU A HG2  1 
ATOM 55   H HG3  . GLU A 1 5  ? 8.048   -7.316  15.376  1.00 1.54 ? 839 GLU A HG3  1 
ATOM 56   N N    . THR A 1 6  ? 4.982   -8.312  11.198  1.00 0.72 ? 840 THR A N    1 
ATOM 57   C CA   . THR A 1 6  ? 3.713   -8.457  10.542  1.00 0.63 ? 840 THR A CA   1 
ATOM 58   C C    . THR A 1 6  ? 3.806   -9.502  9.473   1.00 0.49 ? 840 THR A C    1 
ATOM 59   O O    . THR A 1 6  ? 3.145   -10.492 9.520   1.00 0.42 ? 840 THR A O    1 
ATOM 60   C CB   . THR A 1 6  ? 3.287   -7.135  9.949   1.00 0.78 ? 840 THR A CB   1 
ATOM 61   O OG1  . THR A 1 6  ? 3.460   -6.291  10.521  1.00 1.36 ? 840 THR A OG1  1 
ATOM 62   C CG2  . THR A 1 6  ? 2.165   -6.928  9.668   1.00 0.82 ? 840 THR A CG2  1 
ATOM 63   H H    . THR A 1 6  ? 5.688   -7.765  10.771  1.00 0.72 ? 840 THR A H    1 
ATOM 64   H HA   . THR A 1 6  ? 2.984   -8.764  11.270  1.00 0.64 ? 840 THR A HA   1 
ATOM 65   H HB   . THR A 1 6  ? 3.651   -6.989  9.284   1.00 1.32 ? 840 THR A HB   1 
ATOM 66   H HG1  . THR A 1 6  ? 3.618   -5.755  10.395  1.00 1.60 ? 840 THR A HG1  1 
ATOM 67   H HG21 . THR A 1 6  ? 1.959   -7.121  9.700   1.00 1.42 ? 840 THR A HG21 1 
ATOM 68   H HG22 . THR A 1 6  ? 1.845   -6.674  9.645   1.00 1.38 ? 840 THR A HG22 1 
ATOM 69   H HG23 . THR A 1 6  ? 1.890   -6.839  9.458   1.00 1.41 ? 840 THR A HG23 1 
ATOM 70   N N    . LEU A 1 7  ? 4.630   -9.280  8.505   1.00 0.69 ? 841 LEU A N    1 
ATOM 71   C CA   . LEU A 1 7  ? 4.806   -10.202 7.430   1.00 0.75 ? 841 LEU A CA   1 
ATOM 72   C C    . LEU A 1 7  ? 5.336   -11.484 7.958   1.00 0.77 ? 841 LEU A C    1 
ATOM 73   O O    . LEU A 1 7  ? 5.487   -12.434 7.216   1.00 0.89 ? 841 LEU A O    1 
ATOM 74   C CB   . LEU A 1 7  ? 5.734   -9.618  6.433   1.00 1.07 ? 841 LEU A CB   1 
ATOM 75   C CG   . LEU A 1 7  ? 5.606   -9.740  5.216   1.00 0.58 ? 841 LEU A CG   1 
ATOM 76   C CD1  . LEU A 1 7  ? 6.059   -10.419 4.729   1.00 1.29 ? 841 LEU A CD1  1 
ATOM 77   C CD2  . LEU A 1 7  ? 4.620   -9.935  5.246   1.00 1.13 ? 841 LEU A CD2  1 
ATOM 78   H H    . LEU A 1 7  ? 5.150   -8.450  8.513   1.00 0.89 ? 841 LEU A H    1 
ATOM 79   H HA   . LEU A 1 7  ? 3.864   -10.386 6.949   1.00 0.66 ? 841 LEU A HA   1 
ATOM 80   H HB2  . LEU A 1 7  ? 5.770   -8.854  6.502   1.00 1.61 ? 841 LEU A HB2  1 
ATOM 81   H HB3  . LEU A 1 7  ? 6.452   -9.881  6.521   1.00 1.59 ? 841 LEU A HB3  1 
ATOM 82   H HG   . LEU A 1 7  ? 5.894   -9.202  4.672   1.00 1.10 ? 841 LEU A HG   1 
ATOM 83   H HD11 . LEU A 1 7  ? 6.167   -10.396 4.573   1.00 1.87 ? 841 LEU A HD11 1 
ATOM 84   H HD12 . LEU A 1 7  ? 6.184   -10.576 4.827   1.00 1.88 ? 841 LEU A HD12 1 
ATOM 85   H HD13 . LEU A 1 7  ? 6.152   -10.771 4.437   1.00 1.78 ? 841 LEU A HD13 1 
ATOM 86   H HD21 . LEU A 1 7  ? 4.168   -9.764  5.032   1.00 1.54 ? 841 LEU A HD21 1 
ATOM 87   H HD22 . LEU A 1 7  ? 4.470   -10.271 5.117   1.00 1.66 ? 841 LEU A HD22 1 
ATOM 88   H HD23 . LEU A 1 7  ? 4.518   -9.909  5.609   1.00 1.82 ? 841 LEU A HD23 1 
ATOM 89   N N    . CYS A 1 8  ? 5.618   -11.508 9.244   1.00 0.76 ? 842 CYS A N    1 
ATOM 90   C CA   . CYS A 1 8  ? 6.128   -12.669 9.869   1.00 0.95 ? 842 CYS A CA   1 
ATOM 91   C C    . CYS A 1 8  ? 5.203   -13.821 9.615   1.00 0.94 ? 842 CYS A C    1 
ATOM 92   O O    . CYS A 1 8  ? 5.520   -14.932 9.911   1.00 1.19 ? 842 CYS A O    1 
ATOM 93   C CB   . CYS A 1 8  ? 6.297   -12.401 11.340  1.00 1.02 ? 842 CYS A CB   1 
ATOM 94   S SG   . CYS A 1 8  ? 6.730   -13.429 12.114  1.00 1.36 ? 842 CYS A SG   1 
ATOM 95   H H    . CYS A 1 8  ? 5.476   -10.699 9.808   1.00 0.69 ? 842 CYS A H    1 
ATOM 96   H HA   . CYS A 1 8  ? 7.076   -12.903 9.452   1.00 1.14 ? 842 CYS A HA   1 
ATOM 97   H HB2  . CYS A 1 8  ? 6.816   -11.829 11.494  1.00 1.40 ? 842 CYS A HB2  1 
ATOM 98   H HB3  . CYS A 1 8  ? 5.641   -12.171 11.764  1.00 1.31 ? 842 CYS A HB3  1 
ATOM 99   H HG   . CYS A 1 8  ? 6.886   -13.316 12.708  1.00 1.65 ? 842 CYS A HG   1 
ATOM 100  N N    . GLN A 1 9  ? 4.057   -13.555 9.064   1.00 0.71 ? 843 GLN A N    1 
ATOM 101  C CA   . GLN A 1 9  ? 3.095   -14.568 8.776   1.00 0.79 ? 843 GLN A CA   1 
ATOM 102  C C    . GLN A 1 9  ? 3.004   -14.790 7.283   1.00 0.78 ? 843 GLN A C    1 
ATOM 103  O O    . GLN A 1 9  ? 2.007   -14.611 6.678   1.00 0.74 ? 843 GLN A O    1 
ATOM 104  C CB   . GLN A 1 9  ? 1.758   -14.158 9.340   1.00 0.75 ? 843 GLN A CB   1 
ATOM 105  C CG   . GLN A 1 9  ? 1.953   -13.400 10.638  1.00 0.72 ? 843 GLN A CG   1 
ATOM 106  C CD   . GLN A 1 9  ? 1.349   -14.128 11.800  1.00 0.92 ? 843 GLN A CD   1 
ATOM 107  O OE1  . GLN A 1 9  ? 0.644   -14.640 11.860  1.00 1.40 ? 843 GLN A OE1  1 
ATOM 108  N NE2  . GLN A 1 9  ? 1.627   -14.173 12.724  1.00 1.28 ? 843 GLN A NE2  1 
ATOM 109  H H    . GLN A 1 9  ? 3.844   -12.624 8.839   1.00 0.56 ? 843 GLN A H    1 
ATOM 110  H HA   . GLN A 1 9  ? 3.408   -15.482 9.246   1.00 0.95 ? 843 GLN A HA   1 
ATOM 111  H HB2  . GLN A 1 9  ? 1.251   -13.531 8.629   1.00 0.65 ? 843 GLN A HB2  1 
ATOM 112  H HB3  . GLN A 1 9  ? 1.168   -15.031 9.528   1.00 0.91 ? 843 GLN A HB3  1 
ATOM 113  H HG2  . GLN A 1 9  ? 3.000   -13.277 10.813  1.00 0.74 ? 843 GLN A HG2  1 
ATOM 114  H HG3  . GLN A 1 9  ? 1.492   -12.439 10.559  1.00 0.63 ? 843 GLN A HG3  1 
ATOM 115  H HE21 . GLN A 1 9  ? 2.211   -13.736 12.629  1.00 1.75 ? 843 GLN A HE21 1 
ATOM 116  H HE22 . GLN A 1 9  ? 1.251   -14.642 13.518  1.00 1.41 ? 843 GLN A HE22 1 
ATOM 117  N N    . THR A 1 10 ? 4.051   -15.179 6.690   1.00 1.01 ? 844 THR A N    1 
ATOM 118  C CA   . THR A 1 10 ? 4.080   -15.423 5.273   1.00 1.10 ? 844 THR A CA   1 
ATOM 119  C C    . THR A 1 10 ? 3.782   -14.252 4.516   1.00 0.93 ? 844 THR A C    1 
ATOM 120  O O    . THR A 1 10 ? 4.218   -14.067 4.001   1.00 1.49 ? 844 THR A O    1 
ATOM 121  C CB   . THR A 1 10 ? 3.159   -16.436 4.898   1.00 1.17 ? 844 THR A CB   1 
ATOM 122  O OG1  . THR A 1 10 ? 3.796   -17.436 4.320   1.00 1.58 ? 844 THR A OG1  1 
ATOM 123  C CG2  . THR A 1 10 ? 2.209   -15.910 3.908   1.00 1.00 ? 844 THR A CG2  1 
ATOM 124  H H    . THR A 1 10 ? 4.847   -15.312 7.231   1.00 1.20 ? 844 THR A H    1 
ATOM 125  H HA   . THR A 1 10 ? 5.001   -15.731 5.026   1.00 1.45 ? 844 THR A HA   1 
ATOM 126  H HB   . THR A 1 10 ? 2.688   -16.764 5.785   1.00 1.22 ? 844 THR A HB   1 
ATOM 127  H HG1  . THR A 1 10 ? 3.669   -17.873 4.435   1.00 2.02 ? 844 THR A HG1  1 
ATOM 128  H HG21 . THR A 1 10 ? 2.070   -15.553 3.698   1.00 1.47 ? 844 THR A HG21 1 
ATOM 129  H HG22 . THR A 1 10 ? 2.122   -15.961 3.532   1.00 1.36 ? 844 THR A HG22 1 
ATOM 130  H HG23 . THR A 1 10 ? 1.755   -15.841 3.785   1.00 1.36 ? 844 THR A HG23 1 
ATOM 131  N N    . LYS A 1 11 ? 3.035   -13.462 4.446   1.00 1.02 ? 845 LYS A N    1 
ATOM 132  C CA   . LYS A 1 11 ? 2.682   -12.316 3.752   1.00 0.86 ? 845 LYS A CA   1 
ATOM 133  C C    . LYS A 1 11 ? 1.558   -11.686 4.421   1.00 0.57 ? 845 LYS A C    1 
ATOM 134  O O    . LYS A 1 11 ? 1.166   -10.641 4.049   1.00 0.66 ? 845 LYS A O    1 
ATOM 135  C CB   . LYS A 1 11 ? 2.364   -12.645 2.307   1.00 0.94 ? 845 LYS A CB   1 
ATOM 136  C CG   . LYS A 1 11 ? 3.488   -12.400 1.462   1.00 1.05 ? 845 LYS A CG   1 
ATOM 137  C CD   . LYS A 1 11 ? 4.534   -12.263 1.598   1.00 1.30 ? 845 LYS A CD   1 
ATOM 138  C CE   . LYS A 1 11 ? 5.499   -11.733 2.372   1.00 1.40 ? 845 LYS A CE   1 
ATOM 139  N NZ   . LYS A 1 11 ? 6.537   -12.082 1.839   1.00 1.99 ? 845 LYS A NZ   1 
ATOM 140  H H    . LYS A 1 11 ? 2.700   -13.657 4.886   1.00 1.63 ? 845 LYS A H    1 
ATOM 141  H HA   . LYS A 1 11 ? 3.482   -11.662 3.789   1.00 1.07 ? 845 LYS A HA   1 
ATOM 142  H HB2  . LYS A 1 11 ? 2.105   -13.629 2.197   1.00 0.99 ? 845 LYS A HB2  1 
ATOM 143  H HB3  . LYS A 1 11 ? 1.590   -12.070 1.986   1.00 1.12 ? 845 LYS A HB3  1 
ATOM 144  H HG2  . LYS A 1 11 ? 3.602   -12.780 1.045   1.00 1.41 ? 845 LYS A HG2  1 
ATOM 145  H HG3  . LYS A 1 11 ? 3.432   -11.944 1.175   1.00 1.66 ? 845 LYS A HG3  1 
ATOM 146  H HD2  . LYS A 1 11 ? 4.550   -12.682 1.562   1.00 1.89 ? 845 LYS A HD2  1 
ATOM 147  H HD3  . LYS A 1 11 ? 4.575   -12.124 1.181   1.00 1.81 ? 845 LYS A HD3  1 
ATOM 148  H HE2  . LYS A 1 11 ? 5.480   -10.824 2.440   1.00 1.55 ? 845 LYS A HE2  1 
ATOM 149  H HE3  . LYS A 1 11 ? 5.438   -11.989 3.272   1.00 1.31 ? 845 LYS A HE3  1 
ATOM 150  H HZ1  . LYS A 1 11 ? 6.721   -12.018 1.480   1.00 2.45 ? 845 LYS A HZ1  1 
ATOM 151  H HZ2  . LYS A 1 11 ? 6.957   -12.005 1.933   1.00 2.30 ? 845 LYS A HZ2  1 
ATOM 152  H HZ3  . LYS A 1 11 ? 6.645   -12.464 1.739   1.00 2.23 ? 845 LYS A HZ3  1 
ATOM 153  N N    . VAL A 1 12 ? 1.038   -12.327 5.411   1.00 0.53 ? 846 VAL A N    1 
ATOM 154  C CA   . VAL A 1 12 ? -0.037  -11.829 6.125   1.00 0.64 ? 846 VAL A CA   1 
ATOM 155  C C    . VAL A 1 12 ? -0.978  -11.138 5.190   1.00 0.76 ? 846 VAL A C    1 
ATOM 156  O O    . VAL A 1 12 ? -1.273  -11.154 4.747   1.00 1.75 ? 846 VAL A O    1 
ATOM 157  C CB   . VAL A 1 12 ? 0.468   -10.936 7.203   1.00 0.68 ? 846 VAL A CB   1 
ATOM 158  C CG1  . VAL A 1 12 ? 1.148   -11.291 8.103   1.00 0.83 ? 846 VAL A CG1  1 
ATOM 159  C CG2  . VAL A 1 12 ? 1.070   -10.137 6.856   1.00 1.25 ? 846 VAL A CG2  1 
ATOM 160  H H    . VAL A 1 12 ? 1.396   -13.184 5.677   1.00 0.68 ? 846 VAL A H    1 
ATOM 161  H HA   . VAL A 1 12 ? -0.535  -12.619 6.570   1.00 0.86 ? 846 VAL A HA   1 
ATOM 162  H HB   . VAL A 1 12 ? -0.085  -10.613 7.578   1.00 1.34 ? 846 VAL A HB   1 
ATOM 163  H HG11 . VAL A 1 12 ? 1.378   -11.381 8.256   1.00 1.53 ? 846 VAL A HG11 1 
ATOM 164  H HG12 . VAL A 1 12 ? 1.273   -11.267 8.355   1.00 1.37 ? 846 VAL A HG12 1 
ATOM 165  H HG13 . VAL A 1 12 ? 1.279   -11.475 8.343   1.00 1.42 ? 846 VAL A HG13 1 
ATOM 166  H HG21 . VAL A 1 12 ? 1.355   -9.818  6.985   1.00 1.69 ? 846 VAL A HG21 1 
ATOM 167  H HG22 . VAL A 1 12 ? 1.252   -10.107 6.616   1.00 1.73 ? 846 VAL A HG22 1 
ATOM 168  H HG23 . VAL A 1 12 ? 1.032   -9.915  6.718   1.00 1.92 ? 846 VAL A HG23 1 
ATOM 169  N N    . LEU A 1 13 ? -1.449  -10.528 4.891   1.00 0.67 ? 847 LEU A N    1 
ATOM 170  C CA   . LEU A 1 13 ? -2.352  -9.835  4.013   1.00 0.63 ? 847 LEU A CA   1 
ATOM 171  C C    . LEU A 1 13 ? -3.609  -9.488  4.748   1.00 0.79 ? 847 LEU A C    1 
ATOM 172  O O    . LEU A 1 13 ? -3.961  -9.386  4.980   1.00 1.79 ? 847 LEU A O    1 
ATOM 173  C CB   . LEU A 1 13 ? -2.648  -10.703 2.821   1.00 0.52 ? 847 LEU A CB   1 
ATOM 174  C CG   . LEU A 1 13 ? -1.381  -11.364 2.350   1.00 0.48 ? 847 LEU A CG   1 
ATOM 175  C CD1  . LEU A 1 13 ? -0.368  -10.305 1.974   1.00 0.52 ? 847 LEU A CD1  1 
ATOM 176  C CD2  . LEU A 1 13 ? -0.829  -12.234 3.459   1.00 0.54 ? 847 LEU A CD2  1 
ATOM 177  H H    . LEU A 1 13 ? -1.175  -10.545 5.283   1.00 1.44 ? 847 LEU A H    1 
ATOM 178  H HA   . LEU A 1 13 ? -1.895  -8.922  3.672   1.00 0.65 ? 847 LEU A HA   1 
ATOM 179  H HB2  . LEU A 1 13 ? -3.353  -11.463 3.098   1.00 0.60 ? 847 LEU A HB2  1 
ATOM 180  H HB3  . LEU A 1 13 ? -3.058  -10.090 2.029   1.00 0.52 ? 847 LEU A HB3  1 
ATOM 181  H HG   . LEU A 1 13 ? -1.594  -11.971 1.488   1.00 0.52 ? 847 LEU A HG   1 
ATOM 182  H HD11 . LEU A 1 13 ? -0.023  -10.094 2.154   1.00 1.09 ? 847 LEU A HD11 1 
ATOM 183  H HD12 . LEU A 1 13 ? -0.051  -10.234 1.672   1.00 1.22 ? 847 LEU A HD12 1 
ATOM 184  H HD13 . LEU A 1 13 ? -0.306  -9.829  1.829   1.00 1.06 ? 847 LEU A HD13 1 
ATOM 185  H HD21 . LEU A 1 13 ? -0.757  -12.193 3.937   1.00 1.14 ? 847 LEU A HD21 1 
ATOM 186  H HD22 . LEU A 1 13 ? -0.928  -12.677 3.676   1.00 1.17 ? 847 LEU A HD22 1 
ATOM 187  H HD23 . LEU A 1 13 ? -0.409  -12.453 3.556   1.00 1.06 ? 847 LEU A HD23 1 
ATOM 188  N N    . LEU A 1 14 ? -4.286  -9.310  5.114   1.00 0.80 ? 848 LEU A N    1 
ATOM 189  C CA   . LEU A 1 14 ? -5.498  -8.977  5.821   1.00 0.76 ? 848 LEU A CA   1 
ATOM 190  C C    . LEU A 1 14 ? -6.284  -7.948  5.033   1.00 0.70 ? 848 LEU A C    1 
ATOM 191  O O    . LEU A 1 14 ? -5.809  -7.443  4.033   1.00 0.61 ? 848 LEU A O    1 
ATOM 192  C CB   . LEU A 1 14 ? -5.150  -8.448  7.198   1.00 0.81 ? 848 LEU A CB   1 
ATOM 193  C CG   . LEU A 1 14 ? -5.352  -9.522  8.227   1.00 0.82 ? 848 LEU A CG   1 
ATOM 194  C CD1  . LEU A 1 14 ? -4.580  -9.188  9.487   1.00 0.86 ? 848 LEU A CD1  1 
ATOM 195  C CD2  . LEU A 1 14 ? -6.805  -9.628  8.563   1.00 0.82 ? 848 LEU A CD2  1 
ATOM 196  H H    . LEU A 1 14 ? -3.953  -9.407  4.899   1.00 1.57 ? 848 LEU A H    1 
ATOM 197  H HA   . LEU A 1 14 ? -6.101  -9.873  5.931   1.00 0.78 ? 848 LEU A HA   1 
ATOM 198  H HB2  . LEU A 1 14 ? -4.130  -8.136  7.210   1.00 0.93 ? 848 LEU A HB2  1 
ATOM 199  H HB3  . LEU A 1 14 ? -5.777  -7.616  7.434   1.00 0.81 ? 848 LEU A HB3  1 
ATOM 200  H HG   . LEU A 1 14 ? -5.008  -10.452 7.822   1.00 0.90 ? 848 LEU A HG   1 
ATOM 201  H HD11 . LEU A 1 14 ? -4.364  -8.860  9.725   1.00 1.31 ? 848 LEU A HD11 1 
ATOM 202  H HD12 . LEU A 1 14 ? -4.592  -9.177  9.943   1.00 1.18 ? 848 LEU A HD12 1 
ATOM 203  H HD13 . LEU A 1 14 ? -4.234  -9.288  9.693   1.00 1.47 ? 848 LEU A HD13 1 
ATOM 204  H HD21 . LEU A 1 14 ? -7.115  -9.766  8.525   1.00 1.32 ? 848 LEU A HD21 1 
ATOM 205  H HD22 . LEU A 1 14 ? -7.111  -9.693  8.789   1.00 1.46 ? 848 LEU A HD22 1 
ATOM 206  H HD23 . LEU A 1 14 ? -7.227  -9.499  8.613   1.00 1.14 ? 848 LEU A HD23 1 
ATOM 207  N N    . ASP A 1 15 ? -7.490  -7.638  5.486   1.00 0.78 ? 849 ASP A N    1 
ATOM 208  C CA   . ASP A 1 15 ? -8.334  -6.672  4.823   1.00 0.77 ? 849 ASP A CA   1 
ATOM 209  C C    . ASP A 1 15 ? -7.895  -5.269  5.188   1.00 0.73 ? 849 ASP A C    1 
ATOM 210  O O    . ASP A 1 15 ? -8.702  -4.461  5.608   1.00 0.80 ? 849 ASP A O    1 
ATOM 211  C CB   . ASP A 1 15 ? -9.780  -6.909  5.226   1.00 0.86 ? 849 ASP A CB   1 
ATOM 212  C CG   . ASP A 1 15 ? -10.102 -7.555  5.756   1.00 1.60 ? 849 ASP A CG   1 
ATOM 213  O OD1  . ASP A 1 15 ? -10.016 -7.756  5.960   1.00 2.32 ? 849 ASP A OD1  1 
ATOM 214  O OD2  . ASP A 1 15 ? -10.426 -7.835  5.946   1.00 2.24 ? 849 ASP A OD2  1 
ATOM 215  H H    . ASP A 1 15 ? -7.835  -8.082  6.313   1.00 0.89 ? 849 ASP A H    1 
ATOM 216  H HA   . ASP A 1 15 ? -8.242  -6.800  3.751   1.00 0.75 ? 849 ASP A HA   1 
ATOM 217  H HB2  . ASP A 1 15 ? -10.140 -6.499  5.534   1.00 1.21 ? 849 ASP A HB2  1 
ATOM 218  H HB3  . ASP A 1 15 ? -10.242 -7.019  4.826   1.00 1.23 ? 849 ASP A HB3  1 
ATOM 219  N N    . ILE A 1 16 ? -6.611  -4.979  5.025   1.00 0.67 ? 850 ILE A N    1 
ATOM 220  C CA   . ILE A 1 16 ? -6.071  -3.678  5.334   1.00 0.65 ? 850 ILE A CA   1 
ATOM 221  C C    . ILE A 1 16 ? -6.432  -2.694  4.237   1.00 0.61 ? 850 ILE A C    1 
ATOM 222  O O    . ILE A 1 16 ? -7.474  -2.078  4.281   1.00 0.72 ? 850 ILE A O    1 
ATOM 223  C CB   . ILE A 1 16 ? -4.562  -3.778  5.490   1.00 0.63 ? 850 ILE A CB   1 
ATOM 224  C CG1  . ILE A 1 16 ? -4.134  -5.178  5.674   1.00 0.65 ? 850 ILE A CG1  1 
ATOM 225  C CG2  . ILE A 1 16 ? -4.131  -3.009  6.652   1.00 0.74 ? 850 ILE A CG2  1 
ATOM 226  C CD1  . ILE A 1 16 ? -4.398  -5.759  6.922   1.00 0.59 ? 850 ILE A CD1  1 
ATOM 227  H H    . ILE A 1 16 ? -5.989  -5.681  4.675   1.00 0.66 ? 850 ILE A H    1 
ATOM 228  H HA   . ILE A 1 16 ? -6.499  -3.335  6.269   1.00 0.72 ? 850 ILE A HA   1 
ATOM 229  H HB   . ILE A 1 16 ? -4.100  -3.398  4.638   1.00 0.79 ? 850 ILE A HB   1 
ATOM 230  H HG12 . ILE A 1 16 ? -4.559  -5.730  5.056   1.00 1.01 ? 850 ILE A HG12 1 
ATOM 231  H HG13 . ILE A 1 16 ? -3.212  -5.213  5.534   1.00 0.94 ? 850 ILE A HG13 1 
ATOM 232  H HG21 . ILE A 1 16 ? -4.254  -2.748  6.928   1.00 1.28 ? 850 ILE A HG21 1 
ATOM 233  H HG22 . ILE A 1 16 ? -3.964  -3.005  7.042   1.00 1.28 ? 850 ILE A HG22 1 
ATOM 234  H HG23 . ILE A 1 16 ? -3.867  -2.724  6.816   1.00 1.29 ? 850 ILE A HG23 1 
ATOM 235  H HD11 . ILE A 1 16 ? -4.530  -5.947  7.267   1.00 1.19 ? 850 ILE A HD11 1 
ATOM 236  H HD12 . ILE A 1 16 ? -4.402  -5.896  7.156   1.00 1.28 ? 850 ILE A HD12 1 
ATOM 237  H HD13 . ILE A 1 16 ? -4.451  -5.852  7.233   1.00 1.20 ? 850 ILE A HD13 1 
ATOM 238  N N    . PHE A 1 17 ? -5.568  -2.547  3.249   1.00 0.50 ? 851 PHE A N    1 
ATOM 239  C CA   . PHE A 1 17 ? -5.803  -1.640  2.149   1.00 0.46 ? 851 PHE A CA   1 
ATOM 240  C C    . PHE A 1 17 ? -7.078  -2.028  1.422   1.00 0.50 ? 851 PHE A C    1 
ATOM 241  O O    . PHE A 1 17 ? -7.215  -1.782  0.238   1.00 0.54 ? 851 PHE A O    1 
ATOM 242  C CB   . PHE A 1 17 ? -4.610  -1.673  1.206   1.00 0.38 ? 851 PHE A CB   1 
ATOM 243  C CG   . PHE A 1 17 ? -3.282  -1.750  1.916   1.00 0.32 ? 851 PHE A CG   1 
ATOM 244  C CD1  . PHE A 1 17 ? -2.720  -1.348  2.397   1.00 1.16 ? 851 PHE A CD1  1 
ATOM 245  C CD2  . PHE A 1 17 ? -2.612  -2.228  2.093   1.00 1.15 ? 851 PHE A CD2  1 
ATOM 246  C CE1  . PHE A 1 17 ? -1.488  -1.419  3.055   1.00 1.15 ? 851 PHE A CE1  1 
ATOM 247  C CE2  . PHE A 1 17 ? -1.382  -2.300  2.751   1.00 1.14 ? 851 PHE A CE2  1 
ATOM 248  C CZ   . PHE A 1 17 ? -0.819  -1.896  3.232   1.00 0.23 ? 851 PHE A CZ   1 
ATOM 249  H H    . PHE A 1 17 ? -4.724  -3.076  3.260   1.00 0.50 ? 851 PHE A H    1 
ATOM 250  H HA   . PHE A 1 17 ? -5.913  -0.633  2.540   1.00 0.48 ? 851 PHE A HA   1 
ATOM 251  H HB2  . PHE A 1 17 ? -4.707  -2.537  0.556   1.00 0.40 ? 851 PHE A HB2  1 
ATOM 252  H HB3  . PHE A 1 17 ? -4.626  -0.774  0.594   1.00 0.38 ? 851 PHE A HB3  1 
ATOM 253  H HD1  . PHE A 1 17 ? -3.235  -0.979  2.260   1.00 2.01 ? 851 PHE A HD1  1 
ATOM 254  H HD2  . PHE A 1 17 ? -3.046  -2.540  1.722   1.00 2.00 ? 851 PHE A HD2  1 
ATOM 255  H HE1  . PHE A 1 17 ? -1.055  -1.108  3.427   1.00 2.00 ? 851 PHE A HE1  1 
ATOM 256  H HE2  . PHE A 1 17 ? -0.865  -2.668  2.889   1.00 1.99 ? 851 PHE A HE2  1 
ATOM 257  H HZ   . PHE A 1 17 ? 0.130   -1.952  3.741   1.00 0.21 ? 851 PHE A HZ   1 
ATOM 258  N N    . THR A 1 18 ? -8.014  -2.637  2.132   1.00 0.55 ? 852 THR A N    1 
ATOM 259  C CA   . THR A 1 18 ? -9.271  -3.052  1.549   1.00 0.60 ? 852 THR A CA   1 
ATOM 260  C C    . THR A 1 18 ? -9.732  -2.029  0.527   1.00 0.61 ? 852 THR A C    1 
ATOM 261  O O    . THR A 1 18 ? -10.168 -0.948  0.888   1.00 0.64 ? 852 THR A O    1 
ATOM 262  C CB   . THR A 1 18 ? -10.308 -3.220  2.646   1.00 0.68 ? 852 THR A CB   1 
ATOM 263  O OG1  . THR A 1 18 ? -11.048 -4.241  2.431   1.00 0.95 ? 852 THR A OG1  1 
ATOM 264  C CG2  . THR A 1 18 ? -11.155 -2.116  2.749   1.00 0.84 ? 852 THR A CG2  1 
ATOM 265  H H    . THR A 1 18 ? -7.855  -2.816  3.103   1.00 0.60 ? 852 THR A H    1 
ATOM 266  H HA   . THR A 1 18 ? -9.130  -4.006  1.050   1.00 0.62 ? 852 THR A HA   1 
ATOM 267  H HB   . THR A 1 18 ? -9.871  -3.340  3.524   1.00 0.88 ? 852 THR A HB   1 
ATOM 268  H HG1  . THR A 1 18 ? -11.071 -4.680  2.858   1.00 1.32 ? 852 THR A HG1  1 
ATOM 269  H HG21 . THR A 1 18 ? -11.523 -1.981  2.885   1.00 1.35 ? 852 THR A HG21 1 
ATOM 270  H HG22 . THR A 1 18 ? -11.269 -1.751  2.902   1.00 1.30 ? 852 THR A HG22 1 
ATOM 271  H HG23 . THR A 1 18 ? -11.277 -1.827  2.532   1.00 1.46 ? 852 THR A HG23 1 
ATOM 272  N N    . GLY A 1 19 ? -9.636  -2.374  -0.752  1.00 0.61 ? 853 GLY A N    1 
ATOM 273  C CA   . GLY A 1 19 ? -10.043 -1.483  -1.814  1.00 0.64 ? 853 GLY A CA   1 
ATOM 274  C C    . GLY A 1 19 ? -9.153  -0.261  -1.852  1.00 0.60 ? 853 GLY A C    1 
ATOM 275  O O    . GLY A 1 19 ? -9.438  0.650   -2.439  1.00 0.93 ? 853 GLY A O    1 
ATOM 276  H H    . GLY A 1 19 ? -9.271  -3.275  -0.997  1.00 0.63 ? 853 GLY A H    1 
ATOM 277  H HA2  . GLY A 1 19 ? -9.977  -2.001  -2.760  1.00 0.67 ? 853 GLY A HA2  1 
ATOM 278  H HA3  . GLY A 1 19 ? -11.066 -1.175  -1.649  1.00 0.71 ? 853 GLY A HA3  1 
ATOM 279  N N    . VAL A 1 20 ? -8.073  -0.243  -1.221  1.00 0.53 ? 854 VAL A N    1 
ATOM 280  C CA   . VAL A 1 20 ? -7.147  0.865   -1.185  1.00 0.44 ? 854 VAL A CA   1 
ATOM 281  C C    . VAL A 1 20 ? -6.207  0.784   -2.367  1.00 0.42 ? 854 VAL A C    1 
ATOM 282  O O    . VAL A 1 20 ? -5.392  -0.083  -2.441  1.00 0.60 ? 854 VAL A O    1 
ATOM 283  C CB   . VAL A 1 20 ? -6.370  0.840   0.123   1.00 0.46 ? 854 VAL A CB   1 
ATOM 284  C CG1  . VAL A 1 20 ? -5.077  1.608   -0.037  1.00 0.43 ? 854 VAL A CG1  1 
ATOM 285  C CG2  . VAL A 1 20 ? -7.195  1.479   1.215   1.00 0.54 ? 854 VAL A CG2  1 
ATOM 286  H H    . VAL A 1 20 ? -7.885  -1.017  -0.753  1.00 0.79 ? 854 VAL A H    1 
ATOM 287  H HA   . VAL A 1 20 ? -7.706  1.792   -1.245  1.00 0.43 ? 854 VAL A HA   1 
ATOM 288  H HB   . VAL A 1 20 ? -6.150  -0.181  0.393   1.00 0.54 ? 854 VAL A HB   1 
ATOM 289  H HG11 . VAL A 1 20 ? -4.583  1.487   0.115   1.00 0.95 ? 854 VAL A HG11 1 
ATOM 290  H HG12 . VAL A 1 20 ? -4.813  1.783   -0.476  1.00 1.11 ? 854 VAL A HG12 1 
ATOM 291  H HG13 . VAL A 1 20 ? -4.908  2.100   0.133   1.00 1.06 ? 854 VAL A HG13 1 
ATOM 292  H HG21 . VAL A 1 20 ? -7.444  1.771   1.341   1.00 1.15 ? 854 VAL A HG21 1 
ATOM 293  H HG22 . VAL A 1 20 ? -7.520  1.474   1.511   1.00 1.07 ? 854 VAL A HG22 1 
ATOM 294  H HG23 . VAL A 1 20 ? -7.210  1.647   1.573   1.00 1.25 ? 854 VAL A HG23 1 
ATOM 295  N N    . ARG A 1 21 ? -6.323  1.691   -3.292  1.00 0.41 ? 855 ARG A N    1 
ATOM 296  C CA   . ARG A 1 21 ? -5.486  1.717   -4.463  1.00 0.46 ? 855 ARG A CA   1 
ATOM 297  C C    . ARG A 1 21 ? -4.326  2.657   -4.274  1.00 0.33 ? 855 ARG A C    1 
ATOM 298  O O    . ARG A 1 21 ? -4.371  3.784   -4.711  1.00 0.44 ? 855 ARG A O    1 
ATOM 299  C CB   . ARG A 1 21 ? -6.309  2.130   -5.639  1.00 0.71 ? 855 ARG A CB   1 
ATOM 300  C CG   . ARG A 1 21 ? -6.657  3.185   -5.921  1.00 0.59 ? 855 ARG A CG   1 
ATOM 301  C CD   . ARG A 1 21 ? -7.589  3.379   -6.878  1.00 0.75 ? 855 ARG A CD   1 
ATOM 302  N NE   . ARG A 1 21 ? -8.641  3.033   -6.476  1.00 1.30 ? 855 ARG A NE   1 
ATOM 303  C CZ   . ARG A 1 21 ? -9.667  3.177   -6.393  1.00 1.76 ? 855 ARG A CZ   1 
ATOM 304  N NH1  . ARG A 1 21 ? -9.759  3.654   -6.684  1.00 2.24 ? 855 ARG A NH1  1 
ATOM 305  N NH2  . ARG A 1 21 ? -10.600 2.843   -6.018  1.00 2.33 ? 855 ARG A NH2  1 
ATOM 306  H H    . ARG A 1 21 ? -7.010  2.383   -3.183  1.00 0.52 ? 855 ARG A H    1 
ATOM 307  H HA   . ARG A 1 21 ? -5.099  0.739   -4.636  1.00 0.55 ? 855 ARG A HA   1 
ATOM 308  H HB2  . ARG A 1 21 ? -5.988  1.949   -6.213  1.00 1.39 ? 855 ARG A HB2  1 
ATOM 309  H HB3  . ARG A 1 21 ? -6.968  1.851   -5.703  1.00 1.26 ? 855 ARG A HB3  1 
ATOM 310  H HG2  . ARG A 1 21 ? -6.851  3.422   -5.118  1.00 1.07 ? 855 ARG A HG2  1 
ATOM 311  H HG3  . ARG A 1 21 ? -6.046  3.566   -6.242  1.00 1.18 ? 855 ARG A HG3  1 
ATOM 312  H HD2  . ARG A 1 21 ? -7.612  4.179   -7.178  1.00 1.07 ? 855 ARG A HD2  1 
ATOM 313  H HD3  . ARG A 1 21 ? -7.445  2.984   -7.586  1.00 1.09 ? 855 ARG A HD3  1 
ATOM 314  H HE   . ARG A 1 21 ? -8.580  2.673   -6.255  1.00 1.83 ? 855 ARG A HE   1 
ATOM 315  H HH11 . ARG A 1 21 ? -9.056  3.906   -6.966  1.00 2.29 ? 855 ARG A HH11 1 
ATOM 316  H HH12 . ARG A 1 21 ? -10.533 3.761   -6.620  1.00 2.86 ? 855 ARG A HH12 1 
ATOM 317  H HH21 . ARG A 1 21 ? -10.531 2.483   -5.799  1.00 2.64 ? 855 ARG A HH21 1 
ATOM 318  H HH22 . ARG A 1 21 ? -11.373 2.950   -5.955  1.00 2.71 ? 855 ARG A HH22 1 
ATOM 319  N N    . LEU A 1 22 ? -3.285  2.192   -3.620  1.00 0.27 ? 856 LEU A N    1 
ATOM 320  C CA   . LEU A 1 22 ? -2.121  2.990   -3.376  1.00 0.32 ? 856 LEU A CA   1 
ATOM 321  C C    . LEU A 1 22 ? -1.032  2.657   -4.381  1.00 0.26 ? 856 LEU A C    1 
ATOM 322  O O    . LEU A 1 22 ? -0.758  1.490   -4.635  1.00 0.26 ? 856 LEU A O    1 
ATOM 323  C CB   . LEU A 1 22 ? -1.644  2.750   -1.968  1.00 0.44 ? 856 LEU A CB   1 
ATOM 324  C CG   . LEU A 1 22 ? -0.362  2.090   -1.885  1.00 0.38 ? 856 LEU A CG   1 
ATOM 325  C CD1  . LEU A 1 22 ? 0.558   2.229   -2.806  1.00 0.77 ? 856 LEU A CD1  1 
ATOM 326  C CD2  . LEU A 1 22 ? 0.248   2.391   -0.942  1.00 0.93 ? 856 LEU A CD2  1 
ATOM 327  H H    . LEU A 1 22 ? -3.298  1.257   -3.280  1.00 0.36 ? 856 LEU A H    1 
ATOM 328  H HA   . LEU A 1 22 ? -2.386  4.026   -3.482  1.00 0.46 ? 856 LEU A HA   1 
ATOM 329  H HB2  . LEU A 1 22 ? -1.562  3.618   -1.496  1.00 0.79 ? 856 LEU A HB2  1 
ATOM 330  H HB3  . LEU A 1 22 ? -2.303  2.184   -1.492  1.00 0.70 ? 856 LEU A HB3  1 
ATOM 331  H HG   . LEU A 1 22 ? -0.539  1.303   -1.842  1.00 1.06 ? 856 LEU A HG   1 
ATOM 332  H HD11 . LEU A 1 22 ? 0.976   2.358   -2.838  1.00 1.31 ? 856 LEU A HD11 1 
ATOM 333  H HD12 . LEU A 1 22 ? 0.835   1.973   -3.140  1.00 1.28 ? 856 LEU A HD12 1 
ATOM 334  H HD13 . LEU A 1 22 ? 0.520   2.454   -3.099  1.00 1.47 ? 856 LEU A HD13 1 
ATOM 335  H HD21 . LEU A 1 22 ? 0.481   2.410   -0.783  1.00 1.55 ? 856 LEU A HD21 1 
ATOM 336  H HD22 . LEU A 1 22 ? 0.333   2.578   -0.707  1.00 1.54 ? 856 LEU A HD22 1 
ATOM 337  H HD23 . LEU A 1 22 ? 0.370   2.403   -0.665  1.00 1.52 ? 856 LEU A HD23 1 
ATOM 338  N N    . TYR A 1 23 ? -0.410  3.687   -4.953  1.00 0.26 ? 857 TYR A N    1 
ATOM 339  C CA   . TYR A 1 23 ? 0.643   3.497   -5.926  1.00 0.24 ? 857 TYR A CA   1 
ATOM 340  C C    . TYR A 1 23 ? 1.933   3.114   -5.220  1.00 0.23 ? 857 TYR A C    1 
ATOM 341  O O    . TYR A 1 23 ? 2.619   3.968   -4.672  1.00 0.27 ? 857 TYR A O    1 
ATOM 342  C CB   . TYR A 1 23 ? 0.826   4.778   -6.731  1.00 0.28 ? 857 TYR A CB   1 
ATOM 343  C CG   . TYR A 1 23 ? 2.269   5.126   -6.989  1.00 0.30 ? 857 TYR A CG   1 
ATOM 344  C CD1  . TYR A 1 23 ? 2.975   5.073   -7.211  1.00 1.24 ? 857 TYR A CD1  1 
ATOM 345  C CD2  . TYR A 1 23 ? 2.899   5.501   -7.006  1.00 1.23 ? 857 TYR A CD2  1 
ATOM 346  C CE1  . TYR A 1 23 ? 4.313   5.395   -7.450  1.00 1.25 ? 857 TYR A CE1  1 
ATOM 347  C CE2  . TYR A 1 23 ? 4.237   5.823   -7.245  1.00 1.25 ? 857 TYR A CE2  1 
ATOM 348  C CZ   . TYR A 1 23 ? 4.944   5.770   -7.467  1.00 0.42 ? 857 TYR A CZ   1 
ATOM 349  O OH   . TYR A 1 23 ? 6.247   6.084   -7.701  1.00 0.49 ? 857 TYR A OH   1 
ATOM 350  H H    . TYR A 1 23 ? -0.673  4.628   -4.710  1.00 0.30 ? 857 TYR A H    1 
ATOM 351  H HA   . TYR A 1 23 ? 0.358   2.693   -6.603  1.00 0.25 ? 857 TYR A HA   1 
ATOM 352  H HB2  . TYR A 1 23 ? 0.320   4.665   -7.687  1.00 0.31 ? 857 TYR A HB2  1 
ATOM 353  H HB3  . TYR A 1 23 ? 0.364   5.599   -6.189  1.00 0.31 ? 857 TYR A HB3  1 
ATOM 354  H HD1  . TYR A 1 23 ? 2.489   4.783   -7.198  1.00 2.14 ? 857 TYR A HD1  1 
ATOM 355  H HD2  . TYR A 1 23 ? 2.354   5.542   -6.835  1.00 2.12 ? 857 TYR A HD2  1 
ATOM 356  H HE1  . TYR A 1 23 ? 4.859   5.353   -7.622  1.00 2.14 ? 857 TYR A HE1  1 
ATOM 357  H HE2  . TYR A 1 23 ? 4.724   6.113   -7.257  1.00 2.15 ? 857 TYR A HE2  1 
ATOM 358  H HH   . TYR A 1 23 ? 6.545   6.514   -7.618  1.00 1.05 ? 857 TYR A HH   1 
ATOM 359  N N    . LEU A 1 24 ? 2.264   1.825   -5.234  1.00 0.23 ? 858 LEU A N    1 
ATOM 360  C CA   . LEU A 1 24 ? 3.469   1.336   -4.598  1.00 0.24 ? 858 LEU A CA   1 
ATOM 361  C C    . LEU A 1 24 ? 4.658   1.555   -5.512  1.00 0.32 ? 858 LEU A C    1 
ATOM 362  O O    . LEU A 1 24 ? 4.762   0.926   -6.558  1.00 0.37 ? 858 LEU A O    1 
ATOM 363  C CB   . LEU A 1 24 ? 3.305   -0.141  -4.270  1.00 0.27 ? 858 LEU A CB   1 
ATOM 364  C CG   . LEU A 1 24 ? 4.486   -0.616  -3.435  1.00 0.29 ? 858 LEU A CG   1 
ATOM 365  C CD1  . LEU A 1 24 ? 5.235   0.584   -2.878  1.00 0.29 ? 858 LEU A CD1  1 
ATOM 366  C CD2  . LEU A 1 24 ? 3.984   -1.473  -2.289  1.00 0.35 ? 858 LEU A CD2  1 
ATOM 367  H H    . LEU A 1 24 ? 1.665   1.163   -5.700  1.00 0.26 ? 858 LEU A H    1 
ATOM 368  H HA   . LEU A 1 24 ? 3.630   1.886   -3.674  1.00 0.24 ? 858 LEU A HA   1 
ATOM 369  H HB2  . LEU A 1 24 ? 2.389   -0.287  -3.713  1.00 0.28 ? 858 LEU A HB2  1 
ATOM 370  H HB3  . LEU A 1 24 ? 3.263   -0.711  -5.191  1.00 0.34 ? 858 LEU A HB3  1 
ATOM 371  H HG   . LEU A 1 24 ? 5.154   -1.201  -4.056  1.00 0.35 ? 858 LEU A HG   1 
ATOM 372  H HD11 . LEU A 1 24 ? 5.412   0.913   -2.759  1.00 1.06 ? 858 LEU A HD11 1 
ATOM 373  H HD12 . LEU A 1 24 ? 5.400   0.865   -2.711  1.00 1.11 ? 858 LEU A HD12 1 
ATOM 374  H HD13 . LEU A 1 24 ? 5.431   0.831   -2.764  1.00 1.04 ? 858 LEU A HD13 1 
ATOM 375  H HD21 . LEU A 1 24 ? 4.040   -1.626  -1.880  1.00 1.04 ? 858 LEU A HD21 1 
ATOM 376  H HD22 . LEU A 1 24 ? 3.667   -1.559  -1.996  1.00 1.04 ? 858 LEU A HD22 1 
ATOM 377  H HD23 . LEU A 1 24 ? 3.886   -1.848  -2.171  1.00 1.12 ? 858 LEU A HD23 1 
ATOM 378  N N    . PRO A 1 25 ? 5.559   2.452   -5.114  1.00 0.35 ? 859 PRO A N    1 
ATOM 379  C CA   . PRO A 1 25 ? 6.751   2.789   -5.851  1.00 0.45 ? 859 PRO A CA   1 
ATOM 380  C C    . PRO A 1 25 ? 7.747   1.645   -5.758  1.00 0.50 ? 859 PRO A C    1 
ATOM 381  O O    . PRO A 1 25 ? 7.815   0.960   -4.743  1.00 0.48 ? 859 PRO A O    1 
ATOM 382  C CB   . PRO A 1 25 ? 7.292   4.038   -5.169  1.00 0.49 ? 859 PRO A CB   1 
ATOM 383  C CG   . PRO A 1 25 ? 6.835   3.862   -3.726  1.00 0.43 ? 859 PRO A CG   1 
ATOM 384  C CD   . PRO A 1 25 ? 5.468   3.210   -3.890  1.00 0.34 ? 859 PRO A CD   1 
ATOM 385  H HA   . PRO A 1 25 ? 6.519   2.996   -6.895  1.00 0.49 ? 859 PRO A HA   1 
ATOM 386  H HB2  . PRO A 1 25 ? 8.373   4.120   -5.252  1.00 0.56 ? 859 PRO A HB2  1 
ATOM 387  H HB3  . PRO A 1 25 ? 6.805   4.914   -5.594  1.00 0.51 ? 859 PRO A HB3  1 
ATOM 388  H HG2  . PRO A 1 25 ? 7.506   3.168   -3.221  1.00 0.43 ? 859 PRO A HG2  1 
ATOM 389  H HG3  . PRO A 1 25 ? 6.782   4.805   -3.190  1.00 0.45 ? 859 PRO A HG3  1 
ATOM 390  H HD2  . PRO A 1 25 ? 5.242   2.572   -3.039  1.00 0.30 ? 859 PRO A HD2  1 
ATOM 391  H HD3  . PRO A 1 25 ? 4.705   3.977   -4.004  1.00 0.33 ? 859 PRO A HD3  1 
ATOM 392  N N    . PRO A 1 26 ? 8.519   1.441   -6.822  1.00 0.59 ? 860 PRO A N    1 
ATOM 393  C CA   . PRO A 1 26 ? 9.520   0.404   -6.913  1.00 0.66 ? 860 PRO A CA   1 
ATOM 394  C C    . PRO A 1 26 ? 10.705  0.758   -6.031  1.00 0.69 ? 860 PRO A C    1 
ATOM 395  O O    . PRO A 1 26 ? 11.471  -0.112  -5.639  1.00 0.75 ? 860 PRO A O    1 
ATOM 396  C CB   . PRO A 1 26 ? 9.918   0.377   -8.383  1.00 0.75 ? 860 PRO A CB   1 
ATOM 397  C CG   . PRO A 1 26 ? 9.704   1.822   -8.818  1.00 0.74 ? 860 PRO A CG   1 
ATOM 398  C CD   . PRO A 1 26 ? 8.466   2.228   -8.032  1.00 0.64 ? 860 PRO A CD   1 
ATOM 399  H HA   . PRO A 1 26 ? 9.113   -0.559  -6.613  1.00 0.64 ? 860 PRO A HA   1 
ATOM 400  H HB2  . PRO A 1 26 ? 10.945  0.049   -8.524  1.00 0.82 ? 860 PRO A HB2  1 
ATOM 401  H HB3  . PRO A 1 26 ? 9.230   -0.263  -8.930  1.00 0.74 ? 860 PRO A HB3  1 
ATOM 402  H HG2  . PRO A 1 26 ? 10.550  2.421   -8.489  1.00 0.78 ? 860 PRO A HG2  1 
ATOM 403  H HG3  . PRO A 1 26 ? 9.558   1.915   -9.893  1.00 0.79 ? 860 PRO A HG3  1 
ATOM 404  H HD2  . PRO A 1 26 ? 8.476   3.294   -7.817  1.00 0.63 ? 860 PRO A HD2  1 
ATOM 405  H HD3  . PRO A 1 26 ? 7.570   1.964   -8.592  1.00 0.61 ? 860 PRO A HD3  1 
ATOM 406  N N    . SER A 1 27 ? 10.856  2.042   -5.720  1.00 0.69 ? 861 SER A N    1 
ATOM 407  C CA   . SER A 1 27 ? 11.946  2.503   -4.888  1.00 0.73 ? 861 SER A CA   1 
ATOM 408  C C    . SER A 1 27 ? 11.622  2.254   -3.425  1.00 0.67 ? 861 SER A C    1 
ATOM 409  O O    . SER A 1 27 ? 12.497  2.334   -2.569  1.00 0.71 ? 861 SER A O    1 
ATOM 410  C CB   . SER A 1 27 ? 12.185  3.985   -5.144  1.00 0.77 ? 861 SER A CB   1 
ATOM 411  O OG   . SER A 1 27 ? 13.469  4.164   -5.691  1.00 0.86 ? 861 SER A OG   1 
ATOM 412  H H    . SER A 1 27 ? 10.198  2.720   -6.068  1.00 0.66 ? 861 SER A H    1 
ATOM 413  H HA   . SER A 1 27 ? 12.846  1.950   -5.147  1.00 0.79 ? 861 SER A HA   1 
ATOM 414  H HB2  . SER A 1 27 ? 11.438  4.358   -5.841  1.00 0.76 ? 861 SER A HB2  1 
ATOM 415  H HB3  . SER A 1 27 ? 12.114  4.530   -4.205  1.00 0.75 ? 861 SER A HB3  1 
ATOM 416  H HG   . SER A 1 27 ? 13.696  4.400   -5.909  1.00 1.11 ? 861 SER A HG   1 
ATOM 417  N N    . THR A 1 28 ? 10.359  1.951   -3.138  1.00 0.58 ? 862 THR A N    1 
ATOM 418  C CA   . THR A 1 28 ? 9.931   1.691   -1.782  1.00 0.53 ? 862 THR A CA   1 
ATOM 419  C C    . THR A 1 28 ? 10.559  0.404   -1.275  1.00 0.53 ? 862 THR A C    1 
ATOM 420  O O    . THR A 1 28 ? 10.701  -0.553  -2.024  1.00 0.55 ? 862 THR A O    1 
ATOM 421  C CB   . THR A 1 28 ? 8.411   1.603   -1.739  1.00 0.47 ? 862 THR A CB   1 
ATOM 422  O OG1  . THR A 1 28 ? 7.906   2.693   -1.122  1.00 0.68 ? 862 THR A OG1  1 
ATOM 423  C CG2  . THR A 1 28 ? 7.981   0.404   -1.007  1.00 0.46 ? 862 THR A CG2  1 
ATOM 424  H H    . THR A 1 28 ? 9.676   1.898   -3.878  1.00 0.55 ? 862 THR A H    1 
ATOM 425  H HA   . THR A 1 28 ? 10.254  2.513   -1.148  1.00 0.55 ? 862 THR A HA   1 
ATOM 426  H HB   . THR A 1 28 ? 8.025   1.556   -2.711  1.00 0.60 ? 862 THR A HB   1 
ATOM 427  H HG1  . THR A 1 28 ? 7.411   2.780   -1.017  1.00 1.05 ? 862 THR A HG1  1 
ATOM 428  H HG21 . THR A 1 28 ? 7.811   0.103   -0.917  1.00 1.14 ? 862 THR A HG21 1 
ATOM 429  H HG22 . THR A 1 28 ? 7.957   0.048   -0.793  1.00 1.06 ? 862 THR A HG22 1 
ATOM 430  H HG23 . THR A 1 28 ? 7.869   0.205   -0.786  1.00 1.22 ? 862 THR A HG23 1 
ATOM 431  N N    . PRO A 1 29 ? 10.934  0.384   0.002   1.00 0.54 ? 863 PRO A N    1 
ATOM 432  C CA   . PRO A 1 29 ? 11.545  -0.750  0.656   1.00 0.55 ? 863 PRO A CA   1 
ATOM 433  C C    . PRO A 1 29 ? 10.505  -1.835  0.873   1.00 0.50 ? 863 PRO A C    1 
ATOM 434  O O    . PRO A 1 29 ? 9.349   -1.540  1.145   1.00 0.47 ? 863 PRO A O    1 
ATOM 435  C CB   . PRO A 1 29 ? 12.053  -0.211  1.984   1.00 0.60 ? 863 PRO A CB   1 
ATOM 436  C CG   . PRO A 1 29 ? 11.068  0.910   2.289   1.00 0.58 ? 863 PRO A CG   1 
ATOM 437  C CD   . PRO A 1 29 ? 10.781  1.492   0.910   1.00 0.56 ? 863 PRO A CD   1 
ATOM 438  H HA   . PRO A 1 29 ? 12.368  -1.142  0.067   1.00 0.60 ? 863 PRO A HA   1 
ATOM 439  H HB2  . PRO A 1 29 ? 12.072  -0.973  2.761   1.00 0.60 ? 863 PRO A HB2  1 
ATOM 440  H HB3  . PRO A 1 29 ? 13.042  0.216   1.841   1.00 0.66 ? 863 PRO A HB3  1 
ATOM 441  H HG2  . PRO A 1 29 ? 10.156  0.479   2.693   1.00 0.54 ? 863 PRO A HG2  1 
ATOM 442  H HG3  . PRO A 1 29 ? 11.480  1.648   2.970   1.00 0.65 ? 863 PRO A HG3  1 
ATOM 443  H HD2  . PRO A 1 29 ? 9.780   1.910   0.865   1.00 0.53 ? 863 PRO A HD2  1 
ATOM 444  H HD3  . PRO A 1 29 ? 11.519  2.253   0.670   1.00 0.62 ? 863 PRO A HD3  1 
ATOM 445  N N    . ASP A 1 30 ? 10.920  -3.094  0.750   1.00 0.51 ? 864 ASP A N    1 
ATOM 446  C CA   . ASP A 1 30 ? 10.024  -4.213  0.931   1.00 0.49 ? 864 ASP A CA   1 
ATOM 447  C C    . ASP A 1 30 ? 9.021   -4.260  -0.210  1.00 0.47 ? 864 ASP A C    1 
ATOM 448  O O    . ASP A 1 30 ? 8.043   -4.990  -0.148  1.00 0.48 ? 864 ASP A O    1 
ATOM 449  C CB   . ASP A 1 30 ? 9.312   -4.081  2.267   1.00 0.48 ? 864 ASP A CB   1 
ATOM 450  C CG   . ASP A 1 30 ? 9.711   -5.179  3.209   1.00 0.56 ? 864 ASP A CG   1 
ATOM 451  O OD1  . ASP A 1 30 ? 9.790   -5.695  3.385   1.00 1.35 ? 864 ASP A OD1  1 
ATOM 452  O OD2  . ASP A 1 30 ? 9.929   -5.482  3.734   1.00 1.15 ? 864 ASP A OD2  1 
ATOM 453  H H    . ASP A 1 30 ? 11.882  -3.282  0.526   1.00 0.56 ? 864 ASP A H    1 
ATOM 454  H HA   . ASP A 1 30 ? 10.604  -5.131  0.931   1.00 0.54 ? 864 ASP A HA   1 
ATOM 455  H HB2  . ASP A 1 30 ? 9.560   -3.138  2.714   1.00 0.51 ? 864 ASP A HB2  1 
ATOM 456  H HB3  . ASP A 1 30 ? 8.253   -4.126  2.106   1.00 0.52 ? 864 ASP A HB3  1 
ATOM 457  N N    . PHE A 1 31 ? 9.266   -3.477  -1.254  1.00 0.48 ? 865 PHE A N    1 
ATOM 458  C CA   . PHE A 1 31 ? 8.384   -3.436  -2.400  1.00 0.48 ? 865 PHE A CA   1 
ATOM 459  C C    . PHE A 1 31 ? 7.967   -4.845  -2.781  1.00 0.49 ? 865 PHE A C    1 
ATOM 460  O O    . PHE A 1 31 ? 6.784   -5.123  -2.944  1.00 0.47 ? 865 PHE A O    1 
ATOM 461  C CB   . PHE A 1 31 ? 9.093   -2.750  -3.559  1.00 0.54 ? 865 PHE A CB   1 
ATOM 462  C CG   . PHE A 1 31 ? 8.184   -2.407  -4.711  1.00 0.51 ? 865 PHE A CG   1 
ATOM 463  C CD1  . PHE A 1 31 ? 7.503   -1.990  -4.980  1.00 1.21 ? 865 PHE A CD1  1 
ATOM 464  C CD2  . PHE A 1 31 ? 8.022   -2.507  -5.510  1.00 1.26 ? 865 PHE A CD2  1 
ATOM 465  C CE1  . PHE A 1 31 ? 6.660   -1.672  -6.047  1.00 1.20 ? 865 PHE A CE1  1 
ATOM 466  C CE2  . PHE A 1 31 ? 7.178   -2.190  -6.578  1.00 1.27 ? 865 PHE A CE2  1 
ATOM 467  C CZ   . PHE A 1 31 ? 6.497   -1.772  -6.847  1.00 0.51 ? 865 PHE A CZ   1 
ATOM 468  H H    . PHE A 1 31 ? 10.084  -2.894  -1.256  1.00 0.52 ? 865 PHE A H    1 
ATOM 469  H HA   . PHE A 1 31 ? 7.496   -2.864  -2.143  1.00 0.46 ? 865 PHE A HA   1 
ATOM 470  H HB2  . PHE A 1 31 ? 9.546   -1.836  -3.194  1.00 0.57 ? 865 PHE A HB2  1 
ATOM 471  H HB3  . PHE A 1 31 ? 9.877   -3.406  -3.922  1.00 0.60 ? 865 PHE A HB3  1 
ATOM 472  H HD1  . PHE A 1 31 ? 7.628   -1.912  -4.363  1.00 2.04 ? 865 PHE A HD1  1 
ATOM 473  H HD2  . PHE A 1 31 ? 8.547   -2.830  -5.304  1.00 2.07 ? 865 PHE A HD2  1 
ATOM 474  H HE1  . PHE A 1 31 ? 6.134   -1.350  -6.254  1.00 2.01 ? 865 PHE A HE1  1 
ATOM 475  H HE2  . PHE A 1 31 ? 7.053   -2.267  -7.195  1.00 2.10 ? 865 PHE A HE2  1 
ATOM 476  H HZ   . PHE A 1 31 ? 5.846   -1.527  -7.670  1.00 0.53 ? 865 PHE A HZ   1 
ATOM 477  N N    . SER A 1 32 ? 8.942   -5.735  -2.922  1.00 0.55 ? 866 SER A N    1 
ATOM 478  C CA   . SER A 1 32 ? 8.670   -7.108  -3.280  1.00 0.61 ? 866 SER A CA   1 
ATOM 479  C C    . SER A 1 32 ? 7.294   -7.511  -2.792  1.00 0.55 ? 866 SER A C    1 
ATOM 480  O O    . SER A 1 32 ? 6.422   -7.736  -3.566  1.00 0.68 ? 866 SER A O    1 
ATOM 481  C CB   . SER A 1 32 ? 9.736   -8.002  -2.679  1.00 0.71 ? 866 SER A CB   1 
ATOM 482  O OG   . SER A 1 32 ? 9.886   -8.932  -3.161  1.00 1.19 ? 866 SER A OG   1 
ATOM 483  H H    . SER A 1 32 ? 9.899   -5.456  -2.775  1.00 0.58 ? 866 SER A H    1 
ATOM 484  H HA   . SER A 1 32 ? 8.698   -7.204  -4.358  1.00 0.66 ? 866 SER A HA   1 
ATOM 485  H HB2  . SER A 1 32 ? 10.489  -7.689  -2.655  1.00 1.10 ? 866 SER A HB2  1 
ATOM 486  H HB3  . SER A 1 32 ? 9.625   -8.235  -1.901  1.00 0.94 ? 866 SER A HB3  1 
ATOM 487  H HG   . SER A 1 32 ? 9.834   -9.089  -3.135  1.00 1.70 ? 866 SER A HG   1 
ATOM 488  N N    . ARG A 1 33 ? 7.103   -7.602  -1.506  1.00 0.54 ? 867 ARG A N    1 
ATOM 489  C CA   . ARG A 1 33 ? 5.837   -7.977  -0.921  1.00 0.50 ? 867 ARG A CA   1 
ATOM 490  C C    . ARG A 1 33 ? 4.866   -6.814  -1.005  1.00 0.41 ? 867 ARG A C    1 
ATOM 491  O O    . ARG A 1 33 ? 3.729   -6.981  -1.423  1.00 0.43 ? 867 ARG A O    1 
ATOM 492  C CB   . ARG A 1 33 ? 6.049   -8.394  0.524   1.00 0.57 ? 867 ARG A CB   1 
ATOM 493  C CG   . ARG A 1 33 ? 7.274   -9.095  0.676   1.00 0.85 ? 867 ARG A CG   1 
ATOM 494  C CD   . ARG A 1 33 ? 8.179   -8.890  1.121   1.00 1.14 ? 867 ARG A CD   1 
ATOM 495  N NE   . ARG A 1 33 ? 9.116   -9.502  1.255   1.00 1.56 ? 867 ARG A NE   1 
ATOM 496  C CZ   . ARG A 1 33 ? 9.965   -9.869  1.279   1.00 2.00 ? 867 ARG A CZ   1 
ATOM 497  N NH1  . ARG A 1 33 ? 9.982   -9.681  1.178   1.00 2.53 ? 867 ARG A NH1  1 
ATOM 498  N NH2  . ARG A 1 33 ? 10.799  -10.423 1.404   1.00 2.57 ? 867 ARG A NH2  1 
ATOM 499  H H    . ARG A 1 33 ? 7.854   -7.407  -0.912  1.00 0.67 ? 867 ARG A H    1 
ATOM 500  H HA   . ARG A 1 33 ? 5.432   -8.816  -1.476  1.00 0.53 ? 867 ARG A HA   1 
ATOM 501  H HB2  . ARG A 1 33 ? 6.071   -7.587  1.137   1.00 0.68 ? 867 ARG A HB2  1 
ATOM 502  H HB3  . ARG A 1 33 ? 5.302   -8.998  0.835   1.00 0.72 ? 867 ARG A HB3  1 
ATOM 503  H HG2  . ARG A 1 33 ? 7.223   -9.557  0.922   1.00 1.63 ? 867 ARG A HG2  1 
ATOM 504  H HG3  . ARG A 1 33 ? 7.555   -9.281  0.222   1.00 1.26 ? 867 ARG A HG3  1 
ATOM 505  H HD2  . ARG A 1 33 ? 8.308   -8.457  0.934   1.00 1.56 ? 867 ARG A HD2  1 
ATOM 506  H HD3  . ARG A 1 33 ? 7.999   -8.707  1.533   1.00 1.79 ? 867 ARG A HD3  1 
ATOM 507  H HE   . ARG A 1 33 ? 9.110   -9.647  1.332   1.00 2.09 ? 867 ARG A HE   1 
ATOM 508  H HH11 . ARG A 1 33 ? 9.353   -9.262  1.085   1.00 2.58 ? 867 ARG A HH11 1 
ATOM 509  H HH12 . ARG A 1 33 ? 10.623  -9.957  1.197   1.00 3.20 ? 867 ARG A HH12 1 
ATOM 510  H HH21 . ARG A 1 33 ? 10.786  -10.565 1.479   1.00 2.88 ? 867 ARG A HH21 1 
ATOM 511  H HH22 . ARG A 1 33 ? 11.439  -10.700 1.422   1.00 2.99 ? 867 ARG A HH22 1 
ATOM 512  N N    . LEU A 1 34 ? 5.315   -5.634  -0.604  1.00 0.39 ? 868 LEU A N    1 
ATOM 513  C CA   . LEU A 1 34 ? 4.486   -4.452  -0.635  1.00 0.36 ? 868 LEU A CA   1 
ATOM 514  C C    . LEU A 1 34 ? 3.514   -4.530  -1.798  1.00 0.34 ? 868 LEU A C    1 
ATOM 515  O O    . LEU A 1 34 ? 2.319   -4.320  -1.625  1.00 0.35 ? 868 LEU A O    1 
ATOM 516  C CB   . LEU A 1 34 ? 5.366   -3.221  -0.757  1.00 0.43 ? 868 LEU A CB   1 
ATOM 517  C CG   . LEU A 1 34 ? 5.829   -2.771  0.598   1.00 0.37 ? 868 LEU A CG   1 
ATOM 518  C CD1  . LEU A 1 34 ? 6.080   -1.346  0.558   1.00 0.55 ? 868 LEU A CD1  1 
ATOM 519  C CD2  . LEU A 1 34 ? 4.820   -3.064  1.632   1.00 0.47 ? 868 LEU A CD2  1 
ATOM 520  H H    . LEU A 1 34 ? 6.259   -5.551  -0.268  1.00 0.44 ? 868 LEU A H    1 
ATOM 521  H HA   . LEU A 1 34 ? 3.925   -4.395  0.293   1.00 0.36 ? 868 LEU A HA   1 
ATOM 522  H HB2  . LEU A 1 34 ? 6.219   -3.444  -1.353  1.00 0.53 ? 868 LEU A HB2  1 
ATOM 523  H HB3  . LEU A 1 34 ? 4.809   -2.441  -1.215  1.00 0.58 ? 868 LEU A HB3  1 
ATOM 524  H HG   . LEU A 1 34 ? 6.701   -3.259  0.855   1.00 0.61 ? 868 LEU A HG   1 
ATOM 525  H HD11 . LEU A 1 34 ? 6.234   -1.067  0.272   1.00 1.17 ? 868 LEU A HD11 1 
ATOM 526  H HD12 . LEU A 1 34 ? 5.890   -0.898  0.594   1.00 1.11 ? 868 LEU A HD12 1 
ATOM 527  H HD13 . LEU A 1 34 ? 6.296   -1.055  0.776   1.00 1.25 ? 868 LEU A HD13 1 
ATOM 528  H HD21 . LEU A 1 34 ? 4.656   -2.992  1.944   1.00 1.19 ? 868 LEU A HD21 1 
ATOM 529  H HD22 . LEU A 1 34 ? 4.432   -3.120  1.771   1.00 1.11 ? 868 LEU A HD22 1 
ATOM 530  H HD23 . LEU A 1 34 ? 4.649   -3.289  1.918   1.00 1.13 ? 868 LEU A HD23 1 
ATOM 531  N N    . ARG A 1 35 ? 4.027   -4.835  -2.987  1.00 0.38 ? 869 ARG A N    1 
ATOM 532  C CA   . ARG A 1 35 ? 3.205   -4.938  -4.170  1.00 0.41 ? 869 ARG A CA   1 
ATOM 533  C C    . ARG A 1 35 ? 2.261   -6.113  -4.035  1.00 0.45 ? 869 ARG A C    1 
ATOM 534  O O    . ARG A 1 35 ? 1.129   -5.952  -3.608  1.00 0.45 ? 869 ARG A O    1 
ATOM 535  C CB   . ARG A 1 35 ? 4.092   -5.098  -5.390  1.00 0.52 ? 869 ARG A CB   1 
ATOM 536  C CG   . ARG A 1 35 ? 3.377   -4.637  -6.576  1.00 0.77 ? 869 ARG A CG   1 
ATOM 537  C CD   . ARG A 1 35 ? 3.865   -3.950  -7.527  1.00 0.62 ? 869 ARG A CD   1 
ATOM 538  N NE   . ARG A 1 35 ? 4.938   -4.205  -8.132  1.00 1.08 ? 869 ARG A NE   1 
ATOM 539  C CZ   . ARG A 1 35 ? 5.289   -4.476  -9.064  1.00 1.37 ? 869 ARG A CZ   1 
ATOM 540  N NH1  . ARG A 1 35 ? 4.646   -4.522  -9.479  1.00 1.81 ? 869 ARG A NH1  1 
ATOM 541  N NH2  . ARG A 1 35 ? 6.281   -4.703  -9.580  1.00 1.91 ? 869 ARG A NH2  1 
ATOM 542  H H    . ARG A 1 35 ? 5.016   -4.998  -3.074  1.00 0.42 ? 869 ARG A H    1 
ATOM 543  H HA   . ARG A 1 35 ? 2.621   -4.030  -4.278  1.00 0.39 ? 869 ARG A HA   1 
ATOM 544  H HB2  . ARG A 1 35 ? 4.971   -4.539  -5.283  1.00 0.60 ? 869 ARG A HB2  1 
ATOM 545  H HB3  . ARG A 1 35 ? 4.358   -6.101  -5.523  1.00 0.59 ? 869 ARG A HB3  1 
ATOM 546  H HG2  . ARG A 1 35 ? 3.093   -5.209  -6.994  1.00 1.25 ? 869 ARG A HG2  1 
ATOM 547  H HG3  . ARG A 1 35 ? 2.805   -4.226  -6.325  1.00 1.38 ? 869 ARG A HG3  1 
ATOM 548  H HD2  . ARG A 1 35 ? 3.265   -3.904  -8.036  1.00 1.08 ? 869 ARG A HD2  1 
ATOM 549  H HD3  . ARG A 1 35 ? 4.001   -3.301  -7.253  1.00 1.02 ? 869 ARG A HD3  1 
ATOM 550  H HE   . ARG A 1 35 ? 5.428   -4.173  -7.825  1.00 1.67 ? 869 ARG A HE   1 
ATOM 551  H HH11 . ARG A 1 35 ? 3.898   -4.352  -9.090  1.00 1.83 ? 869 ARG A HH11 1 
ATOM 552  H HH12 . ARG A 1 35 ? 4.910   -4.727  -10.182 1.00 2.43 ? 869 ARG A HH12 1 
ATOM 553  H HH21 . ARG A 1 35 ? 6.766   -4.668  -9.266  1.00 2.22 ? 869 ARG A HH21 1 
ATOM 554  H HH22 . ARG A 1 35 ? 6.545   -4.907  -10.282 1.00 2.28 ? 869 ARG A HH22 1 
ATOM 555  N N    . ARG A 1 36 ? 2.729   -7.299  -4.400  1.00 0.54 ? 870 ARG A N    1 
ATOM 556  C CA   . ARG A 1 36 ? 1.927   -8.494  -4.319  1.00 0.62 ? 870 ARG A CA   1 
ATOM 557  C C    . ARG A 1 36 ? 1.081   -8.461  -3.062  1.00 0.59 ? 870 ARG A C    1 
ATOM 558  O O    . ARG A 1 36 ? -0.095  -8.666  -3.116  1.00 0.75 ? 870 ARG A O    1 
ATOM 559  C CB   . ARG A 1 36 ? 2.834   -9.714  -4.320  1.00 0.71 ? 870 ARG A CB   1 
ATOM 560  C CG   . ARG A 1 36 ? 2.234   -10.793 -4.908  1.00 1.07 ? 870 ARG A CG   1 
ATOM 561  C CD   . ARG A 1 36 ? 2.411   -10.860 -5.930  1.00 1.76 ? 870 ARG A CD   1 
ATOM 562  N NE   . ARG A 1 36 ? 2.557   -11.406 -6.221  1.00 2.58 ? 870 ARG A NE   1 
ATOM 563  C CZ   . ARG A 1 36 ? 2.529   -11.712 -6.931  1.00 3.21 ? 870 ARG A CZ   1 
ATOM 564  N NH1  . ARG A 1 36 ? 2.362   -11.519 -7.408  1.00 3.27 ? 870 ARG A NH1  1 
ATOM 565  N NH2  . ARG A 1 36 ? 2.667   -12.210 -7.165  1.00 4.22 ? 870 ARG A NH2  1 
ATOM 566  H H    . ARG A 1 36 ? 3.668   -7.379  -4.745  1.00 0.58 ? 870 ARG A H    1 
ATOM 567  H HA   . ARG A 1 36 ? 1.272   -8.537  -5.187  1.00 0.67 ? 870 ARG A HA   1 
ATOM 568  H HB2  . ARG A 1 36 ? 3.663   -9.547  -4.809  1.00 0.87 ? 870 ARG A HB2  1 
ATOM 569  H HB3  . ARG A 1 36 ? 3.083   -9.982  -3.412  1.00 0.83 ? 870 ARG A HB3  1 
ATOM 570  H HG2  . ARG A 1 36 ? 2.477   -11.541 -4.653  1.00 1.38 ? 870 ARG A HG2  1 
ATOM 571  H HG3  . ARG A 1 36 ? 1.433   -10.771 -4.854  1.00 1.32 ? 870 ARG A HG3  1 
ATOM 572  H HD2  . ARG A 1 36 ? 2.160   -10.831 -6.402  1.00 2.04 ? 870 ARG A HD2  1 
ATOM 573  H HD3  . ARG A 1 36 ? 2.680   -10.519 -5.983  1.00 2.20 ? 870 ARG A HD3  1 
ATOM 574  H HE   . ARG A 1 36 ? 2.683   -11.555 -5.867  1.00 3.06 ? 870 ARG A HE   1 
ATOM 575  H HH11 . ARG A 1 36 ? 2.256   -11.144 -7.232  1.00 2.88 ? 870 ARG A HH11 1 
ATOM 576  H HH12 . ARG A 1 36 ? 2.340   -11.749 -7.943  1.00 3.99 ? 870 ARG A HH12 1 
ATOM 577  H HH21 . ARG A 1 36 ? 2.793   -12.355 -6.806  1.00 4.57 ? 870 ARG A HH21 1 
ATOM 578  H HH22 . ARG A 1 36 ? 2.645   -12.440 -7.700  1.00 4.80 ? 870 ARG A HH22 1 
ATOM 579  N N    . TYR A 1 37 ? 1.683   -8.202  -1.928  1.00 0.50 ? 871 TYR A N    1 
ATOM 580  C CA   . TYR A 1 37 ? 0.982   -8.144  -0.667  1.00 0.47 ? 871 TYR A CA   1 
ATOM 581  C C    . TYR A 1 37 ? -0.223  -7.223  -0.787  1.00 0.45 ? 871 TYR A C    1 
ATOM 582  O O    . TYR A 1 37 ? -1.355  -7.670  -0.713  1.00 0.55 ? 871 TYR A O    1 
ATOM 583  C CB   . TYR A 1 37 ? 1.931   -7.654  0.416   1.00 0.40 ? 871 TYR A CB   1 
ATOM 584  C CG   . TYR A 1 37 ? 1.413   -7.866  1.808   1.00 0.46 ? 871 TYR A CG   1 
ATOM 585  C CD1  . TYR A 1 37 ? 1.124   -8.268  2.433   1.00 1.18 ? 871 TYR A CD1  1 
ATOM 586  C CD2  . TYR A 1 37 ? 1.222   -7.660  2.474   1.00 1.37 ? 871 TYR A CD2  1 
ATOM 587  C CE1  . TYR A 1 37 ? 0.644   -8.463  3.724   1.00 1.18 ? 871 TYR A CE1  1 
ATOM 588  C CE2  . TYR A 1 37 ? 0.742   -7.855  3.764   1.00 1.45 ? 871 TYR A CE2  1 
ATOM 589  C CZ   . TYR A 1 37 ? 0.453   -8.257  4.389   1.00 0.68 ? 871 TYR A CZ   1 
ATOM 590  O OH   . TYR A 1 37 ? -0.015  -8.447  5.647   1.00 0.81 ? 871 TYR A OH   1 
ATOM 591  H H    . TYR A 1 37 ? 2.651   -8.040  -1.937  1.00 0.56 ? 871 TYR A H    1 
ATOM 592  H HA   . TYR A 1 37 ? 0.639   -9.142  -0.408  1.00 0.55 ? 871 TYR A HA   1 
ATOM 593  H HB2  . TYR A 1 37 ? 2.878   -8.180  0.319   1.00 0.43 ? 871 TYR A HB2  1 
ATOM 594  H HB3  . TYR A 1 37 ? 2.104   -6.596  0.268   1.00 0.33 ? 871 TYR A HB3  1 
ATOM 595  H HD1  . TYR A 1 37 ? 1.272   -8.426  1.920   1.00 2.05 ? 871 TYR A HD1  1 
ATOM 596  H HD2  . TYR A 1 37 ? 1.445   -7.350  1.991   1.00 2.21 ? 871 TYR A HD2  1 
ATOM 597  H HE1  . TYR A 1 37 ? 0.421   -8.772  4.206   1.00 2.01 ? 871 TYR A HE1  1 
ATOM 598  H HE2  . TYR A 1 37 ? 0.594   -7.697  4.278   1.00 2.33 ? 871 TYR A HE2  1 
ATOM 599  H HH   . TYR A 1 37 ? 0.451   -8.519  6.225   1.00 0.98 ? 871 TYR A HH   1 
ATOM 600  N N    . PHE A 1 38 ? 0.024   -5.935  -0.974  1.00 0.37 ? 872 PHE A N    1 
ATOM 601  C CA   . PHE A 1 38 ? -1.040  -4.962  -1.104  1.00 0.35 ? 872 PHE A CA   1 
ATOM 602  C C    . PHE A 1 38 ? -2.108  -5.486  -2.049  1.00 0.41 ? 872 PHE A C    1 
ATOM 603  O O    . PHE A 1 38 ? -3.039  -6.159  -1.621  1.00 0.46 ? 872 PHE A O    1 
ATOM 604  C CB   . PHE A 1 38 ? -0.466  -3.648  -1.617  1.00 0.32 ? 872 PHE A CB   1 
ATOM 605  C CG   . PHE A 1 38 ? -1.411  -2.485  -1.495  1.00 0.26 ? 872 PHE A CG   1 
ATOM 606  C CD1  . PHE A 1 38 ? -1.959  -2.061  -1.629  1.00 1.25 ? 872 PHE A CD1  1 
ATOM 607  C CD2  . PHE A 1 38 ? -1.740  -1.830  -1.248  1.00 1.17 ? 872 PHE A CD2  1 
ATOM 608  C CE1  . PHE A 1 38 ? -2.836  -0.984  -1.517  1.00 1.30 ? 872 PHE A CE1  1 
ATOM 609  C CE2  . PHE A 1 38 ? -2.617  -0.751  -1.135  1.00 1.14 ? 872 PHE A CE2  1 
ATOM 610  C CZ   . PHE A 1 38 ? -3.164  -0.328  -1.270  1.00 0.32 ? 872 PHE A CZ   1 
ATOM 611  H H    . PHE A 1 38 ? 0.974   -5.619  -1.028  1.00 0.36 ? 872 PHE A H    1 
ATOM 612  H HA   . PHE A 1 38 ? -1.486  -4.796  -0.127  1.00 0.34 ? 872 PHE A HA   1 
ATOM 613  H HB2  . PHE A 1 38 ? 0.433   -3.424  -1.055  1.00 0.34 ? 872 PHE A HB2  1 
ATOM 614  H HB3  . PHE A 1 38 ? -0.202  -3.767  -2.660  1.00 0.40 ? 872 PHE A HB3  1 
ATOM 615  H HD1  . PHE A 1 38 ? -1.706  -2.568  -1.820  1.00 2.14 ? 872 PHE A HD1  1 
ATOM 616  H HD2  . PHE A 1 38 ? -1.318  -2.156  -1.144  1.00 2.09 ? 872 PHE A HD2  1 
ATOM 617  H HE1  . PHE A 1 38 ? -3.258  -0.657  -1.622  1.00 2.22 ? 872 PHE A HE1  1 
ATOM 618  H HE2  . PHE A 1 38 ? -2.870  -0.246  -0.945  1.00 2.03 ? 872 PHE A HE2  1 
ATOM 619  H HZ   . PHE A 1 38 ? -3.841  0.503   -1.183  1.00 0.39 ? 872 PHE A HZ   1 
ATOM 620  N N    . VAL A 1 39 ? -1.972  -5.178  -3.337  1.00 0.43 ? 873 VAL A N    1 
ATOM 621  C CA   . VAL A 1 39 ? -2.922  -5.618  -4.334  1.00 0.50 ? 873 VAL A CA   1 
ATOM 622  C C    . VAL A 1 39 ? -3.506  -6.961  -3.929  1.00 0.54 ? 873 VAL A C    1 
ATOM 623  O O    . VAL A 1 39 ? -4.679  -7.226  -4.170  1.00 0.59 ? 873 VAL A O    1 
ATOM 624  C CB   . VAL A 1 39 ? -2.230  -5.716  -5.687  1.00 0.55 ? 873 VAL A CB   1 
ATOM 625  C CG1  . VAL A 1 39 ? -0.759  -6.004  -5.491  1.00 0.53 ? 873 VAL A CG1  1 
ATOM 626  C CG2  . VAL A 1 39 ? -2.849  -6.831  -6.496  1.00 0.63 ? 873 VAL A CG2  1 
ATOM 627  H H    . VAL A 1 39 ? -1.188  -4.623  -3.637  1.00 0.42 ? 873 VAL A H    1 
ATOM 628  H HA   . VAL A 1 39 ? -3.727  -4.888  -4.402  1.00 0.50 ? 873 VAL A HA   1 
ATOM 629  H HB   . VAL A 1 39 ? -2.344  -4.783  -6.216  1.00 0.62 ? 873 VAL A HB   1 
ATOM 630  H HG11 . VAL A 1 39 ? -0.329  -5.914  -5.565  1.00 1.16 ? 873 VAL A HG11 1 
ATOM 631  H HG12 . VAL A 1 39 ? -0.450  -6.040  -5.232  1.00 1.12 ? 873 VAL A HG12 1 
ATOM 632  H HG13 . VAL A 1 39 ? -0.446  -6.266  -5.534  1.00 1.13 ? 873 VAL A HG13 1 
ATOM 633  H HG21 . VAL A 1 39 ? -2.848  -7.071  -6.817  1.00 1.21 ? 873 VAL A HG21 1 
ATOM 634  H HG22 . VAL A 1 39 ? -2.960  -7.199  -6.519  1.00 1.24 ? 873 VAL A HG22 1 
ATOM 635  H HG23 . VAL A 1 39 ? -3.182  -7.019  -6.728  1.00 1.15 ? 873 VAL A HG23 1 
ATOM 636  N N    . ALA A 1 40 ? -2.684  -7.810  -3.310  1.00 0.53 ? 874 ALA A N    1 
ATOM 637  C CA   . ALA A 1 40 ? -3.121  -9.119  -2.876  1.00 0.58 ? 874 ALA A CA   1 
ATOM 638  C C    . ALA A 1 40 ? -4.278  -8.978  -1.901  1.00 0.59 ? 874 ALA A C    1 
ATOM 639  O O    . ALA A 1 40 ? -5.339  -9.533  -2.112  1.00 0.70 ? 874 ALA A O    1 
ATOM 640  C CB   . ALA A 1 40 ? -1.954  -9.855  -2.228  1.00 0.57 ? 874 ALA A CB   1 
ATOM 641  H H    . ALA A 1 40 ? -1.728  -7.543  -3.136  1.00 0.50 ? 874 ALA A H    1 
ATOM 642  H HA   . ALA A 1 40 ? -3.457  -9.685  -3.743  1.00 0.61 ? 874 ALA A HA   1 
ATOM 643  H HB1  . ALA A 1 40 ? -1.723  -10.113 -2.091  1.00 1.00 ? 874 ALA A HB1  1 
ATOM 644  H HB2  . ALA A 1 40 ? -1.614  -9.994  -2.140  1.00 1.29 ? 874 ALA A HB2  1 
ATOM 645  H HB3  . ALA A 1 40 ? -1.689  -9.983  -1.990  1.00 1.21 ? 874 ALA A HB3  1 
ATOM 646  N N    . PHE A 1 41 ? -4.072  -8.233  -0.829  1.00 0.52 ? 875 PHE A N    1 
ATOM 647  C CA   . PHE A 1 41 ? -5.098  -8.025  0.170   1.00 0.54 ? 875 PHE A CA   1 
ATOM 648  C C    . PHE A 1 41 ? -6.461  -7.949  -0.498  1.00 0.58 ? 875 PHE A C    1 
ATOM 649  O O    . PHE A 1 41 ? -7.411  -8.580  -0.047  1.00 0.64 ? 875 PHE A O    1 
ATOM 650  C CB   . PHE A 1 41 ? -4.802  -6.743  0.942   1.00 0.49 ? 875 PHE A CB   1 
ATOM 651  C CG   . PHE A 1 41 ? -3.443  -6.737  1.597   1.00 0.44 ? 875 PHE A CG   1 
ATOM 652  C CD1  . PHE A 1 41 ? -2.791  -6.911  1.871   1.00 1.30 ? 875 PHE A CD1  1 
ATOM 653  C CD2  . PHE A 1 41 ? -2.837  -6.557  1.932   1.00 1.25 ? 875 PHE A CD2  1 
ATOM 654  C CE1  . PHE A 1 41 ? -1.533  -6.904  2.479   1.00 1.28 ? 875 PHE A CE1  1 
ATOM 655  C CE2  . PHE A 1 41 ? -1.578  -6.550  2.540   1.00 1.25 ? 875 PHE A CE2  1 
ATOM 656  C CZ   . PHE A 1 41 ? -0.926  -6.724  2.814   1.00 0.39 ? 875 PHE A CZ   1 
ATOM 657  H H    . PHE A 1 41 ? -3.182  -7.798  -0.701  1.00 0.51 ? 875 PHE A H    1 
ATOM 658  H HA   . PHE A 1 41 ? -5.090  -8.864  0.864   1.00 0.57 ? 875 PHE A HA   1 
ATOM 659  H HB2  . PHE A 1 41 ? -4.860  -5.902  0.253   1.00 0.47 ? 875 PHE A HB2  1 
ATOM 660  H HB3  . PHE A 1 41 ? -5.560  -6.618  1.711   1.00 0.51 ? 875 PHE A HB3  1 
ATOM 661  H HD1  . PHE A 1 41 ? -3.260  -7.049  1.613   1.00 2.20 ? 875 PHE A HD1  1 
ATOM 662  H HD2  . PHE A 1 41 ? -3.341  -6.423  1.720   1.00 2.14 ? 875 PHE A HD2  1 
ATOM 663  H HE1  . PHE A 1 41 ? -1.029  -7.038  2.690   1.00 2.17 ? 875 PHE A HE1  1 
ATOM 664  H HE2  . PHE A 1 41 ? -1.111  -6.412  2.798   1.00 2.14 ? 875 PHE A HE2  1 
ATOM 665  H HZ   . PHE A 1 41 ? 0.045   -6.719  3.283   1.00 0.38 ? 875 PHE A HZ   1 
ATOM 666  N N    . ASP A 1 42 ? -6.557  -7.172  -1.577  1.00 0.57 ? 876 ASP A N    1 
ATOM 667  C CA   . ASP A 1 42 ? -7.801  -7.017  -2.301  1.00 0.61 ? 876 ASP A CA   1 
ATOM 668  C C    . ASP A 1 42 ? -7.895  -5.612  -2.871  1.00 0.56 ? 876 ASP A C    1 
ATOM 669  O O    . ASP A 1 42 ? -8.950  -5.201  -3.345  1.00 0.58 ? 876 ASP A O    1 
ATOM 670  C CB   . ASP A 1 42 ? -8.970  -7.298  -1.365  1.00 0.66 ? 876 ASP A CB   1 
ATOM 671  C CG   . ASP A 1 42 ? -9.440  -8.735  -1.499  1.00 0.73 ? 876 ASP A CG   1 
ATOM 672  O OD1  . ASP A 1 42 ? -9.495  -9.271  -1.833  1.00 1.43 ? 876 ASP A OD1  1 
ATOM 673  O OD2  . ASP A 1 42 ? -9.735  -9.269  -1.264  1.00 1.19 ? 876 ASP A OD2  1 
ATOM 674  H H    . ASP A 1 42 ? -5.746  -6.674  -1.908  1.00 0.53 ? 876 ASP A H    1 
ATOM 675  H HA   . ASP A 1 42 ? -7.826  -7.733  -3.120  1.00 0.64 ? 876 ASP A HA   1 
ATOM 676  H HB2  . ASP A 1 42 ? -8.657  -7.121  -0.339  1.00 0.64 ? 876 ASP A HB2  1 
ATOM 677  H HB3  . ASP A 1 42 ? -9.791  -6.631  -1.609  1.00 0.68 ? 876 ASP A HB3  1 
ATOM 678  N N    . GLY A 1 43 ? -6.789  -4.872  -2.826  1.00 0.52 ? 877 GLY A N    1 
ATOM 679  C CA   . GLY A 1 43 ? -6.757  -3.520  -3.338  1.00 0.49 ? 877 GLY A CA   1 
ATOM 680  C C    . GLY A 1 43 ? -6.250  -3.508  -4.770  1.00 0.50 ? 877 GLY A C    1 
ATOM 681  O O    . GLY A 1 43 ? -6.561  -4.403  -5.543  1.00 0.58 ? 877 GLY A O    1 
ATOM 682  H H    . GLY A 1 43 ? -5.945  -5.256  -2.427  1.00 0.53 ? 877 GLY A H    1 
ATOM 683  H HA2  . GLY A 1 43 ? -7.760  -3.103  -3.311  1.00 0.54 ? 877 GLY A HA2  1 
ATOM 684  H HA3  . GLY A 1 43 ? -6.098  -2.915  -2.721  1.00 0.44 ? 877 GLY A HA3  1 
ATOM 685  N N    . ASP A 1 44 ? -5.466  -2.490  -5.121  1.00 0.44 ? 878 ASP A N    1 
ATOM 686  C CA   . ASP A 1 44 ? -4.921  -2.367  -6.453  1.00 0.47 ? 878 ASP A CA   1 
ATOM 687  C C    . ASP A 1 44 ? -3.692  -1.478  -6.430  1.00 0.39 ? 878 ASP A C    1 
ATOM 688  O O    . ASP A 1 44 ? -3.537  -0.659  -5.535  1.00 0.34 ? 878 ASP A O    1 
ATOM 689  C CB   . ASP A 1 44 ? -5.978  -1.794  -7.383  1.00 0.54 ? 878 ASP A CB   1 
ATOM 690  C CG   . ASP A 1 44 ? -6.692  -2.800  -8.067  1.00 0.94 ? 878 ASP A CG   1 
ATOM 691  O OD1  . ASP A 1 44 ? -6.851  -3.399  -8.236  1.00 1.51 ? 878 ASP A OD1  1 
ATOM 692  O OD2  . ASP A 1 44 ? -7.064  -2.949  -8.407  1.00 1.62 ? 878 ASP A OD2  1 
ATOM 693  H H    . ASP A 1 44 ? -5.240  -1.780  -4.446  1.00 0.40 ? 878 ASP A H    1 
ATOM 694  H HA   . ASP A 1 44 ? -4.637  -3.352  -6.808  1.00 0.53 ? 878 ASP A HA   1 
ATOM 695  H HB2  . ASP A 1 44 ? -6.644  -1.246  -6.862  1.00 0.65 ? 878 ASP A HB2  1 
ATOM 696  H HB3  . ASP A 1 44 ? -5.562  -1.187  -8.084  1.00 0.60 ? 878 ASP A HB3  1 
ATOM 697  N N    . LEU A 1 45 ? -2.815  -1.640  -7.418  1.00 0.42 ? 879 LEU A N    1 
ATOM 698  C CA   . LEU A 1 45 ? -1.606  -0.853  -7.505  1.00 0.38 ? 879 LEU A CA   1 
ATOM 699  C C    . LEU A 1 45 ? -1.453  -0.289  -8.909  1.00 0.40 ? 879 LEU A C    1 
ATOM 700  O O    . LEU A 1 45 ? -1.484  -1.027  -9.881  1.00 0.52 ? 879 LEU A O    1 
ATOM 701  C CB   . LEU A 1 45 ? -0.411  -1.723  -7.140  1.00 0.43 ? 879 LEU A CB   1 
ATOM 702  C CG   . LEU A 1 45 ? -0.454  -2.152  -5.801  1.00 0.52 ? 879 LEU A CG   1 
ATOM 703  C CD1  . LEU A 1 45 ? 0.076   -2.348  -5.100  1.00 1.28 ? 879 LEU A CD1  1 
ATOM 704  C CD2  . LEU A 1 45 ? -0.748  -1.911  -4.988  1.00 1.11 ? 879 LEU A CD2  1 
ATOM 705  H H    . LEU A 1 45 ? -2.989  -2.328  -8.129  1.00 0.49 ? 879 LEU A H    1 
ATOM 706  H HA   . LEU A 1 45 ? -1.670  -0.030  -6.799  1.00 0.33 ? 879 LEU A HA   1 
ATOM 707  H HB2  . LEU A 1 45 ? -0.373  -2.539  -7.707  1.00 0.74 ? 879 LEU A HB2  1 
ATOM 708  H HB3  . LEU A 1 45 ? 0.435   -1.221  -7.267  1.00 0.68 ? 879 LEU A HB3  1 
ATOM 709  H HG   . LEU A 1 45 ? -0.655  -2.490  -5.928  1.00 1.45 ? 879 LEU A HG   1 
ATOM 710  H HD11 . LEU A 1 45 ? 0.211   -2.706  -4.933  1.00 1.83 ? 879 LEU A HD11 1 
ATOM 711  H HD12 . LEU A 1 45 ? 0.348   -2.142  -5.100  1.00 1.88 ? 879 LEU A HD12 1 
ATOM 712  H HD13 . LEU A 1 45 ? 0.049   -2.340  -4.763  1.00 1.81 ? 879 LEU A HD13 1 
ATOM 713  H HD21 . LEU A 1 45 ? -0.807  -2.036  -4.901  1.00 1.88 ? 879 LEU A HD21 1 
ATOM 714  H HD22 . LEU A 1 45 ? -0.637  -1.753  -4.477  1.00 1.51 ? 879 LEU A HD22 1 
ATOM 715  H HD23 . LEU A 1 45 ? -1.010  -1.773  -5.004  1.00 1.67 ? 879 LEU A HD23 1 
ATOM 716  N N    . VAL A 1 46 ? -1.289  1.024   -9.012  1.00 0.31 ? 880 VAL A N    1 
ATOM 717  C CA   . VAL A 1 46 ? -1.133  1.680   -10.294 1.00 0.33 ? 880 VAL A CA   1 
ATOM 718  C C    . VAL A 1 46 ? 0.300   2.153   -10.458 1.00 0.35 ? 880 VAL A C    1 
ATOM 719  O O    . VAL A 1 46 ? 0.914   2.579   -9.517  1.00 0.47 ? 880 VAL A O    1 
ATOM 720  C CB   . VAL A 1 46 ? -2.101  2.852   -10.386 1.00 0.28 ? 880 VAL A CB   1 
ATOM 721  C CG1  . VAL A 1 46 ? -2.913  2.745   -11.667 1.00 0.32 ? 880 VAL A CG1  1 
ATOM 722  C CG2  . VAL A 1 46 ? -3.038  2.830   -9.190  1.00 0.30 ? 880 VAL A CG2  1 
ATOM 723  H H    . VAL A 1 46 ? -1.271  1.585   -8.181  1.00 0.27 ? 880 VAL A H    1 
ATOM 724  H HA   . VAL A 1 46 ? -1.363  0.971   -11.085 1.00 0.39 ? 880 VAL A HA   1 
ATOM 725  H HB   . VAL A 1 46 ? -1.544  3.782   -10.392 1.00 0.29 ? 880 VAL A HB   1 
ATOM 726  H HG11 . VAL A 1 46 ? -3.114  2.733   -11.971 1.00 1.13 ? 880 VAL A HG11 1 
ATOM 727  H HG12 . VAL A 1 46 ? -3.079  2.721   -11.961 1.00 1.09 ? 880 VAL A HG12 1 
ATOM 728  H HG13 . VAL A 1 46 ? -3.125  2.703   -11.984 1.00 1.03 ? 880 VAL A HG13 1 
ATOM 729  H HG21 . VAL A 1 46 ? -3.184  2.806   -8.814  1.00 1.05 ? 880 VAL A HG21 1 
ATOM 730  H HG22 . VAL A 1 46 ? -3.280  2.935   -8.948  1.00 1.09 ? 880 VAL A HG22 1 
ATOM 731  H HG23 . VAL A 1 46 ? -3.319  2.736   -8.954  1.00 1.06 ? 880 VAL A HG23 1 
ATOM 732  N N    . GLN A 1 47 ? 0.832   2.076   -11.657 1.00 0.40 ? 881 GLN A N    1 
ATOM 733  C CA   . GLN A 1 47 ? 2.188   2.494   -11.936 1.00 0.43 ? 881 GLN A CA   1 
ATOM 734  C C    . GLN A 1 47 ? 2.287   4.008   -11.860 1.00 0.39 ? 881 GLN A C    1 
ATOM 735  O O    . GLN A 1 47 ? 1.459   4.716   -12.425 1.00 0.37 ? 881 GLN A O    1 
ATOM 736  C CB   . GLN A 1 47 ? 2.597   1.998   -13.317 1.00 0.51 ? 881 GLN A CB   1 
ATOM 737  C CG   . GLN A 1 47 ? 2.279   0.518   -13.434 1.00 0.61 ? 881 GLN A CG   1 
ATOM 738  C CD   . GLN A 1 47 ? 1.825   0.173   -14.758 1.00 0.82 ? 881 GLN A CD   1 
ATOM 739  O OE1  . GLN A 1 47 ? 1.623   0.255   -15.469 1.00 1.32 ? 881 GLN A OE1  1 
ATOM 740  N NE2  . GLN A 1 47 ? 1.665   -0.215  -15.088 1.00 1.58 ? 881 GLN A NE2  1 
ATOM 741  H H    . GLN A 1 47 ? 0.284   1.717   -12.398 1.00 0.52 ? 881 GLN A H    1 
ATOM 742  H HA   . GLN A 1 47 ? 2.852   2.058   -11.192 1.00 0.43 ? 881 GLN A HA   1 
ATOM 743  H HB2  . GLN A 1 47 ? 2.051   2.546   -14.079 1.00 0.48 ? 881 GLN A HB2  1 
ATOM 744  H HB3  . GLN A 1 47 ? 3.661   2.151   -13.458 1.00 0.55 ? 881 GLN A HB3  1 
ATOM 745  H HG2  . GLN A 1 47 ? 3.116   -0.041  -13.224 1.00 0.78 ? 881 GLN A HG2  1 
ATOM 746  H HG3  . GLN A 1 47 ? 1.544   0.252   -12.762 1.00 0.69 ? 881 GLN A HG3  1 
ATOM 747  H HE21 . GLN A 1 47 ? 1.845   -0.266  -14.470 1.00 2.18 ? 881 GLN A HE21 1 
ATOM 748  H HE22 . GLN A 1 47 ? 1.365   -0.455  -15.955 1.00 1.86 ? 881 GLN A HE22 1 
ATOM 749  N N    . GLU A 1 48 ? 3.306   4.505   -11.159 1.00 0.40 ? 882 GLU A N    1 
ATOM 750  C CA   . GLU A 1 48 ? 3.506   5.931   -11.017 1.00 0.39 ? 882 GLU A CA   1 
ATOM 751  C C    . GLU A 1 48 ? 2.902   6.663   -12.204 1.00 0.40 ? 882 GLU A C    1 
ATOM 752  O O    . GLU A 1 48 ? 1.903   7.359   -12.064 1.00 0.37 ? 882 GLU A O    1 
ATOM 753  C CB   . GLU A 1 48 ? 4.996   6.223   -10.905 1.00 0.46 ? 882 GLU A CB   1 
ATOM 754  C CG   . GLU A 1 48 ? 5.205   7.713   -10.686 1.00 0.51 ? 882 GLU A CG   1 
ATOM 755  C CD   . GLU A 1 48 ? 6.472   8.177   -11.358 1.00 0.66 ? 882 GLU A CD   1 
ATOM 756  O OE1  . GLU A 1 48 ? 6.943   8.187   -11.769 1.00 1.31 ? 882 GLU A OE1  1 
ATOM 757  O OE2  . GLU A 1 48 ? 6.945   8.515   -11.448 1.00 1.31 ? 882 GLU A OE2  1 
ATOM 758  H H    . GLU A 1 48 ? 3.961   3.880   -10.714 1.00 0.42 ? 882 GLU A H    1 
ATOM 759  H HA   . GLU A 1 48 ? 3.013   6.265   -10.108 1.00 0.36 ? 882 GLU A HA   1 
ATOM 760  H HB2  . GLU A 1 48 ? 5.412   5.672   -10.066 1.00 0.47 ? 882 GLU A HB2  1 
ATOM 761  H HB3  . GLU A 1 48 ? 5.496   5.921   -11.820 1.00 0.51 ? 882 GLU A HB3  1 
ATOM 762  H HG2  . GLU A 1 48 ? 4.363   8.262   -11.096 1.00 0.46 ? 882 GLU A HG2  1 
ATOM 763  H HG3  . GLU A 1 48 ? 5.271   7.909   -9.627  1.00 0.53 ? 882 GLU A HG3  1 
ATOM 764  N N    . PHE A 1 49 ? 3.510   6.504   -13.378 1.00 0.46 ? 883 PHE A N    1 
ATOM 765  C CA   . PHE A 1 49 ? 3.027   7.149   -14.581 1.00 0.48 ? 883 PHE A CA   1 
ATOM 766  C C    . PHE A 1 49 ? 1.669   6.583   -14.960 1.00 0.45 ? 883 PHE A C    1 
ATOM 767  O O    . PHE A 1 49 ? 1.203   6.783   -16.073 1.00 0.50 ? 883 PHE A O    1 
ATOM 768  C CB   . PHE A 1 49 ? 4.032   6.939   -15.706 1.00 0.56 ? 883 PHE A CB   1 
ATOM 769  C CG   . PHE A 1 49 ? 4.106   5.516   -16.189 1.00 0.60 ? 883 PHE A CG   1 
ATOM 770  C CD1  . PHE A 1 49 ? 4.209   4.797   -16.325 1.00 1.26 ? 883 PHE A CD1  1 
ATOM 771  C CD2  . PHE A 1 49 ? 4.070   4.916   -16.502 1.00 1.45 ? 883 PHE A CD2  1 
ATOM 772  C CE1  . PHE A 1 49 ? 4.278   3.477   -16.773 1.00 1.26 ? 883 PHE A CE1  1 
ATOM 773  C CE2  . PHE A 1 49 ? 4.138   3.597   -16.949 1.00 1.51 ? 883 PHE A CE2  1 
ATOM 774  C CZ   . PHE A 1 49 ? 4.241   2.877   -17.085 1.00 0.72 ? 883 PHE A CZ   1 
ATOM 775  H H    . PHE A 1 49 ? 4.328   5.919   -13.440 1.00 0.50 ? 883 PHE A H    1 
ATOM 776  H HA   . PHE A 1 49 ? 2.925   8.215   -14.395 1.00 0.47 ? 883 PHE A HA   1 
ATOM 777  H HB2  . PHE A 1 49 ? 3.756   7.577   -16.543 1.00 0.58 ? 883 PHE A HB2  1 
ATOM 778  H HB3  . PHE A 1 49 ? 5.015   7.236   -15.351 1.00 0.61 ? 883 PHE A HB3  1 
ATOM 779  H HD1  . PHE A 1 49 ? 4.237   5.261   -16.084 1.00 2.13 ? 883 PHE A HD1  1 
ATOM 780  H HD2  . PHE A 1 49 ? 3.989   5.471   -16.396 1.00 2.31 ? 883 PHE A HD2  1 
ATOM 781  H HE1  . PHE A 1 49 ? 4.358   2.923   -16.878 1.00 2.10 ? 883 PHE A HE1  1 
ATOM 782  H HE2  . PHE A 1 49 ? 4.110   3.134   -17.190 1.00 2.40 ? 883 PHE A HE2  1 
ATOM 783  H HZ   . PHE A 1 49 ? 4.294   1.860   -17.432 1.00 0.78 ? 883 PHE A HZ   1 
ATOM 784  N N    . ASP A 1 50 ? 1.035   5.875   -14.031 1.00 0.40 ? 884 ASP A N    1 
ATOM 785  C CA   . ASP A 1 50 ? -0.263  5.285   -14.273 1.00 0.40 ? 884 ASP A CA   1 
ATOM 786  C C    . ASP A 1 50 ? -1.085  5.312   -12.996 1.00 0.33 ? 884 ASP A C    1 
ATOM 787  O O    . ASP A 1 50 ? -1.017  4.389   -12.192 1.00 0.34 ? 884 ASP A O    1 
ATOM 788  C CB   . ASP A 1 50 ? -0.085  3.856   -14.770 1.00 0.46 ? 884 ASP A CB   1 
ATOM 789  C CG   . ASP A 1 50 ? 0.604   3.835   -16.122 1.00 0.54 ? 884 ASP A CG   1 
ATOM 790  O OD1  . ASP A 1 50 ? 0.753   4.137   -16.695 1.00 1.19 ? 884 ASP A OD1  1 
ATOM 791  O OD2  . ASP A 1 50 ? 0.970   3.519   -16.556 1.00 1.23 ? 884 ASP A OD2  1 
ATOM 792  H H    . ASP A 1 50 ? 1.462   5.741   -13.133 1.00 0.41 ? 884 ASP A H    1 
ATOM 793  H HA   . ASP A 1 50 ? -0.778  5.865   -15.039 1.00 0.41 ? 884 ASP A HA   1 
ATOM 794  H HB2  . ASP A 1 50 ? 0.514   3.300   -14.051 1.00 0.46 ? 884 ASP A HB2  1 
ATOM 795  H HB3  . ASP A 1 50 ? -1.062  3.385   -14.860 1.00 0.47 ? 884 ASP A HB3  1 
ATOM 796  N N    . MET A 1 51 ? -1.864  6.375   -12.809 1.00 0.31 ? 885 MET A N    1 
ATOM 797  C CA   . MET A 1 51 ? -2.690  6.513   -11.631 1.00 0.28 ? 885 MET A CA   1 
ATOM 798  C C    . MET A 1 51 ? -3.973  7.248   -11.984 1.00 0.30 ? 885 MET A C    1 
ATOM 799  O O    . MET A 1 51 ? -5.032  6.915   -11.499 1.00 0.44 ? 885 MET A O    1 
ATOM 800  C CB   . MET A 1 51 ? -1.918  7.264   -10.556 1.00 0.25 ? 885 MET A CB   1 
ATOM 801  C CG   . MET A 1 51 ? -0.837  8.104   -11.204 1.00 0.32 ? 885 MET A CG   1 
ATOM 802  S SD   . MET A 1 51 ? 0.434   8.571   -10.121 1.00 0.77 ? 885 MET A SD   1 
ATOM 803  C CE   . MET A 1 51 ? 1.266   7.289   -9.664  1.00 0.31 ? 885 MET A CE   1 
ATOM 804  H H    . MET A 1 51 ? -1.885  7.107   -13.500 1.00 0.33 ? 885 MET A H    1 
ATOM 805  H HA   . MET A 1 51 ? -2.943  5.522   -11.256 1.00 0.29 ? 885 MET A HA   1 
ATOM 806  H HB2  . MET A 1 51 ? -2.593  7.910   -10.005 1.00 0.28 ? 885 MET A HB2  1 
ATOM 807  H HB3  . MET A 1 51 ? -1.464  6.555   -9.873  1.00 0.26 ? 885 MET A HB3  1 
ATOM 808  H HG2  . MET A 1 51 ? -0.392  7.578   -12.010 1.00 0.32 ? 885 MET A HG2  1 
ATOM 809  H HG3  . MET A 1 51 ? -1.272  8.970   -11.593 1.00 0.42 ? 885 MET A HG3  1 
ATOM 810  H HE1  . MET A 1 51 ? 1.613   7.034   -9.752  1.00 1.11 ? 885 MET A HE1  1 
ATOM 811  H HE2  . MET A 1 51 ? 1.592   7.137   -9.300  1.00 0.97 ? 885 MET A HE2  1 
ATOM 812  H HE3  . MET A 1 51 ? 1.092   6.923   -9.664  1.00 1.09 ? 885 MET A HE3  1 
ATOM 813  N N    . THR A 1 52 ? -3.876  8.250   -12.834 1.00 0.29 ? 886 THR A N    1 
ATOM 814  C CA   . THR A 1 52 ? -5.029  9.024   -13.246 1.00 0.33 ? 886 THR A CA   1 
ATOM 815  C C    . THR A 1 52 ? -6.292  8.416   -12.663 1.00 0.37 ? 886 THR A C    1 
ATOM 816  O O    . THR A 1 52 ? -7.083  9.110   -12.035 1.00 0.41 ? 886 THR A O    1 
ATOM 817  C CB   . THR A 1 52 ? -5.099  9.061   -14.768 1.00 0.36 ? 886 THR A CB   1 
ATOM 818  O OG1  . THR A 1 52 ? -5.635  7.849   -15.241 1.00 0.38 ? 886 THR A OG1  1 
ATOM 819  C CG2  . THR A 1 52 ? -3.700  9.252   -15.335 1.00 0.37 ? 886 THR A CG2  1 
ATOM 820  H H    . THR A 1 52 ? -2.982  8.486   -13.206 1.00 0.36 ? 886 THR A H    1 
ATOM 821  H HA   . THR A 1 52 ? -4.922  10.040  -12.875 1.00 0.35 ? 886 THR A HA   1 
ATOM 822  H HB   . THR A 1 52 ? -5.734  9.886   -15.083 1.00 0.39 ? 886 THR A HB   1 
ATOM 823  H HG1  . THR A 1 52 ? -5.507  7.592   -15.654 1.00 0.89 ? 886 THR A HG1  1 
ATOM 824  H HG21 . THR A 1 52 ? -3.407  9.854   -15.357 1.00 0.99 ? 886 THR A HG21 1 
ATOM 825  H HG22 . THR A 1 52 ? -3.141  8.942   -15.086 1.00 0.85 ? 886 THR A HG22 1 
ATOM 826  H HG23 . THR A 1 52 ? -3.552  9.097   -15.970 1.00 0.95 ? 886 THR A HG23 1 
ATOM 827  N N    . SER A 1 53 ? -6.480  7.113   -12.873 1.00 0.38 ? 887 SER A N    1 
ATOM 828  C CA   . SER A 1 53 ? -7.643  6.419   -12.367 1.00 0.44 ? 887 SER A CA   1 
ATOM 829  C C    . SER A 1 53 ? -7.315  5.761   -11.036 1.00 0.42 ? 887 SER A C    1 
ATOM 830  O O    . SER A 1 53 ? -8.210  5.339   -10.312 1.00 0.47 ? 887 SER A O    1 
ATOM 831  C CB   . SER A 1 53 ? -8.097  5.383   -13.385 1.00 0.49 ? 887 SER A CB   1 
ATOM 832  O OG   . SER A 1 53 ? -9.205  5.878   -14.097 1.00 0.57 ? 887 SER A OG   1 
ATOM 833  H H    . SER A 1 53 ? -5.798  6.587   -13.396 1.00 0.37 ? 887 SER A H    1 
ATOM 834  H HA   . SER A 1 53 ? -8.444  7.139   -12.217 1.00 0.49 ? 887 SER A HA   1 
ATOM 835  H HB2  . SER A 1 53 ? -7.285  5.176   -14.078 1.00 0.47 ? 887 SER A HB2  1 
ATOM 836  H HB3  . SER A 1 53 ? -8.375  4.466   -12.869 1.00 0.51 ? 887 SER A HB3  1 
ATOM 837  H HG   . SER A 1 53 ? -9.400  6.308   -14.085 1.00 1.08 ? 887 SER A HG   1 
ATOM 838  N N    . ALA A 1 54 ? -6.026  5.673   -10.714 1.00 0.34 ? 888 ALA A N    1 
ATOM 839  C CA   . ALA A 1 54 ? -5.587  5.067   -9.475  1.00 0.31 ? 888 ALA A CA   1 
ATOM 840  C C    . ALA A 1 54 ? -6.420  5.595   -8.320  1.00 0.34 ? 888 ALA A C    1 
ATOM 841  O O    . ALA A 1 54 ? -7.338  6.362   -8.512  1.00 0.47 ? 888 ALA A O    1 
ATOM 842  C CB   . ALA A 1 54 ? -4.110  5.371   -9.257  1.00 0.27 ? 888 ALA A CB   1 
ATOM 843  H H    . ALA A 1 54 ? -5.329  6.036   -11.346 1.00 0.31 ? 888 ALA A H    1 
ATOM 844  H HA   . ALA A 1 54 ? -5.720  3.988   -9.541  1.00 0.33 ? 888 ALA A HA   1 
ATOM 845  H HB1  . ALA A 1 54 ? -3.702  5.472   -9.545  1.00 0.98 ? 888 ALA A HB1  1 
ATOM 846  H HB2  . ALA A 1 54 ? -3.855  5.719   -9.022  1.00 1.02 ? 888 ALA A HB2  1 
ATOM 847  H HB3  . ALA A 1 54 ? -3.719  5.137   -9.049  1.00 1.01 ? 888 ALA A HB3  1 
ATOM 848  N N    . THR A 1 55 ? -6.100  5.182   -7.116  1.00 0.36 ? 889 THR A N    1 
ATOM 849  C CA   . THR A 1 55 ? -6.821  5.619   -5.940  1.00 0.42 ? 889 THR A CA   1 
ATOM 850  C C    . THR A 1 55 ? -5.849  6.028   -4.853  1.00 0.35 ? 889 THR A C    1 
ATOM 851  O O    . THR A 1 55 ? -6.055  7.032   -4.183  1.00 0.39 ? 889 THR A O    1 
ATOM 852  C CB   . THR A 1 55 ? -7.720  4.498   -5.458  1.00 0.53 ? 889 THR A CB   1 
ATOM 853  O OG1  . THR A 1 55 ? -8.917  5.040   -4.979  1.00 0.68 ? 889 THR A OG1  1 
ATOM 854  C CG2  . THR A 1 55 ? -7.031  3.739   -4.343  1.00 0.51 ? 889 THR A CG2  1 
ATOM 855  H H    . THR A 1 55 ? -5.336  4.552   -7.009  1.00 0.42 ? 889 THR A H    1 
ATOM 856  H HA   . THR A 1 55 ? -7.434  6.473   -6.201  1.00 0.49 ? 889 THR A HA   1 
ATOM 857  H HB   . THR A 1 55 ? -7.929  3.820   -6.280  1.00 0.55 ? 889 THR A HB   1 
ATOM 858  H HG1  . THR A 1 55 ? -9.458  4.668   -4.952  1.00 0.88 ? 889 THR A HG1  1 
ATOM 859  H HG21 . THR A 1 55 ? -6.913  3.747   -3.875  1.00 1.05 ? 889 THR A HG21 1 
ATOM 860  H HG22 . THR A 1 55 ? -7.048  3.348   -4.122  1.00 1.18 ? 889 THR A HG22 1 
ATOM 861  H HG23 . THR A 1 55 ? -6.638  3.579   -4.235  1.00 1.12 ? 889 THR A HG23 1 
ATOM 862  N N    . HIS A 1 56 ? -4.787  5.248   -4.678  1.00 0.29 ? 890 HIS A N    1 
ATOM 863  C CA   . HIS A 1 56 ? -3.794  5.535   -3.672  1.00 0.29 ? 890 HIS A CA   1 
ATOM 864  C C    . HIS A 1 56 ? -2.416  5.619   -4.307  1.00 0.24 ? 890 HIS A C    1 
ATOM 865  O O    . HIS A 1 56 ? -2.204  5.109   -5.401  1.00 0.21 ? 890 HIS A O    1 
ATOM 866  C CB   . HIS A 1 56 ? -3.827  4.454   -2.606  1.00 0.38 ? 890 HIS A CB   1 
ATOM 867  C CG   . HIS A 1 56 ? -4.963  4.591   -1.653  1.00 0.34 ? 890 HIS A CG   1 
ATOM 868  N ND1  . HIS A 1 56 ? -6.256  4.634   -1.909  1.00 0.54 ? 890 HIS A ND1  1 
ATOM 869  C CD2  . HIS A 1 56 ? -4.898  4.694   -0.374  1.00 0.58 ? 890 HIS A CD2  1 
ATOM 870  C CE1  . HIS A 1 56 ? -6.953  4.762   -0.801  1.00 0.48 ? 890 HIS A CE1  1 
ATOM 871  N NE2  . HIS A 1 56 ? -6.170  4.803   0.161   1.00 0.57 ? 890 HIS A NE2  1 
ATOM 872  H H    . HIS A 1 56 ? -4.662  4.433   -5.255  1.00 0.29 ? 890 HIS A H    1 
ATOM 873  H HA   . HIS A 1 56 ? -4.029  6.489   -3.212  1.00 0.34 ? 890 HIS A HA   1 
ATOM 874  H HB2  . HIS A 1 56 ? -3.901  3.503   -3.086  1.00 0.51 ? 890 HIS A HB2  1 
ATOM 875  H HB3  . HIS A 1 56 ? -2.913  4.491   -2.051  1.00 0.49 ? 890 HIS A HB3  1 
ATOM 876  H HD1  . HIS A 1 56 ? -6.615  4.581   -2.770  1.00 0.86 ? 890 HIS A HD1  1 
ATOM 877  H HD2  . HIS A 1 56 ? -4.021  4.693   0.130   1.00 0.89 ? 890 HIS A HD2  1 
ATOM 878  H HE1  . HIS A 1 56 ? -8.002  4.823   -0.698  1.00 0.65 ? 890 HIS A HE1  1 
ATOM 879  N N    . VAL A 1 57 ? -1.478  6.266   -3.616  1.00 0.26 ? 891 VAL A N    1 
ATOM 880  C CA   . VAL A 1 57 ? -0.129  6.414   -4.114  1.00 0.26 ? 891 VAL A CA   1 
ATOM 881  C C    . VAL A 1 57 ? 0.847   6.447   -2.949  1.00 0.31 ? 891 VAL A C    1 
ATOM 882  O O    . VAL A 1 57 ? 0.704   7.246   -2.045  1.00 0.45 ? 891 VAL A O    1 
ATOM 883  C CB   . VAL A 1 57 ? -0.029  7.691   -4.941  1.00 0.29 ? 891 VAL A CB   1 
ATOM 884  C CG1  . VAL A 1 57 ? -0.721  7.485   -6.282  1.00 0.31 ? 891 VAL A CG1  1 
ATOM 885  C CG2  . VAL A 1 57 ? -0.704  8.833   -4.194  1.00 0.33 ? 891 VAL A CG2  1 
ATOM 886  H H    . VAL A 1 57 ? -1.705  6.667   -2.721  1.00 0.31 ? 891 VAL A H    1 
ATOM 887  H HA   . VAL A 1 57 ? 0.109   5.563   -4.750  1.00 0.23 ? 891 VAL A HA   1 
ATOM 888  H HB   . VAL A 1 57 ? 1.016   7.936   -5.107  1.00 0.31 ? 891 VAL A HB   1 
ATOM 889  H HG11 . VAL A 1 57 ? -0.742  7.442   -6.668  1.00 1.09 ? 891 VAL A HG11 1 
ATOM 890  H HG12 . VAL A 1 57 ? -0.952  7.296   -6.567  1.00 1.02 ? 891 VAL A HG12 1 
ATOM 891  H HG13 . VAL A 1 57 ? -0.961  7.571   -6.567  1.00 1.08 ? 891 VAL A HG13 1 
ATOM 892  H HG21 . VAL A 1 57 ? -0.804  9.134   -4.002  1.00 1.07 ? 891 VAL A HG21 1 
ATOM 893  H HG22 . VAL A 1 57 ? -0.906  9.133   -4.068  1.00 1.06 ? 891 VAL A HG22 1 
ATOM 894  H HG23 . VAL A 1 57 ? -0.886  9.046   -3.980  1.00 1.12 ? 891 VAL A HG23 1 
ATOM 895  N N    . LEU A 1 58 ? 1.843   5.574   -2.972  1.00 0.27 ? 892 LEU A N    1 
ATOM 896  C CA   . LEU A 1 58 ? 2.836   5.508   -1.921  1.00 0.31 ? 892 LEU A CA   1 
ATOM 897  C C    . LEU A 1 58 ? 3.860   6.610   -2.114  1.00 0.42 ? 892 LEU A C    1 
ATOM 898  O O    . LEU A 1 58 ? 4.482   6.709   -3.161  1.00 0.45 ? 892 LEU A O    1 
ATOM 899  C CB   . LEU A 1 58 ? 3.505   4.142   -1.937  1.00 0.29 ? 892 LEU A CB   1 
ATOM 900  C CG   . LEU A 1 58 ? 3.556   3.579   -0.525  1.00 0.27 ? 892 LEU A CG   1 
ATOM 901  C CD1  . LEU A 1 58 ? 2.936   2.202   -0.498  1.00 0.31 ? 892 LEU A CD1  1 
ATOM 902  C CD2  . LEU A 1 58 ? 4.991   3.483   -0.061  1.00 0.34 ? 892 LEU A CD2  1 
ATOM 903  H H    . LEU A 1 58 ? 1.916   4.939   -3.740  1.00 0.29 ? 892 LEU A H    1 
ATOM 904  H HA   . LEU A 1 58 ? 2.346   5.646   -0.961  1.00 0.32 ? 892 LEU A HA   1 
ATOM 905  H HB2  . LEU A 1 58 ? 2.938   3.473   -2.575  1.00 0.27 ? 892 LEU A HB2  1 
ATOM 906  H HB3  . LEU A 1 58 ? 4.514   4.239   -2.323  1.00 0.37 ? 892 LEU A HB3  1 
ATOM 907  H HG   . LEU A 1 58 ? 3.009   4.231   0.136   1.00 0.35 ? 892 LEU A HG   1 
ATOM 908  H HD11 . LEU A 1 58 ? 2.593   1.991   -0.547  1.00 1.11 ? 892 LEU A HD11 1 
ATOM 909  H HD12 . LEU A 1 58 ? 2.929   1.796   -0.663  1.00 1.05 ? 892 LEU A HD12 1 
ATOM 910  H HD13 . LEU A 1 58 ? 2.843   1.836   -0.267  1.00 1.01 ? 892 LEU A HD13 1 
ATOM 911  H HD21 . LEU A 1 58 ? 5.333   3.254   0.048   1.00 0.98 ? 892 LEU A HD21 1 
ATOM 912  H HD22 . LEU A 1 58 ? 5.352   3.566   -0.129  1.00 1.19 ? 892 LEU A HD22 1 
ATOM 913  H HD23 . LEU A 1 58 ? 5.316   3.560   0.226   1.00 1.05 ? 892 LEU A HD23 1 
ATOM 914  N N    . GLY A 1 59 ? 4.035   7.441   -1.099  1.00 0.54 ? 893 GLY A N    1 
ATOM 915  C CA   . GLY A 1 59 ? 4.983   8.528   -1.166  1.00 0.66 ? 893 GLY A CA   1 
ATOM 916  C C    . GLY A 1 59 ? 4.692   9.457   -2.225  1.00 0.52 ? 893 GLY A C    1 
ATOM 917  O O    . GLY A 1 59 ? 4.893   9.241   -2.925  1.00 1.19 ? 893 GLY A O    1 
ATOM 918  H H    . GLY A 1 59 ? 3.500   7.318   -0.258  1.00 0.56 ? 893 GLY A H    1 
ATOM 919  H HA2  . GLY A 1 59 ? 4.972   9.035   -0.292  1.00 0.97 ? 893 GLY A HA2  1 
ATOM 920  H HA3  . GLY A 1 59 ? 5.922   8.174   -1.325  1.00 0.81 ? 893 GLY A HA3  1 
ATOM 921  N N    . SER A 1 60 ? 4.218   10.496  -2.341  1.00 0.77 ? 894 SER A N    1 
ATOM 922  C CA   . SER A 1 60 ? 3.905   11.452  -3.313  1.00 0.57 ? 894 SER A CA   1 
ATOM 923  C C    . SER A 1 60 ? 2.555   11.153  -3.941  1.00 0.50 ? 894 SER A C    1 
ATOM 924  O O    . SER A 1 60 ? 1.970   10.111  -3.687  1.00 0.51 ? 894 SER A O    1 
ATOM 925  C CB   . SER A 1 60 ? 4.988   11.470  -4.316  1.00 0.56 ? 894 SER A CB   1 
ATOM 926  O OG   . SER A 1 60 ? 6.138   11.976  -3.773  1.00 0.73 ? 894 SER A OG   1 
ATOM 927  H H    . SER A 1 60 ? 4.071   10.629  -1.742  1.00 1.45 ? 894 SER A H    1 
ATOM 928  H HA   . SER A 1 60 ? 3.868   12.391  -2.854  1.00 0.71 ? 894 SER A HA   1 
ATOM 929  H HB2  . SER A 1 60 ? 5.172   10.519  -4.643  1.00 0.69 ? 894 SER A HB2  1 
ATOM 930  H HB3  . SER A 1 60 ? 4.688   12.044  -5.123  1.00 0.65 ? 894 SER A HB3  1 
ATOM 931  H HG   . SER A 1 60 ? 6.391   11.971  -3.612  1.00 1.30 ? 894 SER A HG   1 
ATOM 932  N N    . ARG A 1 61 ? 2.064   12.072  -4.766  1.00 0.46 ? 895 ARG A N    1 
ATOM 933  C CA   . ARG A 1 61 ? 0.789   11.904  -5.425  1.00 0.41 ? 895 ARG A CA   1 
ATOM 934  C C    . ARG A 1 61 ? 0.866   12.452  -6.840  1.00 0.40 ? 895 ARG A C    1 
ATOM 935  O O    . ARG A 1 61 ? 0.208   11.942  -7.739  1.00 0.37 ? 895 ARG A O    1 
ATOM 936  C CB   . ARG A 1 61 ? -0.293  12.621  -4.628  1.00 0.46 ? 895 ARG A CB   1 
ATOM 937  C CG   . ARG A 1 61 ? 0.129   14.063  -4.385  1.00 0.54 ? 895 ARG A CG   1 
ATOM 938  C CD   . ARG A 1 61 ? -1.046  14.909  -4.143  1.00 0.67 ? 895 ARG A CD   1 
ATOM 939  N NE   . ARG A 1 61 ? -0.974  16.035  -4.260  1.00 1.15 ? 895 ARG A NE   1 
ATOM 940  C CZ   . ARG A 1 61 ? -1.551  16.970  -4.031  1.00 1.33 ? 895 ARG A CZ   1 
ATOM 941  N NH1  . ARG A 1 61 ? -2.230  16.897  -3.677  1.00 1.49 ? 895 ARG A NH1  1 
ATOM 942  N NH2  . ARG A 1 61 ? -1.449  17.978  -4.155  1.00 2.06 ? 895 ARG A NH2  1 
ATOM 943  H H    . ARG A 1 61 ? 2.586   12.913  -4.941  1.00 0.50 ? 895 ARG A H    1 
ATOM 944  H HA   . ARG A 1 61 ? 0.550   10.844  -5.469  1.00 0.36 ? 895 ARG A HA   1 
ATOM 945  H HB2  . ARG A 1 61 ? -1.225  12.605  -5.187  1.00 0.46 ? 895 ARG A HB2  1 
ATOM 946  H HB3  . ARG A 1 61 ? -0.433  12.118  -3.674  1.00 0.47 ? 895 ARG A HB3  1 
ATOM 947  H HG2  . ARG A 1 61 ? 0.757   14.123  -3.548  1.00 0.55 ? 895 ARG A HG2  1 
ATOM 948  H HG3  . ARG A 1 61 ? 0.641   14.430  -5.219  1.00 0.73 ? 895 ARG A HG3  1 
ATOM 949  H HD2  . ARG A 1 61 ? -1.646  14.705  -4.602  1.00 1.13 ? 895 ARG A HD2  1 
ATOM 950  H HD3  . ARG A 1 61 ? -1.361  14.872  -3.418  1.00 0.99 ? 895 ARG A HD3  1 
ATOM 951  H HE   . ARG A 1 61 ? -0.464  16.099  -4.526  1.00 1.82 ? 895 ARG A HE   1 
ATOM 952  H HH11 . ARG A 1 61 ? -2.307  16.137  -3.583  1.00 1.56 ? 895 ARG A HH11 1 
ATOM 953  H HH12 . ARG A 1 61 ? -2.666  17.602  -3.504  1.00 2.00 ? 895 ARG A HH12 1 
ATOM 954  H HH21 . ARG A 1 61 ? -0.937  18.033  -4.421  1.00 2.56 ? 895 ARG A HH21 1 
ATOM 955  H HH22 . ARG A 1 61 ? -1.884  18.682  -3.982  1.00 2.31 ? 895 ARG A HH22 1 
ATOM 956  N N    . ASP A 1 62 ? 1.674   13.493  -7.036  1.00 0.46 ? 896 ASP A N    1 
ATOM 957  C CA   . ASP A 1 62 ? 1.832   14.103  -8.338  1.00 0.48 ? 896 ASP A CA   1 
ATOM 958  C C    . ASP A 1 62 ? 1.243   13.198  -9.405  1.00 0.43 ? 896 ASP A C    1 
ATOM 959  O O    . ASP A 1 62 ? 0.143   13.441  -9.889  1.00 0.43 ? 896 ASP A O    1 
ATOM 960  C CB   . ASP A 1 62 ? 3.310   14.359  -8.602  1.00 0.53 ? 896 ASP A CB   1 
ATOM 961  C CG   . ASP A 1 62 ? 3.638   14.420  -9.864  1.00 0.90 ? 896 ASP A CG   1 
ATOM 962  O OD1  . ASP A 1 62 ? 3.679   14.367  -10.333 1.00 1.74 ? 896 ASP A OD1  1 
ATOM 963  O OD2  . ASP A 1 62 ? 3.842   14.519  -10.336 1.00 1.43 ? 896 ASP A OD2  1 
ATOM 964  H H    . ASP A 1 62 ? 2.193   13.875  -6.263  1.00 0.51 ? 896 ASP A H    1 
ATOM 965  H HA   . ASP A 1 62 ? 1.302   15.053  -8.351  1.00 0.53 ? 896 ASP A HA   1 
ATOM 966  H HB2  . ASP A 1 62 ? 3.614   15.161  -8.236  1.00 0.77 ? 896 ASP A HB2  1 
ATOM 967  H HB3  . ASP A 1 62 ? 3.846   13.697  -8.238  1.00 0.85 ? 896 ASP A HB3  1 
ATOM 968  N N    . LYS A 1 63 ? 1.980   12.149  -9.771  1.00 0.41 ? 897 LYS A N    1 
ATOM 969  C CA   . LYS A 1 63 ? 1.526   11.216  -10.776 1.00 0.40 ? 897 LYS A CA   1 
ATOM 970  C C    . LYS A 1 63 ? 0.010   11.110  -10.738 1.00 0.38 ? 897 LYS A C    1 
ATOM 971  O O    . LYS A 1 63 ? -0.627  10.931  -11.771 1.00 0.40 ? 897 LYS A O    1 
ATOM 972  C CB   . LYS A 1 63 ? 2.167   9.856   -10.531 1.00 0.39 ? 897 LYS A CB   1 
ATOM 973  C CG   . LYS A 1 63 ? 2.959   9.894   -9.230  1.00 0.39 ? 897 LYS A CG   1 
ATOM 974  C CD   . LYS A 1 63 ? 2.008   9.734   -8.051  1.00 0.35 ? 897 LYS A CD   1 
ATOM 975  C CE   . LYS A 1 63 ? 2.687   10.229  -6.781  1.00 0.39 ? 897 LYS A CE   1 
ATOM 976  N NZ   . LYS A 1 63 ? 2.336   9.393   -5.635  1.00 0.44 ? 897 LYS A NZ   1 
ATOM 977  H H    . LYS A 1 63 ? 2.878   11.993  -9.341  1.00 0.43 ? 897 LYS A H    1 
ATOM 978  H HA   . LYS A 1 63 ? 1.829   11.578  -11.757 1.00 0.43 ? 897 LYS A HA   1 
ATOM 979  H HB2  . LYS A 1 63 ? 1.392   9.096   -10.460 1.00 0.37 ? 897 LYS A HB2  1 
ATOM 980  H HB3  . LYS A 1 63 ? 2.836   9.618   -11.355 1.00 0.43 ? 897 LYS A HB3  1 
ATOM 981  H HG2  . LYS A 1 63 ? 3.684   9.085   -9.222  1.00 0.41 ? 897 LYS A HG2  1 
ATOM 982  H HG3  . LYS A 1 63 ? 3.477   10.847  -9.151  1.00 0.42 ? 897 LYS A HG3  1 
ATOM 983  H HD2  . LYS A 1 63 ? 1.106   10.315  -8.231  1.00 0.34 ? 897 LYS A HD2  1 
ATOM 984  H HD3  . LYS A 1 63 ? 1.746   8.684   -7.935  1.00 0.33 ? 897 LYS A HD3  1 
ATOM 985  H HE2  . LYS A 1 63 ? 3.760   10.207  -6.917  1.00 0.44 ? 897 LYS A HE2  1 
ATOM 986  H HE3  . LYS A 1 63 ? 2.376   11.246  -6.585  1.00 0.40 ? 897 LYS A HE3  1 
ATOM 987  H HZ1  . LYS A 1 63 ? 2.404   9.271   -5.277  1.00 1.07 ? 897 LYS A HZ1  1 
ATOM 988  H HZ2  . LYS A 1 63 ? 2.087   9.283   -5.359  1.00 0.93 ? 897 LYS A HZ2  1 
ATOM 989  H HZ3  . LYS A 1 63 ? 2.275   9.052   -5.483  1.00 1.11 ? 897 LYS A HZ3  1 
ATOM 990  N N    . ASN A 1 64 ? -0.567  11.222  -9.543  1.00 0.36 ? 898 ASN A N    1 
ATOM 991  C CA   . ASN A 1 64 ? -2.003  11.139  -9.378  1.00 0.35 ? 898 ASN A CA   1 
ATOM 992  C C    . ASN A 1 64 ? -2.413  11.798  -8.072  1.00 0.37 ? 898 ASN A C    1 
ATOM 993  O O    . ASN A 1 64 ? -2.342  11.180  -7.013  1.00 0.35 ? 898 ASN A O    1 
ATOM 994  C CB   . ASN A 1 64 ? -2.432  9.678   -9.402  1.00 0.33 ? 898 ASN A CB   1 
ATOM 995  C CG   . ASN A 1 64 ? -3.637  9.486   -10.208 1.00 0.61 ? 898 ASN A CG   1 
ATOM 996  O OD1  . ASN A 1 64 ? -3.741  10.095  -11.065 1.00 1.19 ? 898 ASN A OD1  1 
ATOM 997  N ND2  . ASN A 1 64 ? -4.548  8.635   -9.932  1.00 0.39 ? 898 ASN A ND2  1 
ATOM 998  H H    . ASN A 1 64 ? 0.001   11.368  -8.724  1.00 0.36 ? 898 ASN A H    1 
ATOM 999  H HA   . ASN A 1 64 ? -2.483  11.662  -10.203 1.00 0.39 ? 898 ASN A HA   1 
ATOM 1000 H HB2  . ASN A 1 64 ? -1.665  9.086   -9.803  1.00 0.44 ? 898 ASN A HB2  1 
ATOM 1001 H HB3  . ASN A 1 64 ? -2.629  9.345   -8.427  1.00 0.38 ? 898 ASN A HB3  1 
ATOM 1002 H HD21 . ASN A 1 64 ? -4.416  8.157   -9.219  1.00 0.51 ? 898 ASN A HD21 1 
ATOM 1003 H HD22 . ASN A 1 64 ? -5.366  8.471   -10.438 1.00 0.58 ? 898 ASN A HD22 1 
ATOM 1004 N N    . PRO A 1 65 ? -2.846  13.056  -8.150  1.00 0.42 ? 899 PRO A N    1 
ATOM 1005 C CA   . PRO A 1 65 ? -3.279  13.838  -7.016  1.00 0.47 ? 899 PRO A CA   1 
ATOM 1006 C C    . PRO A 1 65 ? -4.626  13.331  -6.531  1.00 0.48 ? 899 PRO A C    1 
ATOM 1007 O O    . PRO A 1 65 ? -5.082  13.706  -5.456  1.00 0.53 ? 899 PRO A O    1 
ATOM 1008 C CB   . PRO A 1 65 ? -3.389  15.264  -7.546  1.00 0.54 ? 899 PRO A CB   1 
ATOM 1009 C CG   . PRO A 1 65 ? -3.747  15.053  -9.014  1.00 0.52 ? 899 PRO A CG   1 
ATOM 1010 C CD   . PRO A 1 65 ? -2.942  13.812  -9.378  1.00 0.46 ? 899 PRO A CD   1 
ATOM 1011 H HA   . PRO A 1 65 ? -2.552  13.789  -6.207  1.00 0.48 ? 899 PRO A HA   1 
ATOM 1012 H HB2  . PRO A 1 65 ? -4.142  15.844  -7.015  1.00 0.58 ? 899 PRO A HB2  1 
ATOM 1013 H HB3  . PRO A 1 65 ? -2.416  15.746  -7.483  1.00 0.56 ? 899 PRO A HB3  1 
ATOM 1014 H HG2  . PRO A 1 65 ? -4.809  14.828  -9.093  1.00 0.53 ? 899 PRO A HG2  1 
ATOM 1015 H HG3  . PRO A 1 65 ? -3.487  15.910  -9.632  1.00 0.56 ? 899 PRO A HG3  1 
ATOM 1016 H HD2  . PRO A 1 65 ? -3.441  13.242  -10.160 1.00 0.44 ? 899 PRO A HD2  1 
ATOM 1017 H HD3  . PRO A 1 65 ? -1.943  14.100  -9.698  1.00 0.46 ? 899 PRO A HD3  1 
ATOM 1018 N N    . ALA A 1 66 ? -5.265  12.476  -7.328  1.00 0.45 ? 900 ALA A N    1 
ATOM 1019 C CA   . ALA A 1 66 ? -6.557  11.925  -6.977  1.00 0.47 ? 900 ALA A CA   1 
ATOM 1020 C C    . ALA A 1 66 ? -6.370  10.658  -6.156  1.00 0.43 ? 900 ALA A C    1 
ATOM 1021 O O    . ALA A 1 66 ? -7.343  10.053  -5.716  1.00 0.47 ? 900 ALA A O    1 
ATOM 1022 C CB   . ALA A 1 66 ? -7.345  11.634  -8.249  1.00 0.47 ? 900 ALA A CB   1 
ATOM 1023 H H    . ALA A 1 66 ? -4.847  12.200  -8.201  1.00 0.42 ? 900 ALA A H    1 
ATOM 1024 H HA   . ALA A 1 66 ? -7.103  12.654  -6.383  1.00 0.51 ? 900 ALA A HA   1 
ATOM 1025 H HB1  . ALA A 1 66 ? -7.649  11.411  -8.439  1.00 1.12 ? 900 ALA A HB1  1 
ATOM 1026 H HB2  . ALA A 1 66 ? -7.601  11.778  -8.553  1.00 1.19 ? 900 ALA A HB2  1 
ATOM 1027 H HB3  . ALA A 1 66 ? -7.348  11.506  -8.666  1.00 1.02 ? 900 ALA A HB3  1 
ATOM 1028 N N    . ALA A 1 67 ? -5.117  10.258  -5.951  1.00 0.38 ? 901 ALA A N    1 
ATOM 1029 C CA   . ALA A 1 67 ? -4.811  9.068   -5.186  1.00 0.35 ? 901 ALA A CA   1 
ATOM 1030 C C    . ALA A 1 67 ? -4.533  9.438   -3.741  1.00 0.42 ? 901 ALA A C    1 
ATOM 1031 O O    . ALA A 1 67 ? -4.819  10.472  -3.329  1.00 0.75 ? 901 ALA A O    1 
ATOM 1032 C CB   . ALA A 1 67 ? -3.610  8.367   -5.801  1.00 0.29 ? 901 ALA A CB   1 
ATOM 1033 H H    . ALA A 1 67 ? -4.353  10.791  -6.335  1.00 0.37 ? 901 ALA A H    1 
ATOM 1034 H HA   . ALA A 1 67 ? -5.665  8.396   -5.218  1.00 0.37 ? 901 ALA A HA   1 
ATOM 1035 H HB1  . ALA A 1 67 ? -3.517  7.969   -6.001  1.00 1.04 ? 901 ALA A HB1  1 
ATOM 1036 H HB2  . ALA A 1 67 ? -3.279  8.418   -6.161  1.00 1.03 ? 901 ALA A HB2  1 
ATOM 1037 H HB3  . ALA A 1 67 ? -3.177  8.214   -5.680  1.00 1.00 ? 901 ALA A HB3  1 
ATOM 1038 N N    . GLN A 1 68 ? -3.974  8.592   -2.972  1.00 0.42 ? 902 GLN A N    1 
ATOM 1039 C CA   . GLN A 1 68 ? -3.664  8.834   -1.580  1.00 0.43 ? 902 GLN A CA   1 
ATOM 1040 C C    . GLN A 1 68 ? -2.161  8.791   -1.370  1.00 0.41 ? 902 GLN A C    1 
ATOM 1041 O O    . GLN A 1 68 ? -1.497  7.865   -1.823  1.00 0.39 ? 902 GLN A O    1 
ATOM 1042 C CB   . GLN A 1 68 ? -4.358  7.791   -0.714  1.00 0.44 ? 902 GLN A CB   1 
ATOM 1043 C CG   . GLN A 1 68 ? -5.663  8.312   -0.242  1.00 0.60 ? 902 GLN A CG   1 
ATOM 1044 C CD   . GLN A 1 68 ? -5.522  9.683   0.347   1.00 0.64 ? 902 GLN A CD   1 
ATOM 1045 O OE1  . GLN A 1 68 ? -6.394  10.512  0.210   1.00 0.81 ? 902 GLN A OE1  1 
ATOM 1046 N NE2  . GLN A 1 68 ? -4.420  9.922   1.003   1.00 0.59 ? 902 GLN A NE2  1 
ATOM 1047 H H    . GLN A 1 68 ? -3.760  7.756   -3.359  1.00 0.66 ? 902 GLN A H    1 
ATOM 1048 H HA   . GLN A 1 68 ? -4.029  9.821   -1.305  1.00 0.48 ? 902 GLN A HA   1 
ATOM 1049 H HB2  . GLN A 1 68 ? -4.525  6.907   -1.275  1.00 0.56 ? 902 GLN A HB2  1 
ATOM 1050 H HB3  . GLN A 1 68 ? -3.757  7.556   0.127   1.00 0.43 ? 902 GLN A HB3  1 
ATOM 1051 H HG2  . GLN A 1 68 ? -6.333  8.376   -1.061  1.00 0.76 ? 902 GLN A HG2  1 
ATOM 1052 H HG3  . GLN A 1 68 ? -6.047  7.625   0.490   1.00 0.68 ? 902 GLN A HG3  1 
ATOM 1053 H HE21 . GLN A 1 68 ? -3.732  9.208   1.086   1.00 0.51 ? 902 GLN A HE21 1 
ATOM 1054 H HE22 . GLN A 1 68 ? -4.276  10.816  1.413   1.00 0.71 ? 902 GLN A HE22 1 
ATOM 1055 N N    . GLN A 1 69 ? -1.624  9.794   -0.681  1.00 0.45 ? 903 GLN A N    1 
ATOM 1056 C CA   . GLN A 1 69 ? -0.205  9.863   -0.417  1.00 0.47 ? 903 GLN A CA   1 
ATOM 1057 C C    . GLN A 1 69 ? 0.121   9.118   0.869   1.00 0.46 ? 903 GLN A C    1 
ATOM 1058 O O    . GLN A 1 69 ? 0.492   9.725   1.864   1.00 0.54 ? 903 GLN A O    1 
ATOM 1059 C CB   . GLN A 1 69 ? 0.218   11.322  -0.318  1.00 0.56 ? 903 GLN A CB   1 
ATOM 1060 C CG   . GLN A 1 69 ? 0.429   11.880  -1.608  1.00 0.66 ? 903 GLN A CG   1 
ATOM 1061 C CD   . GLN A 1 69 ? -0.297  13.083  -1.654  1.00 1.07 ? 903 GLN A CD   1 
ATOM 1062 O OE1  . GLN A 1 69 ? 0.053   14.129  -1.270  1.00 1.16 ? 903 GLN A OE1  1 
ATOM 1063 N NE2  . GLN A 1 69 ? -1.312  12.931  -2.124  1.00 1.57 ? 903 GLN A NE2  1 
ATOM 1064 H H    . GLN A 1 69 ? -2.214  10.530  -0.330  1.00 0.50 ? 903 GLN A H    1 
ATOM 1065 H HA   . GLN A 1 69 ? 0.330   9.397   -1.240  1.00 0.46 ? 903 GLN A HA   1 
ATOM 1066 H HB2  . GLN A 1 69 ? -0.497  11.864  0.147   1.00 0.78 ? 903 GLN A HB2  1 
ATOM 1067 H HB3  . GLN A 1 69 ? 1.083   11.422  0.210   1.00 0.74 ? 903 GLN A HB3  1 
ATOM 1068 H HG2  . GLN A 1 69 ? 1.388   12.076  -1.726  1.00 0.92 ? 903 GLN A HG2  1 
ATOM 1069 H HG3  . GLN A 1 69 ? 0.155   11.215  -2.398  1.00 0.57 ? 903 GLN A HG3  1 
ATOM 1070 H HE21 . GLN A 1 69 ? -1.561  12.051  -2.426  1.00 1.66 ? 903 GLN A HE21 1 
ATOM 1071 H HE22 . GLN A 1 69 ? -1.829  13.696  -2.175  1.00 1.96 ? 903 GLN A HE22 1 
ATOM 1072 N N    . VAL A 1 70 ? -0.018  7.799   0.846   1.00 0.39 ? 904 VAL A N    1 
ATOM 1073 C CA   . VAL A 1 70 ? 0.262   6.979   2.006   1.00 0.38 ? 904 VAL A CA   1 
ATOM 1074 C C    . VAL A 1 70 ? 1.739   6.626   2.043   1.00 0.40 ? 904 VAL A C    1 
ATOM 1075 O O    . VAL A 1 70 ? 2.471   6.923   1.105   1.00 0.42 ? 904 VAL A O    1 
ATOM 1076 C CB   . VAL A 1 70 ? -0.593  5.721   1.955   1.00 0.32 ? 904 VAL A CB   1 
ATOM 1077 C CG1  . VAL A 1 70 ? -1.676  5.887   0.896   1.00 0.31 ? 904 VAL A CG1  1 
ATOM 1078 C CG2  . VAL A 1 70 ? 0.283   4.527   1.602   1.00 0.29 ? 904 VAL A CG2  1 
ATOM 1079 H H    . VAL A 1 70 ? -0.326  7.350   0.002   1.00 0.37 ? 904 VAL A H    1 
ATOM 1080 H HA   . VAL A 1 70 ? 0.012   7.540   2.904   1.00 0.43 ? 904 VAL A HA   1 
ATOM 1081 H HB   . VAL A 1 70 ? -1.055  5.555   2.926   1.00 0.35 ? 904 VAL A HB   1 
ATOM 1082 H HG11 . VAL A 1 70 ? -1.991  5.826   0.676   1.00 1.10 ? 904 VAL A HG11 1 
ATOM 1083 H HG12 . VAL A 1 70 ? -1.972  6.033   0.687   1.00 0.99 ? 904 VAL A HG12 1 
ATOM 1084 H HG13 . VAL A 1 70 ? -1.840  5.922   0.569   1.00 1.10 ? 904 VAL A HG13 1 
ATOM 1085 H HG21 . VAL A 1 70 ? 0.472   4.206   1.566   1.00 1.02 ? 904 VAL A HG21 1 
ATOM 1086 H HG22 . VAL A 1 70 ? 0.462   4.240   1.462   1.00 1.09 ? 904 VAL A HG22 1 
ATOM 1087 H HG23 . VAL A 1 70 ? 0.542   4.281   1.526   1.00 1.08 ? 904 VAL A HG23 1 
ATOM 1088 N N    . SER A 1 71 ? 2.175   5.988   3.130   1.00 0.41 ? 905 SER A N    1 
ATOM 1089 C CA   . SER A 1 71 ? 3.559   5.597   3.281   1.00 0.44 ? 905 SER A CA   1 
ATOM 1090 C C    . SER A 1 71 ? 3.645   4.123   3.634   1.00 0.42 ? 905 SER A C    1 
ATOM 1091 O O    . SER A 1 71 ? 2.646   3.412   3.581   1.00 0.37 ? 905 SER A O    1 
ATOM 1092 C CB   . SER A 1 71 ? 4.213   6.446   4.363   1.00 0.49 ? 905 SER A CB   1 
ATOM 1093 O OG   . SER A 1 71 ? 4.778   6.438   4.675   1.00 1.40 ? 905 SER A OG   1 
ATOM 1094 H H    . SER A 1 71 ? 1.532   5.767   3.874   1.00 0.40 ? 905 SER A H    1 
ATOM 1095 H HA   . SER A 1 71 ? 4.076   5.766   2.339   1.00 0.47 ? 905 SER A HA   1 
ATOM 1096 H HB2  . SER A 1 71 ? 4.347   6.929   4.411   1.00 1.09 ? 905 SER A HB2  1 
ATOM 1097 H HB3  . SER A 1 71 ? 4.110   6.577   4.845   1.00 1.05 ? 905 SER A HB3  1 
ATOM 1098 H HG   . SER A 1 71 ? 4.580   6.960   4.810   1.00 1.91 ? 905 SER A HG   1 
ATOM 1099 N N    . PRO A 1 72 ? 4.842   3.664   3.997   1.00 0.47 ? 906 PRO A N    1 
ATOM 1100 C CA   . PRO A 1 72 ? 5.111   2.295   4.368   1.00 0.48 ? 906 PRO A CA   1 
ATOM 1101 C C    . PRO A 1 72 ? 4.512   2.008   5.734   1.00 0.46 ? 906 PRO A C    1 
ATOM 1102 O O    . PRO A 1 72 ? 4.138   0.878   6.026   1.00 0.46 ? 906 PRO A O    1 
ATOM 1103 C CB   . PRO A 1 72 ? 6.630   2.192   4.408   1.00 0.57 ? 906 PRO A CB   1 
ATOM 1104 C CG   . PRO A 1 72 ? 7.055   3.603   4.799   1.00 0.58 ? 906 PRO A CG   1 
ATOM 1105 C CD   . PRO A 1 72 ? 6.036   4.472   4.070   1.00 0.53 ? 906 PRO A CD   1 
ATOM 1106 H HA   . PRO A 1 72 ? 4.702   1.604   3.633   1.00 0.48 ? 906 PRO A HA   1 
ATOM 1107 H HB2  . PRO A 1 72 ? 6.976   1.443   5.118   1.00 0.59 ? 906 PRO A HB2  1 
ATOM 1108 H HB3  . PRO A 1 72 ? 6.998   1.974   3.408   1.00 0.60 ? 906 PRO A HB3  1 
ATOM 1109 H HG2  . PRO A 1 72 ? 6.931   3.727   5.872   1.00 0.58 ? 906 PRO A HG2  1 
ATOM 1110 H HG3  . PRO A 1 72 ? 8.077   3.827   4.501   1.00 0.64 ? 906 PRO A HG3  1 
ATOM 1111 H HD2  . PRO A 1 72 ? 5.861   5.398   4.611   1.00 0.54 ? 906 PRO A HD2  1 
ATOM 1112 H HD3  . PRO A 1 72 ? 6.384   4.683   3.062   1.00 0.56 ? 906 PRO A HD3  1 
ATOM 1113 N N    . GLU A 1 73 ? 4.422   3.037   6.572   1.00 0.48 ? 907 GLU A N    1 
ATOM 1114 C CA   . GLU A 1 73 ? 3.872   2.888   7.900   1.00 0.50 ? 907 GLU A CA   1 
ATOM 1115 C C    . GLU A 1 73 ? 2.367   2.688   7.818   1.00 0.46 ? 907 GLU A C    1 
ATOM 1116 O O    . GLU A 1 73 ? 1.772   2.068   8.696   1.00 0.47 ? 907 GLU A O    1 
ATOM 1117 C CB   . GLU A 1 73 ? 4.208   4.119   8.727   1.00 0.56 ? 907 GLU A CB   1 
ATOM 1118 C CG   . GLU A 1 73 ? 5.392   3.996   9.390   1.00 0.81 ? 907 GLU A CG   1 
ATOM 1119 C CD   . GLU A 1 73 ? 6.080   4.712   8.967   1.00 1.60 ? 907 GLU A CD   1 
ATOM 1120 O OE1  . GLU A 1 73 ? 6.282   4.868   8.782   1.00 2.39 ? 907 GLU A OE1  1 
ATOM 1121 O OE2  . GLU A 1 73 ? 6.392   5.088   8.836   1.00 2.10 ? 907 GLU A OE2  1 
ATOM 1122 H H    . GLU A 1 73 ? 4.745   3.947   6.284   1.00 0.50 ? 907 GLU A H    1 
ATOM 1123 H HA   . GLU A 1 73 ? 4.317   2.015   8.372   1.00 0.52 ? 907 GLU A HA   1 
ATOM 1124 H HB2  . GLU A 1 73 ? 4.281   4.909   8.175   1.00 0.85 ? 907 GLU A HB2  1 
ATOM 1125 H HB3  . GLU A 1 73 ? 3.534   4.298   9.396   1.00 0.76 ? 907 GLU A HB3  1 
ATOM 1126 H HG2  . GLU A 1 73 ? 5.423   4.153   10.178  1.00 1.04 ? 907 GLU A HG2  1 
ATOM 1127 H HG3  . GLU A 1 73 ? 5.721   3.226   9.395   1.00 1.13 ? 907 GLU A HG3  1 
ATOM 1128 N N    . TRP A 1 74 ? 1.751   3.215   6.759   1.00 0.43 ? 908 TRP A N    1 
ATOM 1129 C CA   . TRP A 1 74 ? 0.323   3.089   6.570   1.00 0.41 ? 908 TRP A CA   1 
ATOM 1130 C C    . TRP A 1 74 ? -0.038  1.633   6.321   1.00 0.36 ? 908 TRP A C    1 
ATOM 1131 O O    . TRP A 1 74 ? -0.933  1.096   6.954   1.00 0.43 ? 908 TRP A O    1 
ATOM 1132 C CB   . TRP A 1 74 ? -0.114  3.964   5.400   1.00 0.40 ? 908 TRP A CB   1 
ATOM 1133 C CG   . TRP A 1 74 ? -1.569  3.899   5.074   1.00 0.39 ? 908 TRP A CG   1 
ATOM 1134 C CD1  . TRP A 1 74 ? -2.542  4.575   5.719   1.00 0.44 ? 908 TRP A CD1  1 
ATOM 1135 C CD2  . TRP A 1 74 ? -2.241  3.129   4.036   1.00 0.34 ? 908 TRP A CD2  1 
ATOM 1136 N NE1  . TRP A 1 74 ? -3.762  4.277   5.154   1.00 0.44 ? 908 TRP A NE1  1 
ATOM 1137 C CE2  . TRP A 1 74 ? -3.634  3.388   4.109   1.00 0.38 ? 908 TRP A CE2  1 
ATOM 1138 C CE3  . TRP A 1 74 ? -1.817  2.237   3.038   1.00 0.28 ? 908 TRP A CE3  1 
ATOM 1139 C CZ2  . TRP A 1 74 ? -4.555  2.795   3.244   1.00 0.37 ? 908 TRP A CZ2  1 
ATOM 1140 C CZ3  . TRP A 1 74 ? -2.732  1.639   2.164   1.00 0.27 ? 908 TRP A CZ3  1 
ATOM 1141 C CH2  . TRP A 1 74 ? -4.099  1.914   2.264   1.00 0.32 ? 908 TRP A CH2  1 
ATOM 1142 H H    . TRP A 1 74 ? 2.285   3.717   6.065   1.00 0.43 ? 908 TRP A H    1 
ATOM 1143 H HA   . TRP A 1 74 ? -0.183  3.426   7.472   1.00 0.46 ? 908 TRP A HA   1 
ATOM 1144 H HB2  . TRP A 1 74 ? 0.137   4.997   5.632   1.00 0.44 ? 908 TRP A HB2  1 
ATOM 1145 H HB3  . TRP A 1 74 ? 0.447   3.662   4.518   1.00 0.36 ? 908 TRP A HB3  1 
ATOM 1146 H HD1  . TRP A 1 74 ? -2.389  5.244   6.550   1.00 0.49 ? 908 TRP A HD1  1 
ATOM 1147 H HE1  . TRP A 1 74 ? -4.627  4.675   5.486   1.00 0.48 ? 908 TRP A HE1  1 
ATOM 1148 H HE3  . TRP A 1 74 ? -0.767  2.009   2.942   1.00 0.27 ? 908 TRP A HE3  1 
ATOM 1149 H HZ2  . TRP A 1 74 ? -5.607  3.017   3.332   1.00 0.41 ? 908 TRP A HZ2  1 
ATOM 1150 H HZ3  . TRP A 1 74 ? -2.379  0.957   1.406   1.00 0.25 ? 908 TRP A HZ3  1 
ATOM 1151 H HH2  . TRP A 1 74 ? -4.797  1.448   1.586   1.00 0.33 ? 908 TRP A HH2  1 
ATOM 1152 N N    . ILE A 1 75 ? 0.661   0.996   5.393   1.00 0.31 ? 909 ILE A N    1 
ATOM 1153 C CA   . ILE A 1 75 ? 0.414   -0.391  5.064   1.00 0.28 ? 909 ILE A CA   1 
ATOM 1154 C C    . ILE A 1 75 ? 0.410   -1.230  6.332   1.00 0.31 ? 909 ILE A C    1 
ATOM 1155 O O    . ILE A 1 75 ? -0.527  -1.974  6.581   1.00 0.35 ? 909 ILE A O    1 
ATOM 1156 C CB   . ILE A 1 75 ? 1.484   -0.880  4.096   1.00 0.27 ? 909 ILE A CB   1 
ATOM 1157 C CG1  . ILE A 1 75 ? 1.016   -0.655  2.663   1.00 0.27 ? 909 ILE A CG1  1 
ATOM 1158 C CG2  . ILE A 1 75 ? 1.733   -2.367  4.324   1.00 0.26 ? 909 ILE A CG2  1 
ATOM 1159 C CD1  . ILE A 1 75 ? 2.043   0.185   1.916   1.00 0.30 ? 909 ILE A CD1  1 
ATOM 1160 H H    . ILE A 1 75 ? 1.386   1.484   4.900   1.00 0.34 ? 909 ILE A H    1 
ATOM 1161 H HA   . ILE A 1 75 ? -0.558  -0.472  4.583   1.00 0.28 ? 909 ILE A HA   1 
ATOM 1162 H HB   . ILE A 1 75 ? 2.407   -0.329  4.266   1.00 0.30 ? 909 ILE A HB   1 
ATOM 1163 H HG12 . ILE A 1 75 ? 0.902   -1.615  2.166   1.00 0.28 ? 909 ILE A HG12 1 
ATOM 1164 H HG13 . ILE A 1 75 ? 0.063   -0.135  2.670   1.00 0.29 ? 909 ILE A HG13 1 
ATOM 1165 H HG21 . ILE A 1 75 ? 1.880   -2.699  4.426   1.00 1.06 ? 909 ILE A HG21 1 
ATOM 1166 H HG22 . ILE A 1 75 ? 1.701   -2.717  4.431   1.00 1.05 ? 909 ILE A HG22 1 
ATOM 1167 H HG23 . ILE A 1 75 ? 1.792   -2.748  4.278   1.00 1.06 ? 909 ILE A HG23 1 
ATOM 1168 H HD11 . ILE A 1 75 ? 2.172   0.291   1.466   1.00 1.01 ? 909 ILE A HD11 1 
ATOM 1169 H HD12 . ILE A 1 75 ? 2.180   0.641   1.872   1.00 1.04 ? 909 ILE A HD12 1 
ATOM 1170 H HD13 . ILE A 1 75 ? 2.511   0.220   1.875   1.00 1.03 ? 909 ILE A HD13 1 
ATOM 1171 N N    . TRP A 1 76 ? 1.460   -1.108  7.137   1.00 0.35 ? 910 TRP A N    1 
ATOM 1172 C CA   . TRP A 1 76 ? 1.566   -1.855  8.373   1.00 0.38 ? 910 TRP A CA   1 
ATOM 1173 C C    . TRP A 1 76 ? 0.391   -1.529  9.278   1.00 0.38 ? 910 TRP A C    1 
ATOM 1174 O O    . TRP A 1 76 ? -0.401  -2.398  9.605   1.00 0.43 ? 910 TRP A O    1 
ATOM 1175 C CB   . TRP A 1 76 ? 2.881   -1.517  9.057   1.00 0.44 ? 910 TRP A CB   1 
ATOM 1176 C CG   . TRP A 1 76 ? 4.081   -1.551  8.172   1.00 0.45 ? 910 TRP A CG   1 
ATOM 1177 C CD1  . TRP A 1 76 ? 4.974   -0.551  8.029   1.00 0.49 ? 910 TRP A CD1  1 
ATOM 1178 C CD2  . TRP A 1 76 ? 4.539   -2.622  7.299   1.00 0.47 ? 910 TRP A CD2  1 
ATOM 1179 N NE1  . TRP A 1 76 ? 5.947   -0.926  7.133   1.00 0.52 ? 910 TRP A NE1  1 
ATOM 1180 C CE2  . TRP A 1 76 ? 5.727   -2.196  6.652   1.00 0.52 ? 910 TRP A CE2  1 
ATOM 1181 C CE3  . TRP A 1 76 ? 4.074   -3.908  6.989   1.00 0.47 ? 910 TRP A CE3  1 
ATOM 1182 C CZ2  . TRP A 1 76 ? 6.415   -3.001  5.747   1.00 0.57 ? 910 TRP A CZ2  1 
ATOM 1183 C CZ3  . TRP A 1 76 ? 4.756   -4.724  6.083   1.00 0.53 ? 910 TRP A CZ3  1 
ATOM 1184 C CH2  . TRP A 1 76 ? 5.924   -4.274  5.461   1.00 0.58 ? 910 TRP A CH2  1 
ATOM 1185 H H    . TRP A 1 76 ? 2.205   -0.482  6.888   1.00 0.38 ? 910 TRP A H    1 
ATOM 1186 H HA   . TRP A 1 76 ? 1.549   -2.917  8.146   1.00 0.39 ? 910 TRP A HA   1 
ATOM 1187 H HB2  . TRP A 1 76 ? 2.802   -0.521  9.480   1.00 0.47 ? 910 TRP A HB2  1 
ATOM 1188 H HB3  . TRP A 1 76 ? 3.034   -2.224  9.868   1.00 0.49 ? 910 TRP A HB3  1 
ATOM 1189 H HD1  . TRP A 1 76 ? 4.931   0.397   8.537   1.00 0.52 ? 910 TRP A HD1  1 
ATOM 1190 H HE1  . TRP A 1 76 ? 6.715   -0.324  6.880   1.00 0.56 ? 910 TRP A HE1  1 
ATOM 1191 H HE3  . TRP A 1 76 ? 3.174   -4.274  7.457   1.00 0.44 ? 910 TRP A HE3  1 
ATOM 1192 H HZ2  . TRP A 1 76 ? 7.315   -2.642  5.274   1.00 0.62 ? 910 TRP A HZ2  1 
ATOM 1193 H HZ3  . TRP A 1 76 ? 4.376   -5.708  5.861   1.00 0.55 ? 910 TRP A HZ3  1 
ATOM 1194 H HH2  . TRP A 1 76 ? 6.443   -4.909  4.764   1.00 0.65 ? 910 TRP A HH2  1 
ATOM 1195 N N    . ALA A 1 77 ? 0.281   -0.270  9.681   1.00 0.40 ? 911 ALA A N    1 
ATOM 1196 C CA   . ALA A 1 77 ? -0.794  0.165   10.545  1.00 0.44 ? 911 ALA A CA   1 
ATOM 1197 C C    . ALA A 1 77 ? -2.128  -0.268  9.966   1.00 0.43 ? 911 ALA A C    1 
ATOM 1198 O O    . ALA A 1 77 ? -3.039  -0.613  10.702  1.00 0.50 ? 911 ALA A O    1 
ATOM 1199 C CB   . ALA A 1 77 ? -0.739  1.678   10.699  1.00 0.50 ? 911 ALA A CB   1 
ATOM 1200 H H    . ALA A 1 77 ? 0.959   0.407   9.383   1.00 0.43 ? 911 ALA A H    1 
ATOM 1201 H HA   . ALA A 1 77 ? -0.667  -0.295  11.524  1.00 0.47 ? 911 ALA A HA   1 
ATOM 1202 H HB1  . ALA A 1 77 ? -0.754  2.053   10.783  1.00 1.03 ? 911 ALA A HB1  1 
ATOM 1203 H HB2  . ALA A 1 77 ? -0.671  2.035   10.735  1.00 1.22 ? 911 ALA A HB2  1 
ATOM 1204 H HB3  . ALA A 1 77 ? -0.753  2.028   10.684  1.00 1.17 ? 911 ALA A HB3  1 
ATOM 1205 N N    . CYS A 1 78 ? -2.241  -0.250  8.641   1.00 0.38 ? 912 CYS A N    1 
ATOM 1206 C CA   . CYS A 1 78 ? -3.458  -0.639  7.964   1.00 0.38 ? 912 CYS A CA   1 
ATOM 1207 C C    . CYS A 1 78 ? -3.643  -2.140  8.080   1.00 0.41 ? 912 CYS A C    1 
ATOM 1208 O O    . CYS A 1 78 ? -4.506  -2.600  8.756   1.00 0.59 ? 912 CYS A O    1 
ATOM 1209 C CB   . CYS A 1 78 ? -3.389  -0.213  6.505   1.00 0.36 ? 912 CYS A CB   1 
ATOM 1210 S SG   . CYS A 1 78 ? -3.349  1.308   6.326   1.00 1.02 ? 912 CYS A SG   1 
ATOM 1211 H H    . CYS A 1 78 ? -1.460  0.043   8.083   1.00 0.38 ? 912 CYS A H    1 
ATOM 1212 H HA   . CYS A 1 78 ? -4.299  -0.143  8.436   1.00 0.43 ? 912 CYS A HA   1 
ATOM 1213 H HB2  . CYS A 1 78 ? -2.644  -0.528  6.067   1.00 0.65 ? 912 CYS A HB2  1 
ATOM 1214 H HB3  . CYS A 1 78 ? -4.110  -0.501  6.017   1.00 0.73 ? 912 CYS A HB3  1 
ATOM 1215 H HG   . CYS A 1 78 ? -3.283  1.303   6.532   1.00 1.86 ? 912 CYS A HG   1 
ATOM 1216 N N    . ILE A 1 79 ? -2.829  -2.903  7.420   1.00 0.46 ? 913 ILE A N    1 
ATOM 1217 C CA   . ILE A 1 79 ? -2.906  -4.345  7.453   1.00 0.51 ? 913 ILE A CA   1 
ATOM 1218 C C    . ILE A 1 79 ? -3.124  -4.832  8.850   1.00 0.39 ? 913 ILE A C    1 
ATOM 1219 O O    . ILE A 1 79 ? -3.919  -5.699  9.073   1.00 0.50 ? 913 ILE A O    1 
ATOM 1220 C CB   . ILE A 1 79 ? -1.652  -4.934  6.898   1.00 0.69 ? 913 ILE A CB   1 
ATOM 1221 C CG1  . ILE A 1 79 ? -1.510  -5.912  6.751   1.00 1.36 ? 913 ILE A CG1  1 
ATOM 1222 C CG2  . ILE A 1 79 ? -0.668  -4.884  7.297   1.00 0.86 ? 913 ILE A CG2  1 
ATOM 1223 C CD1  . ILE A 1 79 ? -0.336  -6.520  6.098   1.00 1.47 ? 913 ILE A CD1  1 
ATOM 1224 H H    . ILE A 1 79 ? -2.136  -2.474  6.878   1.00 0.59 ? 913 ILE A H    1 
ATOM 1225 H HA   . ILE A 1 79 ? -3.726  -4.655  6.851   1.00 0.65 ? 913 ILE A HA   1 
ATOM 1226 H HB   . ILE A 1 79 ? -1.559  -4.692  6.319   1.00 1.46 ? 913 ILE A HB   1 
ATOM 1227 H HG12 . ILE A 1 79 ? -1.522  -6.148  7.318   1.00 1.60 ? 913 ILE A HG12 1 
ATOM 1228 H HG13 . ILE A 1 79 ? -2.237  -5.941  6.546   1.00 2.09 ? 913 ILE A HG13 1 
ATOM 1229 H HG21 . ILE A 1 79 ? -0.331  -4.972  7.494   1.00 1.42 ? 913 ILE A HG21 1 
ATOM 1230 H HG22 . ILE A 1 79 ? -0.650  -4.736  7.259   1.00 1.57 ? 913 ILE A HG22 1 
ATOM 1231 H HG23 . ILE A 1 79 ? -0.319  -4.908  7.423   1.00 1.43 ? 913 ILE A HG23 1 
ATOM 1232 H HD11 . ILE A 1 79 ? 0.022   -6.448  5.967   1.00 1.75 ? 913 ILE A HD11 1 
ATOM 1233 H HD12 . ILE A 1 79 ? -0.004  -6.827  6.097   1.00 1.73 ? 913 ILE A HD12 1 
ATOM 1234 H HD13 . ILE A 1 79 ? -0.187  -6.719  5.764   1.00 1.95 ? 913 ILE A HD13 1 
ATOM 1235 N N    . ARG A 1 80 ? -2.415  -4.270  9.794   1.00 0.41 ? 914 ARG A N    1 
ATOM 1236 C CA   . ARG A 1 80 ? -2.533  -4.649  11.163  1.00 0.51 ? 914 ARG A CA   1 
ATOM 1237 C C    . ARG A 1 80 ? -3.873  -4.219  11.694  1.00 0.57 ? 914 ARG A C    1 
ATOM 1238 O O    . ARG A 1 80 ? -4.427  -4.884  12.487  1.00 0.84 ? 914 ARG A O    1 
ATOM 1239 C CB   . ARG A 1 80 ? -1.433  -4.008  11.955  1.00 0.68 ? 914 ARG A CB   1 
ATOM 1240 C CG   . ARG A 1 80 ? -1.242  -4.724  13.249  1.00 0.83 ? 914 ARG A CG   1 
ATOM 1241 C CD   . ARG A 1 80 ? -1.654  -4.464  14.019  1.00 1.53 ? 914 ARG A CD   1 
ATOM 1242 N NE   . ARG A 1 80 ? -1.608  -4.535  15.107  1.00 1.64 ? 914 ARG A NE   1 
ATOM 1243 C CZ   . ARG A 1 80 ? -1.510  -4.294  15.929  1.00 2.34 ? 914 ARG A CZ   1 
ATOM 1244 N NH1  . ARG A 1 80 ? -1.452  -3.973  15.773  1.00 3.11 ? 914 ARG A NH1  1 
ATOM 1245 N NH2  . ARG A 1 80 ? -1.472  -4.376  16.907  1.00 2.76 ? 914 ARG A NH2  1 
ATOM 1246 H H    . ARG A 1 80 ? -1.774  -3.561  9.560   1.00 0.53 ? 914 ARG A H    1 
ATOM 1247 H HA   . ARG A 1 80 ? -2.443  -5.728  11.235  1.00 0.52 ? 914 ARG A HA   1 
ATOM 1248 H HB2  . ARG A 1 80 ? -0.515  -4.051  11.418  1.00 0.64 ? 914 ARG A HB2  1 
ATOM 1249 H HB3  . ARG A 1 80 ? -1.699  -2.997  12.134  1.00 0.88 ? 914 ARG A HB3  1 
ATOM 1250 H HG2  . ARG A 1 80 ? -1.410  -5.315  13.281  1.00 1.38 ? 914 ARG A HG2  1 
ATOM 1251 H HG3  . ARG A 1 80 ? -0.646  -4.829  13.590  1.00 1.05 ? 914 ARG A HG3  1 
ATOM 1252 H HD2  . ARG A 1 80 ? -1.685  -4.029  13.726  1.00 2.13 ? 914 ARG A HD2  1 
ATOM 1253 H HD3  . ARG A 1 80 ? -1.959  -4.654  14.047  1.00 2.21 ? 914 ARG A HD3  1 
ATOM 1254 H HE   . ARG A 1 80 ? -1.651  -4.776  15.232  1.00 1.78 ? 914 ARG A HE   1 
ATOM 1255 H HH11 . ARG A 1 80 ? -1.480  -3.912  15.037  1.00 3.19 ? 914 ARG A HH11 1 
ATOM 1256 H HH12 . ARG A 1 80 ? -1.379  -3.792  16.394  1.00 3.82 ? 914 ARG A HH12 1 
ATOM 1257 H HH21 . ARG A 1 80 ? -1.516  -4.618  17.025  1.00 2.79 ? 914 ARG A HH21 1 
ATOM 1258 H HH22 . ARG A 1 80 ? -1.398  -4.195  17.527  1.00 3.36 ? 914 ARG A HH22 1 
ATOM 1259 N N    . LYS A 1 81 ? -4.394  -3.104  11.254  1.00 0.49 ? 915 LYS A N    1 
ATOM 1260 C CA   . LYS A 1 81 ? -5.663  -2.594  11.686  1.00 0.59 ? 915 LYS A CA   1 
ATOM 1261 C C    . LYS A 1 81 ? -6.784  -3.310  10.958  1.00 0.61 ? 915 LYS A C    1 
ATOM 1262 O O    . LYS A 1 81 ? -7.942  -3.142  11.289  1.00 0.73 ? 915 LYS A O    1 
ATOM 1263 C CB   . LYS A 1 81 ? -5.715  -1.100  11.431  1.00 0.64 ? 915 LYS A CB   1 
ATOM 1264 C CG   . LYS A 1 81 ? -4.820  -0.377  12.422  1.00 0.67 ? 915 LYS A CG   1 
ATOM 1265 C CD   . LYS A 1 81 ? -5.513  -0.309  13.762  1.00 0.81 ? 915 LYS A CD   1 
ATOM 1266 C CE   . LYS A 1 81 ? -4.518  0.128   14.816  1.00 0.87 ? 915 LYS A CE   1 
ATOM 1267 N NZ   . LYS A 1 81 ? -4.568  1.149   15.173  1.00 1.36 ? 915 LYS A NZ   1 
ATOM 1268 H H    . LYS A 1 81 ? -3.898  -2.594  10.602  1.00 0.53 ? 915 LYS A H    1 
ATOM 1269 H HA   . LYS A 1 81 ? -5.769  -2.773  12.746  1.00 0.66 ? 915 LYS A HA   1 
ATOM 1270 H HB2  . LYS A 1 81 ? -5.374  -0.893  10.428  1.00 0.61 ? 915 LYS A HB2  1 
ATOM 1271 H HB3  . LYS A 1 81 ? -6.732  -0.756  11.544  1.00 0.75 ? 915 LYS A HB3  1 
ATOM 1272 H HG2  . LYS A 1 81 ? -3.890  -0.914  12.525  1.00 0.60 ? 915 LYS A HG2  1 
ATOM 1273 H HG3  . LYS A 1 81 ? -4.616  0.628   12.068  1.00 0.69 ? 915 LYS A HG3  1 
ATOM 1274 H HD2  . LYS A 1 81 ? -6.320  0.405   13.713  1.00 0.91 ? 915 LYS A HD2  1 
ATOM 1275 H HD3  . LYS A 1 81 ? -5.912  -1.286  14.013  1.00 0.81 ? 915 LYS A HD3  1 
ATOM 1276 H HE2  . LYS A 1 81 ? -4.537  -0.281  15.501  1.00 1.16 ? 915 LYS A HE2  1 
ATOM 1277 H HE3  . LYS A 1 81 ? -3.733  0.081   14.632  1.00 1.14 ? 915 LYS A HE3  1 
ATOM 1278 H HZ1  . LYS A 1 81 ? -4.658  1.438   14.978  1.00 1.80 ? 915 LYS A HZ1  1 
ATOM 1279 H HZ2  . LYS A 1 81 ? -4.766  1.333   15.309  1.00 1.79 ? 915 LYS A HZ2  1 
ATOM 1280 H HZ3  . LYS A 1 81 ? -4.316  1.378   15.476  1.00 1.78 ? 915 LYS A HZ3  1 
ATOM 1281 N N    . ARG A 1 82 ? -6.435  -4.110  9.963   1.00 0.54 ? 916 ARG A N    1 
ATOM 1282 C CA   . ARG A 1 82 ? -7.410  -4.844  9.193   1.00 0.59 ? 916 ARG A CA   1 
ATOM 1283 C C    . ARG A 1 82 ? -8.338  -3.876  8.486   1.00 0.67 ? 916 ARG A C    1 
ATOM 1284 O O    . ARG A 1 82 ? -9.268  -4.291  7.808   1.00 0.72 ? 916 ARG A O    1 
ATOM 1285 C CB   . ARG A 1 82 ? -8.191  -5.771  10.115  1.00 0.65 ? 916 ARG A CB   1 
ATOM 1286 C CG   . ARG A 1 82 ? -7.717  -7.136  9.994   1.00 0.65 ? 916 ARG A CG   1 
ATOM 1287 C CD   . ARG A 1 82 ? -7.631  -7.282  9.958   1.00 1.74 ? 916 ARG A CD   1 
ATOM 1288 N NE   . ARG A 1 82 ? -8.327  -7.336  10.930  1.00 2.33 ? 916 ARG A NE   1 
ATOM 1289 C CZ   . ARG A 1 82 ? -8.535  -7.794  11.403  1.00 3.22 ? 916 ARG A CZ   1 
ATOM 1290 N NH1  . ARG A 1 82 ? -8.096  -8.227  10.985  1.00 3.81 ? 916 ARG A NH1  1 
ATOM 1291 N NH2  . ARG A 1 82 ? -9.181  -7.819  12.293  1.00 3.79 ? 916 ARG A NH2  1 
ATOM 1292 H H    . ARG A 1 82 ? -5.469  -4.213  9.732   1.00 0.49 ? 916 ARG A H    1 
ATOM 1293 H HA   . ARG A 1 82 ? -6.894  -5.442  8.450   1.00 0.55 ? 916 ARG A HA   1 
ATOM 1294 H HB2  . ARG A 1 82 ? -8.084  -5.475  11.101  1.00 0.72 ? 916 ARG A HB2  1 
ATOM 1295 H HB3  . ARG A 1 82 ? -9.195  -5.750  9.874   1.00 0.89 ? 916 ARG A HB3  1 
ATOM 1296 H HG2  . ARG A 1 82 ? -7.566  -7.541  9.979   1.00 1.15 ? 916 ARG A HG2  1 
ATOM 1297 H HG3  . ARG A 1 82 ? -7.594  -7.602  9.949   1.00 1.20 ? 916 ARG A HG3  1 
ATOM 1298 H HD2  . ARG A 1 82 ? -7.463  -7.378  9.657   1.00 2.36 ? 916 ARG A HD2  1 
ATOM 1299 H HD3  . ARG A 1 82 ? -7.204  -7.252  9.491   1.00 2.14 ? 916 ARG A HD3  1 
ATOM 1300 H HE   . ARG A 1 82 ? -8.662  -7.013  11.252  1.00 2.34 ? 916 ARG A HE   1 
ATOM 1301 H HH11 . ARG A 1 82 ? -7.608  -8.208  10.315  1.00 3.56 ? 916 ARG A HH11 1 
ATOM 1302 H HH12 . ARG A 1 82 ? -8.252  -8.573  11.342  1.00 4.63 ? 916 ARG A HH12 1 
ATOM 1303 H HH21 . ARG A 1 82 ? -9.511  -7.493  12.608  1.00 3.64 ? 916 ARG A HH21 1 
ATOM 1304 H HH22 . ARG A 1 82 ? -9.336  -8.164  12.649  1.00 4.51 ? 916 ARG A HH22 1 
ATOM 1305 N N    . ARG A 1 83 ? -8.084  -2.581  8.646   1.00 0.70 ? 917 ARG A N    1 
ATOM 1306 C CA   . ARG A 1 83 ? -8.896  -1.563  8.023   1.00 0.79 ? 917 ARG A CA   1 
ATOM 1307 C C    . ARG A 1 83 ? -8.035  -0.366  7.655   1.00 0.75 ? 917 ARG A C    1 
ATOM 1308 O O    . ARG A 1 83 ? -7.350  0.169   8.458   1.00 0.97 ? 917 ARG A O    1 
ATOM 1309 C CB   . ARG A 1 83 ? -10.005 -1.155  8.975   1.00 0.90 ? 917 ARG A CB   1 
ATOM 1310 C CG   . ARG A 1 83 ? -9.593  -1.084  10.235  1.00 1.12 ? 917 ARG A CG   1 
ATOM 1311 C CD   . ARG A 1 83 ? -9.959  -1.510  10.174  1.00 2.27 ? 917 ARG A CD   1 
ATOM 1312 N NE   . ARG A 1 83 ? -10.318 -1.366  11.349  1.00 2.89 ? 917 ARG A NE   1 
ATOM 1313 C CZ   . ARG A 1 83 ? -11.100 -1.657  11.680  1.00 3.50 ? 917 ARG A CZ   1 
ATOM 1314 N NH1  . ARG A 1 83 ? -11.590 -2.100  10.920  1.00 3.71 ? 917 ARG A NH1  1 
ATOM 1315 N NH2  . ARG A 1 83 ? -11.394 -1.505  12.768  1.00 4.11 ? 917 ARG A NH2  1 
ATOM 1316 H H    . ARG A 1 83 ? -7.306  -2.293  9.214   1.00 0.67 ? 917 ARG A H    1 
ATOM 1317 H HA   . ARG A 1 83 ? -9.339  -1.968  7.119   1.00 0.83 ? 917 ARG A HA   1 
ATOM 1318 H HB2  . ARG A 1 83 ? -10.366 -0.303  8.763   1.00 1.15 ? 917 ARG A HB2  1 
ATOM 1319 H HB3  . ARG A 1 83 ? -10.731 -1.766  8.969   1.00 1.05 ? 917 ARG A HB3  1 
ATOM 1320 H HG2  . ARG A 1 83 ? -9.116  -1.091  10.609  1.00 1.34 ? 917 ARG A HG2  1 
ATOM 1321 H HG3  . ARG A 1 83 ? -9.513  -0.724  10.804  1.00 1.27 ? 917 ARG A HG3  1 
ATOM 1322 H HD2  . ARG A 1 83 ? -10.230 -1.429  9.861   1.00 2.73 ? 917 ARG A HD2  1 
ATOM 1323 H HD3  . ARG A 1 83 ? -9.683  -2.010  9.548   1.00 2.60 ? 917 ARG A HD3  1 
ATOM 1324 H HE   . ARG A 1 83 ? -9.954  -1.034  11.928  1.00 3.03 ? 917 ARG A HE   1 
ATOM 1325 H HH11 . ARG A 1 83 ? -11.369 -2.215  10.099  1.00 3.35 ? 917 ARG A HH11 1 
ATOM 1326 H HH12 . ARG A 1 83 ? -12.179 -2.319  11.169  1.00 4.36 ? 917 ARG A HH12 1 
ATOM 1327 H HH21 . ARG A 1 83 ? -11.026 -1.171  13.341  1.00 4.12 ? 917 ARG A HH21 1 
ATOM 1328 H HH22 . ARG A 1 83 ? -11.984 -1.724  13.018  1.00 4.65 ? 917 ARG A HH22 1 
ATOM 1329 N N    . LEU A 1 84 ? -8.072  0.052   6.437   1.00 0.60 ? 918 LEU A N    1 
ATOM 1330 C CA   . LEU A 1 84 ? -7.298  1.182   5.970   1.00 0.55 ? 918 LEU A CA   1 
ATOM 1331 C C    . LEU A 1 84 ? -7.328  2.291   7.006   1.00 0.60 ? 918 LEU A C    1 
ATOM 1332 O O    . LEU A 1 84 ? -8.396  2.727   7.416   1.00 0.67 ? 918 LEU A O    1 
ATOM 1333 C CB   . LEU A 1 84 ? -7.861  1.671   4.641   1.00 0.55 ? 918 LEU A CB   1 
ATOM 1334 C CG   . LEU A 1 84 ? -7.376  0.765   3.518   1.00 0.52 ? 918 LEU A CG   1 
ATOM 1335 C CD1  . LEU A 1 84 ? -6.186  -0.022  3.962   1.00 0.53 ? 918 LEU A CD1  1 
ATOM 1336 C CD2  . LEU A 1 84 ? -8.454  -0.180  3.129   1.00 0.60 ? 918 LEU A CD2  1 
ATOM 1337 H H    . LEU A 1 84 ? -8.653  -0.422  5.814   1.00 0.64 ? 918 LEU A H    1 
ATOM 1338 H HA   . LEU A 1 84 ? -6.268  0.866   5.822   1.00 0.49 ? 918 LEU A HA   1 
ATOM 1339 H HB2  . LEU A 1 84 ? -8.947  1.650   4.677   1.00 0.58 ? 918 LEU A HB2  1 
ATOM 1340 H HB3  . LEU A 1 84 ? -7.524  2.688   4.455   1.00 0.56 ? 918 LEU A HB3  1 
ATOM 1341 H HG   . LEU A 1 84 ? -7.108  1.353   2.679   1.00 0.64 ? 918 LEU A HG   1 
ATOM 1342 H HD11 . LEU A 1 84 ? -5.863  -0.185  4.020   1.00 1.25 ? 918 LEU A HD11 1 
ATOM 1343 H HD12 . LEU A 1 84 ? -5.914  -0.170  4.124   1.00 1.05 ? 918 LEU A HD12 1 
ATOM 1344 H HD13 . LEU A 1 84 ? -5.931  -0.271  4.060   1.00 1.19 ? 918 LEU A HD13 1 
ATOM 1345 H HD21 . LEU A 1 84 ? -8.819  -0.211  2.985   1.00 1.27 ? 918 LEU A HD21 1 
ATOM 1346 H HD22 . LEU A 1 84 ? -8.570  -0.501  2.888   1.00 1.15 ? 918 LEU A HD22 1 
ATOM 1347 H HD23 . LEU A 1 84 ? -8.745  -0.505  3.237   1.00 1.16 ? 918 LEU A HD23 1 
ATOM 1348 N N    . VAL A 1 85 ? -6.151  2.747   7.429   1.00 0.57 ? 919 VAL A N    1 
ATOM 1349 C CA   . VAL A 1 85 ? -6.048  3.801   8.413   1.00 0.63 ? 919 VAL A CA   1 
ATOM 1350 C C    . VAL A 1 85 ? -5.775  5.126   7.719   1.00 0.63 ? 919 VAL A C    1 
ATOM 1351 O O    . VAL A 1 85 ? -5.942  5.242   6.510   1.00 0.60 ? 919 VAL A O    1 
ATOM 1352 C CB   . VAL A 1 85 ? -4.937  3.464   9.399   1.00 0.63 ? 919 VAL A CB   1 
ATOM 1353 C CG1  . VAL A 1 85 ? -4.746  1.962   9.464   1.00 0.60 ? 919 VAL A CG1  1 
ATOM 1354 C CG2  . VAL A 1 85 ? -3.648  4.116   8.946   1.00 0.60 ? 919 VAL A CG2  1 
ATOM 1355 H H    . VAL A 1 85 ? -5.302  2.353   7.059   1.00 0.52 ? 919 VAL A H    1 
ATOM 1356 H HA   . VAL A 1 85 ? -6.990  3.873   8.952   1.00 0.69 ? 919 VAL A HA   1 
ATOM 1357 H HB   . VAL A 1 85 ? -5.201  3.833   10.382  1.00 0.72 ? 919 VAL A HB   1 
ATOM 1358 H HG11 . VAL A 1 85 ? -4.725  1.611   9.624   1.00 1.17 ? 919 VAL A HG11 1 
ATOM 1359 H HG12 . VAL A 1 85 ? -4.808  1.563   9.385   1.00 1.24 ? 919 VAL A HG12 1 
ATOM 1360 H HG13 . VAL A 1 85 ? -4.566  1.636   9.429   1.00 1.12 ? 919 VAL A HG13 1 
ATOM 1361 H HG21 . VAL A 1 85 ? -3.419  4.201   8.461   1.00 1.10 ? 919 VAL A HG21 1 
ATOM 1362 H HG22 . VAL A 1 85 ? -3.470  4.601   9.004   1.00 1.11 ? 919 VAL A HG22 1 
ATOM 1363 H HG23 . VAL A 1 85 ? -3.134  4.011   9.051   1.00 1.17 ? 919 VAL A HG23 1 
ATOM 1364 N N    . ALA A 1 86 ? -5.350  6.126   8.490   1.00 0.67 ? 920 ALA A N    1 
ATOM 1365 C CA   . ALA A 1 86 ? -5.056  7.436   7.947   1.00 0.68 ? 920 ALA A CA   1 
ATOM 1366 C C    . ALA A 1 86 ? -3.815  7.365   7.076   1.00 0.62 ? 920 ALA A C    1 
ATOM 1367 O O    . ALA A 1 86 ? -2.720  7.119   7.573   1.00 0.62 ? 920 ALA A O    1 
ATOM 1368 C CB   . ALA A 1 86 ? -4.860  8.423   9.090   1.00 0.76 ? 920 ALA A CB   1 
ATOM 1369 H H    . ALA A 1 86 ? -5.229  5.977   9.480   1.00 0.70 ? 920 ALA A H    1 
ATOM 1370 H HA   . ALA A 1 86 ? -5.897  7.763   7.338   1.00 0.69 ? 920 ALA A HA   1 
ATOM 1371 H HB1  . ALA A 1 86 ? -4.899  8.715   9.312   1.00 1.39 ? 920 ALA A HB1  1 
ATOM 1372 H HB2  . ALA A 1 86 ? -4.833  8.581   9.443   1.00 1.23 ? 920 ALA A HB2  1 
ATOM 1373 H HB3  . ALA A 1 86 ? -4.705  8.680   9.329   1.00 1.23 ? 920 ALA A HB3  1 
ATOM 1374 N N    . PRO A 1 87 ? -3.986  7.582   5.771   1.00 0.58 ? 921 PRO A N    1 
ATOM 1375 C CA   . PRO A 1 87 ? -2.923  7.556   4.795   1.00 0.53 ? 921 PRO A CA   1 
ATOM 1376 C C    . PRO A 1 87 ? -2.052  8.791   4.956   1.00 0.57 ? 921 PRO A C    1 
ATOM 1377 O O    . PRO A 1 87 ? -2.560  9.907   5.012   1.00 0.62 ? 921 PRO A O    1 
ATOM 1378 C CB   . PRO A 1 87 ? -3.632  7.561   3.444   1.00 0.49 ? 921 PRO A CB   1 
ATOM 1379 C CG   . PRO A 1 87 ? -4.916  8.329   3.738   1.00 0.55 ? 921 PRO A CG   1 
ATOM 1380 C CD   . PRO A 1 87 ? -5.260  7.875   5.153   1.00 0.59 ? 921 PRO A CD   1 
ATOM 1381 H HA   . PRO A 1 87 ? -2.315  6.659   4.902   1.00 0.49 ? 921 PRO A HA   1 
ATOM 1382 H HB2  . PRO A 1 87 ? -3.035  8.034   2.666   1.00 0.48 ? 921 PRO A HB2  1 
ATOM 1383 H HB3  . PRO A 1 87 ? -3.883  6.538   3.170   1.00 0.46 ? 921 PRO A HB3  1 
ATOM 1384 H HG2  . PRO A 1 87 ? -4.700  9.396   3.746   1.00 0.58 ? 921 PRO A HG2  1 
ATOM 1385 H HG3  . PRO A 1 87 ? -5.708  8.103   3.027   1.00 0.54 ? 921 PRO A HG3  1 
ATOM 1386 H HD2  . PRO A 1 87 ? -5.797  8.654   5.691   1.00 0.65 ? 921 PRO A HD2  1 
ATOM 1387 H HD3  . PRO A 1 87 ? -5.852  6.963   5.115   1.00 0.58 ? 921 PRO A HD3  1 
ATOM 1388 N N    . CYS A 1 88 ? -0.738  8.587   5.032   1.00 0.56 ? 922 CYS A N    1 
ATOM 1389 C CA   . CYS A 1 88 ? 0.199   9.677   5.187   1.00 0.62 ? 922 CYS A CA   1 
ATOM 1390 C C    . CYS A 1 88 ? 1.073   9.624   5.097   1.00 1.32 ? 922 CYS A C    1 
ATOM 1391 O O    . CYS A 1 88 ? 1.802   10.052  5.135   1.00 1.82 ? 922 CYS A O    1 
ATOM 1392 C CB   . CYS A 1 88 ? 0.279   10.142  5.908   1.00 1.60 ? 922 CYS A CB   1 
ATOM 1393 S SG   . CYS A 1 88 ? 0.774   11.082  6.092   1.00 2.29 ? 922 CYS A SG   1 
ATOM 1394 H H    . CYS A 1 88 ? -0.373  7.647   4.981   1.00 0.53 ? 922 CYS A H    1 
ATOM 1395 H HA   . CYS A 1 88 ? 0.210   10.208  4.842   1.00 0.97 ? 922 CYS A HA   1 
ATOM 1396 H HB2  . CYS A 1 88 ? 0.043   9.996   6.085   1.00 2.18 ? 922 CYS A HB2  1 
ATOM 1397 H HB3  . CYS A 1 88 ? 0.275   10.057  6.131   1.00 2.20 ? 922 CYS A HB3  1 
ATOM 1398 H HG   . CYS A 1 88 ? 0.965   11.061  6.046   1.00 2.82 ? 922 CYS A HG   1 
# 
